data_2F4S
# 
_entry.id   2F4S 
# 
_audit_conform.dict_name       mmcif_pdbx.dic 
_audit_conform.dict_version    5.387 
_audit_conform.dict_location   http://mmcif.pdb.org/dictionaries/ascii/mmcif_pdbx.dic 
# 
loop_
_database_2.database_id 
_database_2.database_code 
_database_2.pdbx_database_accession 
_database_2.pdbx_DOI 
PDB   2F4S         pdb_00002f4s 10.2210/pdb2f4s/pdb 
NDB   DR0027       ?            ?                   
RCSB  RCSB035452   ?            ?                   
WWPDB D_1000035452 ?            ?                   
# 
loop_
_pdbx_audit_revision_history.ordinal 
_pdbx_audit_revision_history.data_content_type 
_pdbx_audit_revision_history.major_revision 
_pdbx_audit_revision_history.minor_revision 
_pdbx_audit_revision_history.revision_date 
1 'Structure model' 1 0 2006-05-02 
2 'Structure model' 1 1 2008-05-01 
3 'Structure model' 1 2 2011-07-13 
4 'Structure model' 1 3 2017-10-18 
5 'Structure model' 2 0 2020-07-29 
6 'Structure model' 2 1 2024-02-14 
# 
loop_
_pdbx_audit_revision_details.ordinal 
_pdbx_audit_revision_details.revision_ordinal 
_pdbx_audit_revision_details.data_content_type 
_pdbx_audit_revision_details.provider 
_pdbx_audit_revision_details.type 
_pdbx_audit_revision_details.description 
_pdbx_audit_revision_details.details 
1 1 'Structure model' repository 'Initial release' ?                          ? 
2 5 'Structure model' repository Remediation       'Carbohydrate remediation' ? 
# 
loop_
_pdbx_audit_revision_group.ordinal 
_pdbx_audit_revision_group.revision_ordinal 
_pdbx_audit_revision_group.data_content_type 
_pdbx_audit_revision_group.group 
1  2 'Structure model' 'Version format compliance' 
2  3 'Structure model' 'Version format compliance' 
3  4 'Structure model' Advisory                    
4  4 'Structure model' 'Refinement description'    
5  5 'Structure model' 'Atomic model'              
6  5 'Structure model' 'Derived calculations'      
7  5 'Structure model' 'Structure summary'         
8  6 'Structure model' Advisory                    
9  6 'Structure model' 'Data collection'           
10 6 'Structure model' 'Database references'       
11 6 'Structure model' 'Structure summary'         
# 
loop_
_pdbx_audit_revision_category.ordinal 
_pdbx_audit_revision_category.revision_ordinal 
_pdbx_audit_revision_category.data_content_type 
_pdbx_audit_revision_category.category 
1  4 'Structure model' pdbx_unobs_or_zero_occ_residues 
2  4 'Structure model' software                        
3  5 'Structure model' atom_site                       
4  5 'Structure model' chem_comp                       
5  5 'Structure model' entity                          
6  5 'Structure model' pdbx_entity_nonpoly             
7  5 'Structure model' struct_site                     
8  5 'Structure model' struct_site_gen                 
9  6 'Structure model' chem_comp                       
10 6 'Structure model' chem_comp_atom                  
11 6 'Structure model' chem_comp_bond                  
12 6 'Structure model' database_2                      
13 6 'Structure model' pdbx_unobs_or_zero_occ_residues 
# 
loop_
_pdbx_audit_revision_item.ordinal 
_pdbx_audit_revision_item.revision_ordinal 
_pdbx_audit_revision_item.data_content_type 
_pdbx_audit_revision_item.item 
1  4 'Structure model' '_software.classification'            
2  4 'Structure model' '_software.contact_author'            
3  4 'Structure model' '_software.contact_author_email'      
4  4 'Structure model' '_software.date'                      
5  4 'Structure model' '_software.language'                  
6  4 'Structure model' '_software.location'                  
7  4 'Structure model' '_software.name'                      
8  4 'Structure model' '_software.type'                      
9  4 'Structure model' '_software.version'                   
10 5 'Structure model' '_atom_site.auth_atom_id'             
11 5 'Structure model' '_atom_site.label_atom_id'            
12 5 'Structure model' '_chem_comp.name'                     
13 5 'Structure model' '_chem_comp.pdbx_synonyms'            
14 5 'Structure model' '_chem_comp.type'                     
15 5 'Structure model' '_entity.pdbx_description'            
16 5 'Structure model' '_pdbx_entity_nonpoly.name'           
17 6 'Structure model' '_chem_comp.pdbx_synonyms'            
18 6 'Structure model' '_database_2.pdbx_DOI'                
19 6 'Structure model' '_database_2.pdbx_database_accession' 
# 
_pdbx_database_status.entry_id                        2F4S 
_pdbx_database_status.deposit_site                    RCSB 
_pdbx_database_status.process_site                    RCSB 
_pdbx_database_status.recvd_initial_deposition_date   2005-11-24 
_pdbx_database_status.status_code                     REL 
_pdbx_database_status.status_code_sf                  ? 
_pdbx_database_status.status_code_mr                  ? 
_pdbx_database_status.SG_entry                        ? 
_pdbx_database_status.pdb_format_compatible           Y 
_pdbx_database_status.status_code_cs                  ? 
_pdbx_database_status.methods_development_category    ? 
_pdbx_database_status.status_code_nmr_data            ? 
# 
loop_
_pdbx_database_related.db_name 
_pdbx_database_related.db_id 
_pdbx_database_related.details 
_pdbx_database_related.content_type 
PDB 2F4T . unspecified 
PDB 2F4U . unspecified 
PDB 2F4V . unspecified 
# 
loop_
_audit_author.name 
_audit_author.pdbx_ordinal 
'Murray, J.B.'  1 
'Meroueh, S.O.' 2 
'Russell, R.J.' 3 
'Lentzen, G.'   4 
'Haddad, J.'    5 
'Mobashery, S.' 6 
# 
_citation.id                        primary 
_citation.title                     'Interactions of designer antibiotics and the bacterial ribosomal aminoacyl-tRNA site' 
_citation.journal_abbrev            Chem.Biol. 
_citation.journal_volume            13 
_citation.page_first                129 
_citation.page_last                 138 
_citation.year                      2006 
_citation.journal_id_ASTM           CBOLE2 
_citation.country                   UK 
_citation.journal_id_ISSN           1074-5521 
_citation.journal_id_CSD            2050 
_citation.book_publisher            ? 
_citation.pdbx_database_id_PubMed   16492561 
_citation.pdbx_database_id_DOI      10.1016/j.chembiol.2005.11.004 
# 
loop_
_citation_author.citation_id 
_citation_author.name 
_citation_author.ordinal 
_citation_author.identifier_ORCID 
primary 'Murray, J.B.'  1 ? 
primary 'Meroueh, S.O.' 2 ? 
primary 'Russell, R.J.' 3 ? 
primary 'Lentzen, G.'   4 ? 
primary 'Haddad, J.'    5 ? 
primary 'Mobashery, S.' 6 ? 
# 
loop_
_entity.id 
_entity.type 
_entity.src_method 
_entity.pdbx_description 
_entity.formula_weight 
_entity.pdbx_number_of_molecules 
_entity.pdbx_ec 
_entity.pdbx_mutation 
_entity.pdbx_fragment 
_entity.details 
1 polymer     syn "5'-R(P*GP*CP*GP*UP*CP*AP*CP*AP*CP*CP*GP*GP*UP*GP*AP*AP*GP*UP*CP*GP*C)-3'"                             6743.077 
2  ? ? ? 
;A-site RNA'
;
2 non-polymer syn '(1R,2R,3S,4R,6S)-4,6-diamino-2,3-dihydroxycyclohexyl 2,6-diamino-2,6-dideoxy-alpha-D-glucopyranoside' 322.358  
1  ? ? ? ?             
3 water       nat water                                                                                                  18.015   
13 ? ? ? ?             
# 
_entity_poly.entity_id                      1 
_entity_poly.type                           polyribonucleotide 
_entity_poly.nstd_linkage                   no 
_entity_poly.nstd_monomer                   no 
_entity_poly.pdbx_seq_one_letter_code       GCGUCACACCGGUGAAGUCGC 
_entity_poly.pdbx_seq_one_letter_code_can   GCGUCACACCGGUGAAGUCGC 
_entity_poly.pdbx_strand_id                 A,B 
_entity_poly.pdbx_target_identifier         ? 
# 
loop_
_pdbx_entity_nonpoly.entity_id 
_pdbx_entity_nonpoly.name 
_pdbx_entity_nonpoly.comp_id 
2 '(1R,2R,3S,4R,6S)-4,6-diamino-2,3-dihydroxycyclohexyl 2,6-diamino-2,6-dideoxy-alpha-D-glucopyranoside' XXX 
3 water                                                                                                  HOH 
# 
loop_
_entity_poly_seq.entity_id 
_entity_poly_seq.num 
_entity_poly_seq.mon_id 
_entity_poly_seq.hetero 
1 1  G n 
1 2  C n 
1 3  G n 
1 4  U n 
1 5  C n 
1 6  A n 
1 7  C n 
1 8  A n 
1 9  C n 
1 10 C n 
1 11 G n 
1 12 G n 
1 13 U n 
1 14 G n 
1 15 A n 
1 16 A n 
1 17 G n 
1 18 U n 
1 19 C n 
1 20 G n 
1 21 C n 
# 
loop_
_chem_comp.id 
_chem_comp.type 
_chem_comp.mon_nstd_flag 
_chem_comp.name 
_chem_comp.pdbx_synonyms 
_chem_comp.formula 
_chem_comp.formula_weight 
A   'RNA linking' y "ADENOSINE-5'-MONOPHOSPHATE"                                                                           ? 
'C10 H14 N5 O7 P' 347.221 
C   'RNA linking' y "CYTIDINE-5'-MONOPHOSPHATE"                                                                            ? 
'C9 H14 N3 O8 P'  323.197 
G   'RNA linking' y "GUANOSINE-5'-MONOPHOSPHATE"                                                                           ? 
'C10 H14 N5 O8 P' 363.221 
HOH non-polymer   . WATER                                                                                                  ? 
'H2 O'            18.015  
U   'RNA linking' y "URIDINE-5'-MONOPHOSPHATE"                                                                             ? 
'C9 H13 N2 O9 P'  324.181 
XXX D-saccharide  . '(1R,2R,3S,4R,6S)-4,6-diamino-2,3-dihydroxycyclohexyl 2,6-diamino-2,6-dideoxy-alpha-D-glucopyranoside' 
;(2R,3S,4R,5R,6R)-6-((1R,2R,3S,4R,6S)-4,6-DIAMINO-2,3-DIHYDROXYCYCLOHEXYLOXY)-5-AMINO-2-(AMINOMETHYL)-TETRAHYDRO-2H-PYRA N-3,4-DIOL; NEOMYCIN A; NEAMINE; (1R,2R,3S,4R,6S)-4,6-diamino-2,3-dihydroxycyclohexyl 2,6-diamino-2,6-dideoxy-alpha-D-glucoside; (1R,2R,3S,4R,6S)-4,6-diamino-2,3-dihydroxycyclohexyl 2,6-diamino-2,6-dideoxy-D-glucoside; (1R,2R,3S,4R,6S)-4,6-diamino-2,3-dihydroxycyclohexyl 2,6-diamino-2,6-dideoxy-glucoside
;
'C12 H26 N4 O6'   322.358 
# 
loop_
_pdbx_poly_seq_scheme.asym_id 
_pdbx_poly_seq_scheme.entity_id 
_pdbx_poly_seq_scheme.seq_id 
_pdbx_poly_seq_scheme.mon_id 
_pdbx_poly_seq_scheme.ndb_seq_num 
_pdbx_poly_seq_scheme.pdb_seq_num 
_pdbx_poly_seq_scheme.auth_seq_num 
_pdbx_poly_seq_scheme.pdb_mon_id 
_pdbx_poly_seq_scheme.auth_mon_id 
_pdbx_poly_seq_scheme.pdb_strand_id 
_pdbx_poly_seq_scheme.pdb_ins_code 
_pdbx_poly_seq_scheme.hetero 
A 1 1  G 1  1403 1403 G G A . n 
A 1 2  C 2  1404 1404 C C A . n 
A 1 3  G 3  1405 1405 G G A . n 
A 1 4  U 4  1406 1406 U U A . n 
A 1 5  C 5  1407 1407 C C A . n 
A 1 6  A 6  1408 1408 A A A . n 
A 1 7  C 7  1409 1409 C C A . n 
A 1 8  A 8  1410 1410 A A A . n 
A 1 9  C 9  1411 1411 C C A . n 
A 1 10 C 10 1412 1412 C C A . n 
A 1 11 G 11 1488 1488 G G A . n 
A 1 12 G 12 1489 1489 G G A . n 
A 1 13 U 13 1490 1490 U U A . n 
A 1 14 G 14 1491 1491 G G A . n 
A 1 15 A 15 1492 1492 A A A . n 
A 1 16 A 16 1493 1493 A A A . n 
A 1 17 G 17 1494 1494 G G A . n 
A 1 18 U 18 1495 1495 U U A . n 
A 1 19 C 19 1496 1496 C C A . n 
A 1 20 G 20 1497 1497 G G A . n 
A 1 21 C 21 1498 1498 C C A . n 
B 1 1  G 1  1403 1403 G G B . n 
B 1 2  C 2  1404 1404 C C B . n 
B 1 3  G 3  1405 1405 G G B . n 
B 1 4  U 4  1406 1406 U U B . n 
B 1 5  C 5  1407 1407 C C B . n 
B 1 6  A 6  1408 1408 A A B . n 
B 1 7  C 7  1409 1409 C C B . n 
B 1 8  A 8  1410 1410 A A B . n 
B 1 9  C 9  1411 1411 C C B . n 
B 1 10 C 10 1412 1412 C C B . n 
B 1 11 G 11 1488 1488 G G B . n 
B 1 12 G 12 1489 1489 G G B . n 
B 1 13 U 13 1490 1490 U U B . n 
B 1 14 G 14 1491 1491 G G B . n 
B 1 15 A 15 1492 1492 A A B . n 
B 1 16 A 16 1493 1493 A A B . n 
B 1 17 G 17 1494 1494 G G B . n 
B 1 18 U 18 1495 1495 U U B . n 
B 1 19 C 19 1496 1496 C C B . n 
B 1 20 G 20 1497 1497 G G B . n 
B 1 21 C 21 1498 1498 C C B . n 
# 
loop_
_pdbx_nonpoly_scheme.asym_id 
_pdbx_nonpoly_scheme.entity_id 
_pdbx_nonpoly_scheme.mon_id 
_pdbx_nonpoly_scheme.ndb_seq_num 
_pdbx_nonpoly_scheme.pdb_seq_num 
_pdbx_nonpoly_scheme.auth_seq_num 
_pdbx_nonpoly_scheme.pdb_mon_id 
_pdbx_nonpoly_scheme.auth_mon_id 
_pdbx_nonpoly_scheme.pdb_strand_id 
_pdbx_nonpoly_scheme.pdb_ins_code 
C 2 XXX 1 501 501 XXX XXX B . 
D 3 HOH 1 1   1   HOH TIP A . 
D 3 HOH 2 7   7   HOH TIP A . 
D 3 HOH 3 8   8   HOH TIP A . 
D 3 HOH 4 9   9   HOH TIP A . 
D 3 HOH 5 11  11  HOH TIP A . 
D 3 HOH 6 12  12  HOH TIP A . 
D 3 HOH 7 13  13  HOH TIP A . 
E 3 HOH 1 2   2   HOH TIP B . 
E 3 HOH 2 3   3   HOH TIP B . 
E 3 HOH 3 4   4   HOH TIP B . 
E 3 HOH 4 5   5   HOH TIP B . 
E 3 HOH 5 6   6   HOH TIP B . 
E 3 HOH 6 10  10  HOH TIP B . 
# 
loop_
_software.name 
_software.version 
_software.date 
_software.type 
_software.contact_author 
_software.contact_author_email 
_software.classification 
_software.location 
_software.language 
_software.citation_id 
_software.pdbx_ordinal 
DENZO       .     ?               package 'Zbyszek Otwinowski' zbyszek@mix.swmed.edu    'data reduction'  
http://www.lnls.br/infra/linhasluz/denzo-hkl.htm ?          ? 1 
SCALEPACK   .     ?               package 'Zbyszek Otwinowski' zbyszek@mix.swmed.edu    'data scaling'    
http://www.lnls.br/infra/linhasluz/denzo-hkl.htm ?          ? 2 
CNS         .     ?               package 'Axel T. Brunger'    axel.brunger@yale.edu    refinement        
http://cns.csb.yale.edu/v1.1/                    Fortran_77 ? 3 
PDB_EXTRACT 1.701 'OCT. 28, 2005' package PDB                  sw-help@rcsb.rutgers.edu 'data extraction' 
http://pdb.rutgers.edu/software/                 C++        ? 4 
# 
_cell.length_a           33.055 
_cell.length_b           47.310 
_cell.length_c           85.343 
_cell.angle_alpha        90.00 
_cell.angle_beta         90.00 
_cell.angle_gamma        90.00 
_cell.entry_id           2F4S 
_cell.pdbx_unique_axis   ? 
_cell.Z_PDB              8 
_cell.length_a_esd       ? 
_cell.length_b_esd       ? 
_cell.length_c_esd       ? 
_cell.angle_alpha_esd    ? 
_cell.angle_beta_esd     ? 
_cell.angle_gamma_esd    ? 
# 
_symmetry.space_group_name_H-M             'P 21 21 21' 
_symmetry.entry_id                         2F4S 
_symmetry.pdbx_full_space_group_name_H-M   ? 
_symmetry.Int_Tables_number                19 
_symmetry.cell_setting                     ? 
_symmetry.space_group_name_Hall            ? 
# 
_exptl.entry_id          2F4S 
_exptl.crystals_number   1 
_exptl.method            'X-RAY DIFFRACTION' 
# 
_exptl_crystal.id                    1 
_exptl_crystal.density_Matthews      2.47 
_exptl_crystal.density_meas          ? 
_exptl_crystal.density_percent_sol   50.28 
_exptl_crystal.description           ? 
_exptl_crystal.F_000                 ? 
_exptl_crystal.preparation           ? 
# 
_diffrn.id                     1 
_diffrn.ambient_temp           100 
_diffrn.ambient_temp_details   ? 
_diffrn.crystal_id             1 
# 
_diffrn_detector.diffrn_id              1 
_diffrn_detector.detector               ? 
_diffrn_detector.type                   ? 
_diffrn_detector.pdbx_collection_date   2002-06-01 
_diffrn_detector.details                ? 
# 
_diffrn_radiation.diffrn_id                        1 
_diffrn_radiation.wavelength_id                    1 
_diffrn_radiation.pdbx_diffrn_protocol             'SINGLE WAVELENGTH' 
_diffrn_radiation.monochromator                    ? 
_diffrn_radiation.pdbx_monochromatic_or_laue_m_l   M 
_diffrn_radiation.pdbx_scattering_type             x-ray 
# 
_diffrn_radiation_wavelength.id           1 
_diffrn_radiation_wavelength.wavelength   0.991 
_diffrn_radiation_wavelength.wt           1.0 
# 
_diffrn_source.diffrn_id                   1 
_diffrn_source.source                      SYNCHROTRON 
_diffrn_source.type                        'ESRF BEAMLINE ID29' 
_diffrn_source.pdbx_wavelength             ? 
_diffrn_source.pdbx_wavelength_list        0.991 
_diffrn_source.pdbx_synchrotron_site       ESRF 
_diffrn_source.pdbx_synchrotron_beamline   ID29 
# 
_reflns.entry_id                     2F4S 
_reflns.d_resolution_low             30.00 
_reflns.d_resolution_high            2.80 
_reflns.number_obs                   3231 
_reflns.percent_possible_obs         89.700 
_reflns.pdbx_Rmerge_I_obs            0.079 
_reflns.pdbx_chi_squared             0.784 
_reflns.pdbx_redundancy              4.700 
_reflns.pdbx_scaling_rejects         ? 
_reflns.pdbx_netI_over_sigmaI        8.1 
_reflns.pdbx_Rsym_value              ? 
_reflns.observed_criterion_sigma_F   0 
_reflns.observed_criterion_sigma_I   0 
_reflns.number_all                   3231 
_reflns.B_iso_Wilson_estimate        ? 
_reflns.R_free_details               ? 
_reflns.pdbx_diffrn_id               1 
_reflns.pdbx_ordinal                 1 
# 
loop_
_reflns_shell.d_res_low 
_reflns_shell.d_res_high 
_reflns_shell.number_unique_all 
_reflns_shell.percent_possible_all 
_reflns_shell.Rmerge_I_obs 
_reflns_shell.pdbx_chi_squared 
_reflns_shell.pdbx_redundancy 
_reflns_shell.number_unique_obs 
_reflns_shell.meanI_over_sigI_obs 
_reflns_shell.pdbx_Rsym_value 
_reflns_shell.percent_possible_obs 
_reflns_shell.number_measured_all 
_reflns_shell.number_measured_obs 
_reflns_shell.pdbx_diffrn_id 
_reflns_shell.pdbx_ordinal 
2.90  2.80 297 85.800 0.327 0.805 4.500 ? 2.3 ? ? ? ? ? 1  
3.02  2.90 316 90.500 0.232 0.635 4.600 ? ?   ? ? ? ? ? 2  
3.15  3.02 316 90.800 0.147 0.525 4.800 ? ?   ? ? ? ? ? 3  
3.32  3.15 315 90.000 0.105 0.448 5.000 ? ?   ? ? ? ? ? 4  
3.53  3.32 315 91.600 0.104 0.589 4.800 ? ?   ? ? ? ? ? 5  
3.80  3.53 326 91.300 0.084 0.788 4.900 ? ?   ? ? ? ? ? 6  
4.18  3.80 339 93.900 0.08  0.853 4.900 ? ?   ? ? ? ? ? 7  
4.78  4.18 349 94.600 0.067 0.891 4.900 ? ?   ? ? ? ? ? 8  
6.02  4.78 352 95.900 0.061 1.059 4.800 ? ?   ? ? ? ? ? 9  
30.00 6.02 306 74.600 0.057 1.312 4.100 ? ?   ? ? ? ? ? 10 
# 
_refine.ls_d_res_high                            2.800 
_refine.ls_d_res_low                             20.000 
_refine.pdbx_ls_sigma_F                          0.00 
_refine.ls_percent_reflns_obs                    90.100 
_refine.ls_number_reflns_obs                     3221 
_refine.ls_R_factor_R_work                       0.225 
_refine.ls_R_factor_R_free                       0.249 
_refine.ls_percent_reflns_R_free                 8.500 
_refine.ls_number_reflns_R_free                  305 
_refine.B_iso_mean                               59.886 
_refine.solvent_model_param_bsol                 39.523 
_refine.aniso_B[1][1]                            4.101 
_refine.aniso_B[2][2]                            12.914 
_refine.aniso_B[3][3]                            -17.015 
_refine.aniso_B[1][2]                            0.000 
_refine.aniso_B[1][3]                            0.000 
_refine.aniso_B[2][3]                            0.000 
_refine.entry_id                                 2F4S 
_refine.pdbx_ls_sigma_I                          ? 
_refine.ls_number_reflns_all                     3221 
_refine.ls_R_factor_all                          0.225 
_refine.ls_R_factor_obs                          0.249 
_refine.ls_redundancy_reflns_obs                 ? 
_refine.pdbx_data_cutoff_high_absF               ? 
_refine.pdbx_data_cutoff_low_absF                ? 
_refine.ls_number_parameters                     ? 
_refine.ls_number_restraints                     ? 
_refine.ls_R_factor_R_free_error                 ? 
_refine.ls_R_factor_R_free_error_details         ? 
_refine.pdbx_method_to_determine_struct          'MOLECULAR REPLACEMENT' 
_refine.pdbx_starting_model                      ? 
_refine.pdbx_ls_cross_valid_method               ? 
_refine.pdbx_R_Free_selection_details            Random 
_refine.pdbx_stereochem_target_val_spec_case     ? 
_refine.pdbx_stereochemistry_target_values       'Engh & Huber' 
_refine.solvent_model_details                    ? 
_refine.solvent_model_param_ksol                 ? 
_refine.occupancy_max                            ? 
_refine.occupancy_min                            ? 
_refine.pdbx_isotropic_thermal_model             ? 
_refine.details                                  ? 
_refine.correlation_coeff_Fo_to_Fc               ? 
_refine.correlation_coeff_Fo_to_Fc_free          ? 
_refine.pdbx_solvent_vdw_probe_radii             ? 
_refine.pdbx_solvent_ion_probe_radii             ? 
_refine.pdbx_solvent_shrinkage_radii             ? 
_refine.overall_SU_R_Cruickshank_DPI             ? 
_refine.overall_SU_R_free                        ? 
_refine.overall_SU_ML                            ? 
_refine.overall_SU_B                             ? 
_refine.pdbx_overall_ESU_R_Free                  ? 
_refine.pdbx_data_cutoff_high_rms_absF           ? 
_refine.pdbx_overall_ESU_R                       ? 
_refine.ls_wR_factor_R_free                      ? 
_refine.ls_wR_factor_R_work                      ? 
_refine.overall_FOM_free_R_set                   ? 
_refine.overall_FOM_work_R_set                   ? 
_refine.pdbx_refine_id                           'X-RAY DIFFRACTION' 
_refine.pdbx_diffrn_id                           1 
_refine.pdbx_TLS_residual_ADP_flag               ? 
_refine.pdbx_overall_phase_error                 ? 
_refine.pdbx_overall_SU_R_free_Cruickshank_DPI   ? 
_refine.pdbx_overall_SU_R_Blow_DPI               ? 
_refine.pdbx_overall_SU_R_free_Blow_DPI          ? 
# 
_refine_hist.pdbx_refine_id                   'X-RAY DIFFRACTION' 
_refine_hist.cycle_id                         LAST 
_refine_hist.pdbx_number_atoms_protein        0 
_refine_hist.pdbx_number_atoms_nucleic_acid   900 
_refine_hist.pdbx_number_atoms_ligand         22 
_refine_hist.number_atoms_solvent             13 
_refine_hist.number_atoms_total               935 
_refine_hist.d_res_high                       2.800 
_refine_hist.d_res_low                        20.000 
# 
loop_
_pdbx_xplor_file.serial_no 
_pdbx_xplor_file.param_file 
_pdbx_xplor_file.topol_file 
_pdbx_xplor_file.pdbx_refine_id 
1 nea.par                      nea.top                'X-RAY DIFFRACTION' 
2 CNS_TOPPAR:dna-rna_rep.param CNS_TOPPAR:dna-rna.top 'X-RAY DIFFRACTION' 
3 CNS_TOPPAR:water_rep.param   CNS_TOPPAR:water.top   'X-RAY DIFFRACTION' 
4 CNS_TOPPAR:ion.param         CNS_TOPPAR:ion.top     'X-RAY DIFFRACTION' 
# 
_struct.entry_id                  2F4S 
_struct.title                     'A-site RNA in complex with neamine' 
_struct.pdbx_model_details        ? 
_struct.pdbx_CASP_flag            ? 
_struct.pdbx_model_type_details   ? 
# 
_struct_keywords.entry_id        2F4S 
_struct_keywords.pdbx_keywords   RNA 
_struct_keywords.text            'A-site RNA, neamine, RNA' 
# 
loop_
_struct_asym.id 
_struct_asym.pdbx_blank_PDB_chainid_flag 
_struct_asym.pdbx_modified 
_struct_asym.entity_id 
_struct_asym.details 
A N N 1 ? 
B N N 1 ? 
C N N 2 ? 
D N N 3 ? 
E N N 3 ? 
# 
_struct_ref.id                         1 
_struct_ref.entity_id                  1 
_struct_ref.db_name                    PDB 
_struct_ref.db_code                    2F4S 
_struct_ref.pdbx_db_accession          2F4S 
_struct_ref.pdbx_db_isoform            ? 
_struct_ref.pdbx_seq_one_letter_code   ? 
_struct_ref.pdbx_align_begin           ? 
# 
loop_
_struct_ref_seq.align_id 
_struct_ref_seq.ref_id 
_struct_ref_seq.pdbx_PDB_id_code 
_struct_ref_seq.pdbx_strand_id 
_struct_ref_seq.seq_align_beg 
_struct_ref_seq.pdbx_seq_align_beg_ins_code 
_struct_ref_seq.seq_align_end 
_struct_ref_seq.pdbx_seq_align_end_ins_code 
_struct_ref_seq.pdbx_db_accession 
_struct_ref_seq.db_align_beg 
_struct_ref_seq.pdbx_db_align_beg_ins_code 
_struct_ref_seq.db_align_end 
_struct_ref_seq.pdbx_db_align_end_ins_code 
_struct_ref_seq.pdbx_auth_seq_align_beg 
_struct_ref_seq.pdbx_auth_seq_align_end 
1 1 2F4S A 1 ? 21 ? 2F4S 1403 ? 1498 ? 1403 1498 
2 1 2F4S B 1 ? 21 ? 2F4S 1403 ? 1498 ? 1403 1498 
# 
_pdbx_struct_assembly.id                   1 
_pdbx_struct_assembly.details              author_defined_assembly 
_pdbx_struct_assembly.method_details       ? 
_pdbx_struct_assembly.oligomeric_details   dimeric 
_pdbx_struct_assembly.oligomeric_count     2 
# 
_pdbx_struct_assembly_gen.assembly_id       1 
_pdbx_struct_assembly_gen.oper_expression   1 
_pdbx_struct_assembly_gen.asym_id_list      A,B,C,D,E 
# 
_pdbx_struct_oper_list.id                   1 
_pdbx_struct_oper_list.type                 'identity operation' 
_pdbx_struct_oper_list.name                 1_555 
_pdbx_struct_oper_list.symmetry_operation   x,y,z 
_pdbx_struct_oper_list.matrix[1][1]         1.0000000000 
_pdbx_struct_oper_list.matrix[1][2]         0.0000000000 
_pdbx_struct_oper_list.matrix[1][3]         0.0000000000 
_pdbx_struct_oper_list.vector[1]            0.0000000000 
_pdbx_struct_oper_list.matrix[2][1]         0.0000000000 
_pdbx_struct_oper_list.matrix[2][2]         1.0000000000 
_pdbx_struct_oper_list.matrix[2][3]         0.0000000000 
_pdbx_struct_oper_list.vector[2]            0.0000000000 
_pdbx_struct_oper_list.matrix[3][1]         0.0000000000 
_pdbx_struct_oper_list.matrix[3][2]         0.0000000000 
_pdbx_struct_oper_list.matrix[3][3]         1.0000000000 
_pdbx_struct_oper_list.vector[3]            0.0000000000 
# 
loop_
_struct_conn.id 
_struct_conn.conn_type_id 
_struct_conn.pdbx_leaving_atom_flag 
_struct_conn.pdbx_PDB_id 
_struct_conn.ptnr1_label_asym_id 
_struct_conn.ptnr1_label_comp_id 
_struct_conn.ptnr1_label_seq_id 
_struct_conn.ptnr1_label_atom_id 
_struct_conn.pdbx_ptnr1_label_alt_id 
_struct_conn.pdbx_ptnr1_PDB_ins_code 
_struct_conn.pdbx_ptnr1_standard_comp_id 
_struct_conn.ptnr1_symmetry 
_struct_conn.ptnr2_label_asym_id 
_struct_conn.ptnr2_label_comp_id 
_struct_conn.ptnr2_label_seq_id 
_struct_conn.ptnr2_label_atom_id 
_struct_conn.pdbx_ptnr2_label_alt_id 
_struct_conn.pdbx_ptnr2_PDB_ins_code 
_struct_conn.ptnr1_auth_asym_id 
_struct_conn.ptnr1_auth_comp_id 
_struct_conn.ptnr1_auth_seq_id 
_struct_conn.ptnr2_auth_asym_id 
_struct_conn.ptnr2_auth_comp_id 
_struct_conn.ptnr2_auth_seq_id 
_struct_conn.ptnr2_symmetry 
_struct_conn.pdbx_ptnr3_label_atom_id 
_struct_conn.pdbx_ptnr3_label_seq_id 
_struct_conn.pdbx_ptnr3_label_comp_id 
_struct_conn.pdbx_ptnr3_label_asym_id 
_struct_conn.pdbx_ptnr3_label_alt_id 
_struct_conn.pdbx_ptnr3_PDB_ins_code 
_struct_conn.details 
_struct_conn.pdbx_dist_value 
_struct_conn.pdbx_value_order 
_struct_conn.pdbx_role 
hydrog1  hydrog ? ? A G 1  N1 ? ? ? 1_555 B C 21 N3 ? ? A G 1403 B C 1498 1_555 ? ? ? ? ? ? WATSON-CRICK  ? ? ? 
hydrog2  hydrog ? ? A G 1  N2 ? ? ? 1_555 B C 21 O2 ? ? A G 1403 B C 1498 1_555 ? ? ? ? ? ? WATSON-CRICK  ? ? ? 
hydrog3  hydrog ? ? A G 1  O6 ? ? ? 1_555 B C 21 N4 ? ? A G 1403 B C 1498 1_555 ? ? ? ? ? ? WATSON-CRICK  ? ? ? 
hydrog4  hydrog ? ? A C 2  N3 ? ? ? 1_555 B G 20 N1 ? ? A C 1404 B G 1497 1_555 ? ? ? ? ? ? WATSON-CRICK  ? ? ? 
hydrog5  hydrog ? ? A C 2  N4 ? ? ? 1_555 B G 20 O6 ? ? A C 1404 B G 1497 1_555 ? ? ? ? ? ? WATSON-CRICK  ? ? ? 
hydrog6  hydrog ? ? A C 2  O2 ? ? ? 1_555 B G 20 N2 ? ? A C 1404 B G 1497 1_555 ? ? ? ? ? ? WATSON-CRICK  ? ? ? 
hydrog7  hydrog ? ? A G 3  N1 ? ? ? 1_555 B C 19 N3 ? ? A G 1405 B C 1496 1_555 ? ? ? ? ? ? WATSON-CRICK  ? ? ? 
hydrog8  hydrog ? ? A G 3  N2 ? ? ? 1_555 B C 19 O2 ? ? A G 1405 B C 1496 1_555 ? ? ? ? ? ? WATSON-CRICK  ? ? ? 
hydrog9  hydrog ? ? A G 3  O6 ? ? ? 1_555 B C 19 N4 ? ? A G 1405 B C 1496 1_555 ? ? ? ? ? ? WATSON-CRICK  ? ? ? 
hydrog10 hydrog ? ? A C 5  N3 ? ? ? 1_555 B G 17 N1 ? ? A C 1407 B G 1494 1_555 ? ? ? ? ? ? WATSON-CRICK  ? ? ? 
hydrog11 hydrog ? ? A C 5  N4 ? ? ? 1_555 B G 17 O6 ? ? A C 1407 B G 1494 1_555 ? ? ? ? ? ? WATSON-CRICK  ? ? ? 
hydrog12 hydrog ? ? A C 5  O2 ? ? ? 1_555 B G 17 N2 ? ? A C 1407 B G 1494 1_555 ? ? ? ? ? ? WATSON-CRICK  ? ? ? 
hydrog13 hydrog ? ? A C 7  N3 ? ? ? 1_555 B G 14 N1 ? ? A C 1409 B G 1491 1_555 ? ? ? ? ? ? WATSON-CRICK  ? ? ? 
hydrog14 hydrog ? ? A C 7  N4 ? ? ? 1_555 B G 14 O6 ? ? A C 1409 B G 1491 1_555 ? ? ? ? ? ? WATSON-CRICK  ? ? ? 
hydrog15 hydrog ? ? A C 7  O2 ? ? ? 1_555 B G 14 N2 ? ? A C 1409 B G 1491 1_555 ? ? ? ? ? ? WATSON-CRICK  ? ? ? 
hydrog16 hydrog ? ? A A 8  N1 ? ? ? 1_555 B U 13 N3 ? ? A A 1410 B U 1490 1_555 ? ? ? ? ? ? WATSON-CRICK  ? ? ? 
hydrog17 hydrog ? ? A A 8  N6 ? ? ? 1_555 B U 13 O4 ? ? A A 1410 B U 1490 1_555 ? ? ? ? ? ? WATSON-CRICK  ? ? ? 
hydrog18 hydrog ? ? A C 9  N3 ? ? ? 1_555 B G 12 N1 ? ? A C 1411 B G 1489 1_555 ? ? ? ? ? ? WATSON-CRICK  ? ? ? 
hydrog19 hydrog ? ? A C 9  N4 ? ? ? 1_555 B G 12 O6 ? ? A C 1411 B G 1489 1_555 ? ? ? ? ? ? WATSON-CRICK  ? ? ? 
hydrog20 hydrog ? ? A C 9  O2 ? ? ? 1_555 B G 12 N2 ? ? A C 1411 B G 1489 1_555 ? ? ? ? ? ? WATSON-CRICK  ? ? ? 
hydrog21 hydrog ? ? A C 10 N3 ? ? ? 1_555 B G 11 N1 ? ? A C 1412 B G 1488 1_555 ? ? ? ? ? ? WATSON-CRICK  ? ? ? 
hydrog22 hydrog ? ? A C 10 N4 ? ? ? 1_555 B G 11 O6 ? ? A C 1412 B G 1488 1_555 ? ? ? ? ? ? WATSON-CRICK  ? ? ? 
hydrog23 hydrog ? ? A C 10 O2 ? ? ? 1_555 B G 11 N2 ? ? A C 1412 B G 1488 1_555 ? ? ? ? ? ? WATSON-CRICK  ? ? ? 
hydrog24 hydrog ? ? A G 11 N1 ? ? ? 1_555 B C 10 N3 ? ? A G 1488 B C 1412 1_555 ? ? ? ? ? ? WATSON-CRICK  ? ? ? 
hydrog25 hydrog ? ? A G 11 N2 ? ? ? 1_555 B C 10 O2 ? ? A G 1488 B C 1412 1_555 ? ? ? ? ? ? WATSON-CRICK  ? ? ? 
hydrog26 hydrog ? ? A G 11 O6 ? ? ? 1_555 B C 10 N4 ? ? A G 1488 B C 1412 1_555 ? ? ? ? ? ? WATSON-CRICK  ? ? ? 
hydrog27 hydrog ? ? A G 12 N1 ? ? ? 1_555 B C 9  N3 ? ? A G 1489 B C 1411 1_555 ? ? ? ? ? ? WATSON-CRICK  ? ? ? 
hydrog28 hydrog ? ? A G 12 N2 ? ? ? 1_555 B C 9  O2 ? ? A G 1489 B C 1411 1_555 ? ? ? ? ? ? WATSON-CRICK  ? ? ? 
hydrog29 hydrog ? ? A G 12 O6 ? ? ? 1_555 B C 9  N4 ? ? A G 1489 B C 1411 1_555 ? ? ? ? ? ? WATSON-CRICK  ? ? ? 
hydrog30 hydrog ? ? A U 13 N3 ? ? ? 1_555 B A 8  N1 ? ? A U 1490 B A 1410 1_555 ? ? ? ? ? ? WATSON-CRICK  ? ? ? 
hydrog31 hydrog ? ? A U 13 O4 ? ? ? 1_555 B A 8  N6 ? ? A U 1490 B A 1410 1_555 ? ? ? ? ? ? WATSON-CRICK  ? ? ? 
hydrog32 hydrog ? ? A G 14 O6 ? ? ? 1_555 B A 6  N6 ? ? A G 1491 B A 1408 1_555 ? ? ? ? ? ? 'G-A MISPAIR' ? ? ? 
hydrog33 hydrog ? ? A G 14 N1 ? ? ? 1_555 B C 7  N3 ? ? A G 1491 B C 1409 1_555 ? ? ? ? ? ? WATSON-CRICK  ? ? ? 
hydrog34 hydrog ? ? A G 14 N2 ? ? ? 1_555 B C 7  O2 ? ? A G 1491 B C 1409 1_555 ? ? ? ? ? ? WATSON-CRICK  ? ? ? 
hydrog35 hydrog ? ? A G 14 O6 ? ? ? 1_555 B C 7  N4 ? ? A G 1491 B C 1409 1_555 ? ? ? ? ? ? WATSON-CRICK  ? ? ? 
hydrog36 hydrog ? ? A G 17 N1 ? ? ? 1_555 B C 5  N3 ? ? A G 1494 B C 1407 1_555 ? ? ? ? ? ? WATSON-CRICK  ? ? ? 
hydrog37 hydrog ? ? A G 17 N2 ? ? ? 1_555 B C 5  O2 ? ? A G 1494 B C 1407 1_555 ? ? ? ? ? ? WATSON-CRICK  ? ? ? 
hydrog38 hydrog ? ? A G 17 O6 ? ? ? 1_555 B C 5  N4 ? ? A G 1494 B C 1407 1_555 ? ? ? ? ? ? WATSON-CRICK  ? ? ? 
hydrog39 hydrog ? ? A U 18 O4 ? ? ? 1_555 B U 4  N3 ? ? A U 1495 B U 1406 1_555 ? ? ? ? ? ? 'U-U MISPAIR' ? ? ? 
hydrog40 hydrog ? ? A C 19 N3 ? ? ? 1_555 B G 3  N1 ? ? A C 1496 B G 1405 1_555 ? ? ? ? ? ? WATSON-CRICK  ? ? ? 
hydrog41 hydrog ? ? A C 19 N4 ? ? ? 1_555 B G 3  O6 ? ? A C 1496 B G 1405 1_555 ? ? ? ? ? ? WATSON-CRICK  ? ? ? 
hydrog42 hydrog ? ? A C 19 O2 ? ? ? 1_555 B G 3  N2 ? ? A C 1496 B G 1405 1_555 ? ? ? ? ? ? WATSON-CRICK  ? ? ? 
hydrog43 hydrog ? ? A G 20 N1 ? ? ? 1_555 B C 2  N3 ? ? A G 1497 B C 1404 1_555 ? ? ? ? ? ? WATSON-CRICK  ? ? ? 
hydrog44 hydrog ? ? A G 20 N2 ? ? ? 1_555 B C 2  O2 ? ? A G 1497 B C 1404 1_555 ? ? ? ? ? ? WATSON-CRICK  ? ? ? 
hydrog45 hydrog ? ? A G 20 O6 ? ? ? 1_555 B C 2  N4 ? ? A G 1497 B C 1404 1_555 ? ? ? ? ? ? WATSON-CRICK  ? ? ? 
hydrog46 hydrog ? ? A C 21 N3 ? ? ? 1_555 B G 1  N1 ? ? A C 1498 B G 1403 1_555 ? ? ? ? ? ? WATSON-CRICK  ? ? ? 
hydrog47 hydrog ? ? A C 21 N4 ? ? ? 1_555 B G 1  O6 ? ? A C 1498 B G 1403 1_555 ? ? ? ? ? ? WATSON-CRICK  ? ? ? 
hydrog48 hydrog ? ? A C 21 O2 ? ? ? 1_555 B G 1  N2 ? ? A C 1498 B G 1403 1_555 ? ? ? ? ? ? WATSON-CRICK  ? ? ? 
# 
_struct_conn_type.id          hydrog 
_struct_conn_type.criteria    ? 
_struct_conn_type.reference   ? 
# 
_struct_site.id                   1 
_struct_site.pdbx_evidence_code   ? 
_struct_site.pdbx_auth_asym_id    ? 
_struct_site.pdbx_auth_comp_id    ? 
_struct_site.pdbx_auth_seq_id     ? 
_struct_site.pdbx_auth_ins_code   ? 
_struct_site.pdbx_num_residues    ? 
_struct_site.details              ? 
# 
loop_
_pdbx_validate_rmsd_bond.id 
_pdbx_validate_rmsd_bond.PDB_model_num 
_pdbx_validate_rmsd_bond.auth_atom_id_1 
_pdbx_validate_rmsd_bond.auth_asym_id_1 
_pdbx_validate_rmsd_bond.auth_comp_id_1 
_pdbx_validate_rmsd_bond.auth_seq_id_1 
_pdbx_validate_rmsd_bond.PDB_ins_code_1 
_pdbx_validate_rmsd_bond.label_alt_id_1 
_pdbx_validate_rmsd_bond.auth_atom_id_2 
_pdbx_validate_rmsd_bond.auth_asym_id_2 
_pdbx_validate_rmsd_bond.auth_comp_id_2 
_pdbx_validate_rmsd_bond.auth_seq_id_2 
_pdbx_validate_rmsd_bond.PDB_ins_code_2 
_pdbx_validate_rmsd_bond.label_alt_id_2 
_pdbx_validate_rmsd_bond.bond_value 
_pdbx_validate_rmsd_bond.bond_target_value 
_pdbx_validate_rmsd_bond.bond_deviation 
_pdbx_validate_rmsd_bond.bond_standard_deviation 
_pdbx_validate_rmsd_bond.linker_flag 
1 1 P A G 1403 ? ? OP3 A G 1403 ? ? 1.522 1.607 -0.085 0.012 N 
2 1 P B G 1403 ? ? OP3 B G 1403 ? ? 1.519 1.607 -0.088 0.012 N 
# 
_struct_site_keywords.site_id   1 
_struct_site_keywords.text      intercalation 
# 
loop_
_pdbx_unobs_or_zero_occ_residues.id 
_pdbx_unobs_or_zero_occ_residues.PDB_model_num 
_pdbx_unobs_or_zero_occ_residues.polymer_flag 
_pdbx_unobs_or_zero_occ_residues.occupancy_flag 
_pdbx_unobs_or_zero_occ_residues.auth_asym_id 
_pdbx_unobs_or_zero_occ_residues.auth_comp_id 
_pdbx_unobs_or_zero_occ_residues.auth_seq_id 
_pdbx_unobs_or_zero_occ_residues.PDB_ins_code 
_pdbx_unobs_or_zero_occ_residues.label_asym_id 
_pdbx_unobs_or_zero_occ_residues.label_comp_id 
_pdbx_unobs_or_zero_occ_residues.label_seq_id 
1 1 N 0 A HOH 8  ? D HOH ? 
2 1 N 0 B HOH 10 ? E HOH ? 
# 
loop_
_chem_comp_atom.comp_id 
_chem_comp_atom.atom_id 
_chem_comp_atom.type_symbol 
_chem_comp_atom.pdbx_aromatic_flag 
_chem_comp_atom.pdbx_stereo_config 
_chem_comp_atom.pdbx_ordinal 
A   OP3    O N N 1   
A   P      P N N 2   
A   OP1    O N N 3   
A   OP2    O N N 4   
A   "O5'"  O N N 5   
A   "C5'"  C N N 6   
A   "C4'"  C N R 7   
A   "O4'"  O N N 8   
A   "C3'"  C N S 9   
A   "O3'"  O N N 10  
A   "C2'"  C N R 11  
A   "O2'"  O N N 12  
A   "C1'"  C N R 13  
A   N9     N Y N 14  
A   C8     C Y N 15  
A   N7     N Y N 16  
A   C5     C Y N 17  
A   C6     C Y N 18  
A   N6     N N N 19  
A   N1     N Y N 20  
A   C2     C Y N 21  
A   N3     N Y N 22  
A   C4     C Y N 23  
A   HOP3   H N N 24  
A   HOP2   H N N 25  
A   "H5'"  H N N 26  
A   "H5''" H N N 27  
A   "H4'"  H N N 28  
A   "H3'"  H N N 29  
A   "HO3'" H N N 30  
A   "H2'"  H N N 31  
A   "HO2'" H N N 32  
A   "H1'"  H N N 33  
A   H8     H N N 34  
A   H61    H N N 35  
A   H62    H N N 36  
A   H2     H N N 37  
C   OP3    O N N 38  
C   P      P N N 39  
C   OP1    O N N 40  
C   OP2    O N N 41  
C   "O5'"  O N N 42  
C   "C5'"  C N N 43  
C   "C4'"  C N R 44  
C   "O4'"  O N N 45  
C   "C3'"  C N S 46  
C   "O3'"  O N N 47  
C   "C2'"  C N R 48  
C   "O2'"  O N N 49  
C   "C1'"  C N R 50  
C   N1     N N N 51  
C   C2     C N N 52  
C   O2     O N N 53  
C   N3     N N N 54  
C   C4     C N N 55  
C   N4     N N N 56  
C   C5     C N N 57  
C   C6     C N N 58  
C   HOP3   H N N 59  
C   HOP2   H N N 60  
C   "H5'"  H N N 61  
C   "H5''" H N N 62  
C   "H4'"  H N N 63  
C   "H3'"  H N N 64  
C   "HO3'" H N N 65  
C   "H2'"  H N N 66  
C   "HO2'" H N N 67  
C   "H1'"  H N N 68  
C   H41    H N N 69  
C   H42    H N N 70  
C   H5     H N N 71  
C   H6     H N N 72  
G   OP3    O N N 73  
G   P      P N N 74  
G   OP1    O N N 75  
G   OP2    O N N 76  
G   "O5'"  O N N 77  
G   "C5'"  C N N 78  
G   "C4'"  C N R 79  
G   "O4'"  O N N 80  
G   "C3'"  C N S 81  
G   "O3'"  O N N 82  
G   "C2'"  C N R 83  
G   "O2'"  O N N 84  
G   "C1'"  C N R 85  
G   N9     N Y N 86  
G   C8     C Y N 87  
G   N7     N Y N 88  
G   C5     C Y N 89  
G   C6     C N N 90  
G   O6     O N N 91  
G   N1     N N N 92  
G   C2     C N N 93  
G   N2     N N N 94  
G   N3     N N N 95  
G   C4     C Y N 96  
G   HOP3   H N N 97  
G   HOP2   H N N 98  
G   "H5'"  H N N 99  
G   "H5''" H N N 100 
G   "H4'"  H N N 101 
G   "H3'"  H N N 102 
G   "HO3'" H N N 103 
G   "H2'"  H N N 104 
G   "HO2'" H N N 105 
G   "H1'"  H N N 106 
G   H8     H N N 107 
G   H1     H N N 108 
G   H21    H N N 109 
G   H22    H N N 110 
HOH O      O N N 111 
HOH H1     H N N 112 
HOH H2     H N N 113 
U   OP3    O N N 114 
U   P      P N N 115 
U   OP1    O N N 116 
U   OP2    O N N 117 
U   "O5'"  O N N 118 
U   "C5'"  C N N 119 
U   "C4'"  C N R 120 
U   "O4'"  O N N 121 
U   "C3'"  C N S 122 
U   "O3'"  O N N 123 
U   "C2'"  C N R 124 
U   "O2'"  O N N 125 
U   "C1'"  C N R 126 
U   N1     N N N 127 
U   C2     C N N 128 
U   O2     O N N 129 
U   N3     N N N 130 
U   C4     C N N 131 
U   O4     O N N 132 
U   C5     C N N 133 
U   C6     C N N 134 
U   HOP3   H N N 135 
U   HOP2   H N N 136 
U   "H5'"  H N N 137 
U   "H5''" H N N 138 
U   "H4'"  H N N 139 
U   "H3'"  H N N 140 
U   "HO3'" H N N 141 
U   "H2'"  H N N 142 
U   "HO2'" H N N 143 
U   "H1'"  H N N 144 
U   H3     H N N 145 
U   H5     H N N 146 
U   H6     H N N 147 
XXX O3A    O N N 148 
XXX C4A    C N R 149 
XXX C5A    C N S 150 
XXX O4A    O N N 151 
XXX C6A    C N R 152 
XXX N1     N N N 153 
XXX C7     C N N 154 
XXX C8     C N S 155 
XXX N2     N N N 156 
XXX C9     C N R 157 
XXX O1     O N N 158 
XXX C1     C N R 159 
XXX O5     O N N 160 
XXX C5     C N R 161 
XXX C6     C N N 162 
XXX N3     N N N 163 
XXX C4     C N S 164 
XXX O4     O N N 165 
XXX C3     C N R 166 
XXX O3     O N N 167 
XXX C2     C N R 168 
XXX N4     N N N 169 
XXX HO3A   H N N 170 
XXX H4A    H N N 171 
XXX H5A    H N N 172 
XXX HO4A   H N N 173 
XXX H6     H N N 174 
XXX HN11   H N N 175 
XXX HN12   H N N 176 
XXX H71    H N N 177 
XXX H72    H N N 178 
XXX H8     H N N 179 
XXX HN21   H N N 180 
XXX HN22   H N N 181 
XXX H9     H N N 182 
XXX H1     H N N 183 
XXX H5     H N N 184 
XXX H61    H N N 185 
XXX H62    H N N 186 
XXX HN31   H N N 187 
XXX HN32   H N N 188 
XXX H4     H N N 189 
XXX HO4    H N N 190 
XXX H3     H N N 191 
XXX HO3    H N N 192 
XXX H2     H N N 193 
XXX HN41   H N N 194 
XXX HN42   H N N 195 
# 
loop_
_chem_comp_bond.comp_id 
_chem_comp_bond.atom_id_1 
_chem_comp_bond.atom_id_2 
_chem_comp_bond.value_order 
_chem_comp_bond.pdbx_aromatic_flag 
_chem_comp_bond.pdbx_stereo_config 
_chem_comp_bond.pdbx_ordinal 
A   OP3   P      sing N N 1   
A   OP3   HOP3   sing N N 2   
A   P     OP1    doub N N 3   
A   P     OP2    sing N N 4   
A   P     "O5'"  sing N N 5   
A   OP2   HOP2   sing N N 6   
A   "O5'" "C5'"  sing N N 7   
A   "C5'" "C4'"  sing N N 8   
A   "C5'" "H5'"  sing N N 9   
A   "C5'" "H5''" sing N N 10  
A   "C4'" "O4'"  sing N N 11  
A   "C4'" "C3'"  sing N N 12  
A   "C4'" "H4'"  sing N N 13  
A   "O4'" "C1'"  sing N N 14  
A   "C3'" "O3'"  sing N N 15  
A   "C3'" "C2'"  sing N N 16  
A   "C3'" "H3'"  sing N N 17  
A   "O3'" "HO3'" sing N N 18  
A   "C2'" "O2'"  sing N N 19  
A   "C2'" "C1'"  sing N N 20  
A   "C2'" "H2'"  sing N N 21  
A   "O2'" "HO2'" sing N N 22  
A   "C1'" N9     sing N N 23  
A   "C1'" "H1'"  sing N N 24  
A   N9    C8     sing Y N 25  
A   N9    C4     sing Y N 26  
A   C8    N7     doub Y N 27  
A   C8    H8     sing N N 28  
A   N7    C5     sing Y N 29  
A   C5    C6     sing Y N 30  
A   C5    C4     doub Y N 31  
A   C6    N6     sing N N 32  
A   C6    N1     doub Y N 33  
A   N6    H61    sing N N 34  
A   N6    H62    sing N N 35  
A   N1    C2     sing Y N 36  
A   C2    N3     doub Y N 37  
A   C2    H2     sing N N 38  
A   N3    C4     sing Y N 39  
C   OP3   P      sing N N 40  
C   OP3   HOP3   sing N N 41  
C   P     OP1    doub N N 42  
C   P     OP2    sing N N 43  
C   P     "O5'"  sing N N 44  
C   OP2   HOP2   sing N N 45  
C   "O5'" "C5'"  sing N N 46  
C   "C5'" "C4'"  sing N N 47  
C   "C5'" "H5'"  sing N N 48  
C   "C5'" "H5''" sing N N 49  
C   "C4'" "O4'"  sing N N 50  
C   "C4'" "C3'"  sing N N 51  
C   "C4'" "H4'"  sing N N 52  
C   "O4'" "C1'"  sing N N 53  
C   "C3'" "O3'"  sing N N 54  
C   "C3'" "C2'"  sing N N 55  
C   "C3'" "H3'"  sing N N 56  
C   "O3'" "HO3'" sing N N 57  
C   "C2'" "O2'"  sing N N 58  
C   "C2'" "C1'"  sing N N 59  
C   "C2'" "H2'"  sing N N 60  
C   "O2'" "HO2'" sing N N 61  
C   "C1'" N1     sing N N 62  
C   "C1'" "H1'"  sing N N 63  
C   N1    C2     sing N N 64  
C   N1    C6     sing N N 65  
C   C2    O2     doub N N 66  
C   C2    N3     sing N N 67  
C   N3    C4     doub N N 68  
C   C4    N4     sing N N 69  
C   C4    C5     sing N N 70  
C   N4    H41    sing N N 71  
C   N4    H42    sing N N 72  
C   C5    C6     doub N N 73  
C   C5    H5     sing N N 74  
C   C6    H6     sing N N 75  
G   OP3   P      sing N N 76  
G   OP3   HOP3   sing N N 77  
G   P     OP1    doub N N 78  
G   P     OP2    sing N N 79  
G   P     "O5'"  sing N N 80  
G   OP2   HOP2   sing N N 81  
G   "O5'" "C5'"  sing N N 82  
G   "C5'" "C4'"  sing N N 83  
G   "C5'" "H5'"  sing N N 84  
G   "C5'" "H5''" sing N N 85  
G   "C4'" "O4'"  sing N N 86  
G   "C4'" "C3'"  sing N N 87  
G   "C4'" "H4'"  sing N N 88  
G   "O4'" "C1'"  sing N N 89  
G   "C3'" "O3'"  sing N N 90  
G   "C3'" "C2'"  sing N N 91  
G   "C3'" "H3'"  sing N N 92  
G   "O3'" "HO3'" sing N N 93  
G   "C2'" "O2'"  sing N N 94  
G   "C2'" "C1'"  sing N N 95  
G   "C2'" "H2'"  sing N N 96  
G   "O2'" "HO2'" sing N N 97  
G   "C1'" N9     sing N N 98  
G   "C1'" "H1'"  sing N N 99  
G   N9    C8     sing Y N 100 
G   N9    C4     sing Y N 101 
G   C8    N7     doub Y N 102 
G   C8    H8     sing N N 103 
G   N7    C5     sing Y N 104 
G   C5    C6     sing N N 105 
G   C5    C4     doub Y N 106 
G   C6    O6     doub N N 107 
G   C6    N1     sing N N 108 
G   N1    C2     sing N N 109 
G   N1    H1     sing N N 110 
G   C2    N2     sing N N 111 
G   C2    N3     doub N N 112 
G   N2    H21    sing N N 113 
G   N2    H22    sing N N 114 
G   N3    C4     sing N N 115 
HOH O     H1     sing N N 116 
HOH O     H2     sing N N 117 
U   OP3   P      sing N N 118 
U   OP3   HOP3   sing N N 119 
U   P     OP1    doub N N 120 
U   P     OP2    sing N N 121 
U   P     "O5'"  sing N N 122 
U   OP2   HOP2   sing N N 123 
U   "O5'" "C5'"  sing N N 124 
U   "C5'" "C4'"  sing N N 125 
U   "C5'" "H5'"  sing N N 126 
U   "C5'" "H5''" sing N N 127 
U   "C4'" "O4'"  sing N N 128 
U   "C4'" "C3'"  sing N N 129 
U   "C4'" "H4'"  sing N N 130 
U   "O4'" "C1'"  sing N N 131 
U   "C3'" "O3'"  sing N N 132 
U   "C3'" "C2'"  sing N N 133 
U   "C3'" "H3'"  sing N N 134 
U   "O3'" "HO3'" sing N N 135 
U   "C2'" "O2'"  sing N N 136 
U   "C2'" "C1'"  sing N N 137 
U   "C2'" "H2'"  sing N N 138 
U   "O2'" "HO2'" sing N N 139 
U   "C1'" N1     sing N N 140 
U   "C1'" "H1'"  sing N N 141 
U   N1    C2     sing N N 142 
U   N1    C6     sing N N 143 
U   C2    O2     doub N N 144 
U   C2    N3     sing N N 145 
U   N3    C4     sing N N 146 
U   N3    H3     sing N N 147 
U   C4    O4     doub N N 148 
U   C4    C5     sing N N 149 
U   C5    C6     doub N N 150 
U   C5    H5     sing N N 151 
U   C6    H6     sing N N 152 
XXX O3A   C4A    sing N N 153 
XXX O3A   HO3A   sing N N 154 
XXX C4A   C5A    sing N N 155 
XXX C4A   C9     sing N N 156 
XXX C4A   H4A    sing N N 157 
XXX C5A   O4A    sing N N 158 
XXX C5A   C6A    sing N N 159 
XXX C5A   H5A    sing N N 160 
XXX O4A   HO4A   sing N N 161 
XXX C6A   N1     sing N N 162 
XXX C6A   C7     sing N N 163 
XXX C6A   H6     sing N N 164 
XXX N1    HN11   sing N N 165 
XXX N1    HN12   sing N N 166 
XXX C7    C8     sing N N 167 
XXX C7    H71    sing N N 168 
XXX C7    H72    sing N N 169 
XXX C8    N2     sing N N 170 
XXX C8    C9     sing N N 171 
XXX C8    H8     sing N N 172 
XXX N2    HN21   sing N N 173 
XXX N2    HN22   sing N N 174 
XXX C9    O1     sing N N 175 
XXX C9    H9     sing N N 176 
XXX O1    C1     sing N N 177 
XXX C1    O5     sing N N 178 
XXX C1    C2     sing N N 179 
XXX C1    H1     sing N N 180 
XXX O5    C5     sing N N 181 
XXX C5    C6     sing N N 182 
XXX C5    C4     sing N N 183 
XXX C5    H5     sing N N 184 
XXX C6    N3     sing N N 185 
XXX C6    H61    sing N N 186 
XXX C6    H62    sing N N 187 
XXX N3    HN31   sing N N 188 
XXX N3    HN32   sing N N 189 
XXX C4    O4     sing N N 190 
XXX C4    C3     sing N N 191 
XXX C4    H4     sing N N 192 
XXX O4    HO4    sing N N 193 
XXX C3    O3     sing N N 194 
XXX C3    C2     sing N N 195 
XXX C3    H3     sing N N 196 
XXX O3    HO3    sing N N 197 
XXX C2    N4     sing N N 198 
XXX C2    H2     sing N N 199 
XXX N4    HN41   sing N N 200 
XXX N4    HN42   sing N N 201 
# 
loop_
_ndb_struct_conf_na.entry_id 
_ndb_struct_conf_na.feature 
2F4S 'double helix'         
2F4S 'a-form double helix'  
2F4S 'bulge loop'           
2F4S 'mismatched base pair' 
2F4S 'internal loop'        
# 
loop_
_ndb_struct_na_base_pair.model_number 
_ndb_struct_na_base_pair.i_label_asym_id 
_ndb_struct_na_base_pair.i_label_comp_id 
_ndb_struct_na_base_pair.i_label_seq_id 
_ndb_struct_na_base_pair.i_symmetry 
_ndb_struct_na_base_pair.j_label_asym_id 
_ndb_struct_na_base_pair.j_label_comp_id 
_ndb_struct_na_base_pair.j_label_seq_id 
_ndb_struct_na_base_pair.j_symmetry 
_ndb_struct_na_base_pair.shear 
_ndb_struct_na_base_pair.stretch 
_ndb_struct_na_base_pair.stagger 
_ndb_struct_na_base_pair.buckle 
_ndb_struct_na_base_pair.propeller 
_ndb_struct_na_base_pair.opening 
_ndb_struct_na_base_pair.pair_number 
_ndb_struct_na_base_pair.pair_name 
_ndb_struct_na_base_pair.i_auth_asym_id 
_ndb_struct_na_base_pair.i_auth_seq_id 
_ndb_struct_na_base_pair.i_PDB_ins_code 
_ndb_struct_na_base_pair.j_auth_asym_id 
_ndb_struct_na_base_pair.j_auth_seq_id 
_ndb_struct_na_base_pair.j_PDB_ins_code 
_ndb_struct_na_base_pair.hbond_type_28 
_ndb_struct_na_base_pair.hbond_type_12 
1 A G 1  1_555 B C 21 1_555 -0.916 -0.459 -0.466 -10.072 -0.070  -2.690  1  A_G1403:C1498_B A 1403 ? B 1498 ? 19 1 
1 A C 2  1_555 B G 20 1_555 -0.533 -0.063 0.030  1.142   -6.328  -4.084  2  A_C1404:G1497_B A 1404 ? B 1497 ? 19 1 
1 A G 3  1_555 B C 19 1_555 0.934  -0.341 0.145  2.293   -12.051 1.893   3  A_G1405:C1496_B A 1405 ? B 1496 ? 19 1 
1 A C 5  1_555 B G 17 1_555 0.046  -0.283 -0.045 -0.427  2.614   -0.851  4  A_C1407:G1494_B A 1407 ? B 1494 ? 19 1 
1 A C 7  1_555 B G 14 1_555 0.553  -0.242 -0.007 8.927   -17.808 1.235   5  A_C1409:G1491_B A 1409 ? B 1491 ? 19 1 
1 A A 8  1_555 B U 13 1_555 0.124  -0.241 0.417  5.953   -14.300 -2.316  6  A_A1410:U1490_B A 1410 ? B 1490 ? 20 1 
1 A C 9  1_555 B G 12 1_555 0.000  0.129  0.314  5.979   -16.560 6.979   7  A_C1411:G1489_B A 1411 ? B 1489 ? 19 1 
1 A C 10 1_555 B G 11 1_555 -0.176 -0.258 0.538  4.527   -7.445  -0.339  8  A_C1412:G1488_B A 1412 ? B 1488 ? 19 1 
1 A G 11 1_555 B C 10 1_555 -0.277 0.018  0.083  3.644   -10.505 6.683   9  A_G1488:C1412_B A 1488 ? B 1412 ? 19 1 
1 A G 12 1_555 B C 9  1_555 -0.113 -0.008 0.036  -3.939  -16.507 1.193   10 A_G1489:C1411_B A 1489 ? B 1411 ? 19 1 
1 A U 13 1_555 B A 8  1_555 0.716  -0.376 0.307  -7.376  -15.129 1.855   11 A_U1490:A1410_B A 1490 ? B 1410 ? 20 1 
1 A G 14 1_555 B C 7  1_555 0.475  -0.209 1.057  -4.538  -16.625 3.018   12 A_G1491:C1409_B A 1491 ? B 1409 ? 19 1 
1 A G 17 1_555 B C 5  1_555 1.206  -0.038 -0.118 9.701   0.064   -10.940 13 A_G1494:C1407_B A 1494 ? B 1407 ? 19 1 
1 A U 18 1_555 B U 4  1_555 -2.057 -1.843 -0.764 7.512   -22.800 -10.656 14 A_U1495:U1406_B A 1495 ? B 1406 ? ?  ? 
1 A C 19 1_555 B G 3  1_555 0.007  -0.296 -0.178 1.061   -10.735 5.063   15 A_C1496:G1405_B A 1496 ? B 1405 ? 19 1 
1 A G 20 1_555 B C 2  1_555 -0.513 -0.308 -0.195 -3.966  -4.213  2.741   16 A_G1497:C1404_B A 1497 ? B 1404 ? 19 1 
1 A C 21 1_555 B G 1  1_555 0.890  -0.549 -0.276 2.378   -0.048  0.811   17 A_C1498:G1403_B A 1498 ? B 1403 ? 19 1 
# 
loop_
_ndb_struct_na_base_pair_step.model_number 
_ndb_struct_na_base_pair_step.i_label_asym_id_1 
_ndb_struct_na_base_pair_step.i_label_comp_id_1 
_ndb_struct_na_base_pair_step.i_label_seq_id_1 
_ndb_struct_na_base_pair_step.i_symmetry_1 
_ndb_struct_na_base_pair_step.j_label_asym_id_1 
_ndb_struct_na_base_pair_step.j_label_comp_id_1 
_ndb_struct_na_base_pair_step.j_label_seq_id_1 
_ndb_struct_na_base_pair_step.j_symmetry_1 
_ndb_struct_na_base_pair_step.i_label_asym_id_2 
_ndb_struct_na_base_pair_step.i_label_comp_id_2 
_ndb_struct_na_base_pair_step.i_label_seq_id_2 
_ndb_struct_na_base_pair_step.i_symmetry_2 
_ndb_struct_na_base_pair_step.j_label_asym_id_2 
_ndb_struct_na_base_pair_step.j_label_comp_id_2 
_ndb_struct_na_base_pair_step.j_label_seq_id_2 
_ndb_struct_na_base_pair_step.j_symmetry_2 
_ndb_struct_na_base_pair_step.shift 
_ndb_struct_na_base_pair_step.slide 
_ndb_struct_na_base_pair_step.rise 
_ndb_struct_na_base_pair_step.tilt 
_ndb_struct_na_base_pair_step.roll 
_ndb_struct_na_base_pair_step.twist 
_ndb_struct_na_base_pair_step.x_displacement 
_ndb_struct_na_base_pair_step.y_displacement 
_ndb_struct_na_base_pair_step.helical_rise 
_ndb_struct_na_base_pair_step.inclination 
_ndb_struct_na_base_pair_step.tip 
_ndb_struct_na_base_pair_step.helical_twist 
_ndb_struct_na_base_pair_step.step_number 
_ndb_struct_na_base_pair_step.step_name 
_ndb_struct_na_base_pair_step.i_auth_asym_id_1 
_ndb_struct_na_base_pair_step.i_auth_seq_id_1 
_ndb_struct_na_base_pair_step.i_PDB_ins_code_1 
_ndb_struct_na_base_pair_step.j_auth_asym_id_1 
_ndb_struct_na_base_pair_step.j_auth_seq_id_1 
_ndb_struct_na_base_pair_step.j_PDB_ins_code_1 
_ndb_struct_na_base_pair_step.i_auth_asym_id_2 
_ndb_struct_na_base_pair_step.i_auth_seq_id_2 
_ndb_struct_na_base_pair_step.i_PDB_ins_code_2 
_ndb_struct_na_base_pair_step.j_auth_asym_id_2 
_ndb_struct_na_base_pair_step.j_auth_seq_id_2 
_ndb_struct_na_base_pair_step.j_PDB_ins_code_2 
1 A G 1  1_555 B C 21 1_555 A C 2  1_555 B G 20 1_555 -0.420 -1.787 3.192 -3.862 -0.563 30.232 -3.288 0.038  3.251 -1.074 7.367  
30.477 1  AA_G1403C1404:G1497C1498_BB A 1403 ? B 1498 ? A 1404 ? B 1497 ? 
1 A C 2  1_555 B G 20 1_555 A G 3  1_555 B C 19 1_555 0.153  -2.059 3.272 -0.092 9.014  36.383 -4.304 -0.250 2.703 14.170 0.144  
37.447 2  AA_C1404G1405:C1496G1497_BB A 1404 ? B 1497 ? A 1405 ? B 1496 ? 
1 A G 3  1_555 B C 19 1_555 A C 5  1_555 B G 17 1_555 0.558  -2.683 6.514 1.096  8.803  60.877 -3.429 -0.446 6.120 8.638  -1.076 
61.459 3  AA_G1405C1407:G1494C1496_BB A 1405 ? B 1496 ? A 1407 ? B 1494 ? 
1 A C 5  1_555 B G 17 1_555 A C 7  1_555 B G 14 1_555 1.541  -3.248 6.313 -7.486 10.015 83.148 -2.874 -1.485 5.837 7.509  5.612  
83.914 4  AA_C1407C1409:G1491G1494_BB A 1407 ? B 1494 ? A 1409 ? B 1491 ? 
1 A C 7  1_555 B G 14 1_555 A A 8  1_555 B U 13 1_555 -0.517 -1.743 3.090 -1.587 15.084 32.079 -4.725 0.655  2.108 25.586 2.692  
35.398 5  AA_C1409A1410:U1490G1491_BB A 1409 ? B 1491 ? A 1410 ? B 1490 ? 
1 A A 8  1_555 B U 13 1_555 A C 9  1_555 B G 12 1_555 1.165  -2.023 3.113 3.238  1.792  28.339 -4.486 -1.659 3.093 3.641  -6.579 
28.574 6  AA_A1410C1411:G1489U1490_BB A 1410 ? B 1490 ? A 1411 ? B 1489 ? 
1 A C 9  1_555 B G 12 1_555 A C 10 1_555 B G 11 1_555 -0.737 -2.131 3.247 -3.468 3.000  30.841 -4.522 0.728  3.094 5.602  6.477  
31.172 7  AA_C1411C1412:G1488G1489_BB A 1411 ? B 1489 ? A 1412 ? B 1488 ? 
1 A C 10 1_555 B G 11 1_555 A G 11 1_555 B C 10 1_555 0.091  -1.707 3.108 3.055  6.638  26.308 -5.089 0.485  2.600 14.238 -6.553 
27.286 8  AA_C1412G1488:C1412G1488_BB A 1412 ? B 1488 ? A 1488 ? B 1412 ? 
1 A G 11 1_555 B C 10 1_555 A G 12 1_555 B C 9  1_555 -0.103 -1.330 3.481 0.784  5.657  35.801 -2.959 0.280  3.237 9.130  -1.266 
36.239 9  AA_G1488G1489:C1411C1412_BB A 1488 ? B 1412 ? A 1489 ? B 1411 ? 
1 A G 12 1_555 B C 9  1_555 A U 13 1_555 B A 8  1_555 0.442  -1.175 3.267 2.024  8.150  34.330 -3.097 -0.440 2.941 13.557 -3.367 
35.312 10 AA_G1489U1490:A1410C1411_BB A 1489 ? B 1411 ? A 1490 ? B 1410 ? 
1 A U 13 1_555 B A 8  1_555 A G 14 1_555 B C 7  1_555 0.308  -1.583 2.797 0.331  12.574 32.316 -4.151 -0.478 2.059 21.597 -0.568 
34.616 11 AA_U1490G1491:C1409A1410_BB A 1490 ? B 1410 ? A 1491 ? B 1409 ? 
1 A G 14 1_555 B C 7  1_555 A G 17 1_555 B C 5  1_555 -1.987 -2.574 5.710 6.644  13.646 79.115 -2.596 1.832  5.136 10.624 -5.172 
80.323 12 AA_G1491G1494:C1407C1409_BB A 1491 ? B 1409 ? A 1494 ? B 1407 ? 
1 A G 17 1_555 B C 5  1_555 A U 18 1_555 B U 4  1_555 -0.635 -2.240 3.106 0.158  5.700  21.912 -7.496 1.667  2.447 14.678 -0.408 
22.633 13 AA_G1494U1495:U1406C1407_BB A 1494 ? B 1407 ? A 1495 ? B 1406 ? 
1 A U 18 1_555 B U 4  1_555 A C 19 1_555 B G 3  1_555 0.639  -1.604 3.547 -5.863 4.876  41.267 -2.772 -1.531 3.230 6.847  8.235  
41.936 14 AA_U1495C1496:G1405U1406_BB A 1495 ? B 1406 ? A 1496 ? B 1405 ? 
1 A C 19 1_555 B G 3  1_555 A G 20 1_555 B C 2  1_555 -0.530 -2.062 3.368 -0.512 10.831 23.259 -7.394 1.065  2.212 25.183 1.190  
25.630 15 AA_C1496G1497:C1404G1405_BB A 1496 ? B 1405 ? A 1497 ? B 1404 ? 
1 A G 20 1_555 B C 2  1_555 A C 21 1_555 B G 1  1_555 0.434  -1.099 3.388 0.719  -2.705 38.443 -1.315 -0.564 3.461 -4.102 -1.090 
38.541 16 AA_G1497C1498:G1403C1404_BB A 1497 ? B 1404 ? A 1498 ? B 1403 ? 
# 
_atom_sites.entry_id                    2F4S 
_atom_sites.fract_transf_matrix[1][1]   0.01455363 
_atom_sites.fract_transf_matrix[1][2]   -0.01282284 
_atom_sites.fract_transf_matrix[1][3]   -0.02321661 
_atom_sites.fract_transf_matrix[2][1]   0.01133152 
_atom_sites.fract_transf_matrix[2][2]   -0.01163368 
_atom_sites.fract_transf_matrix[2][3]   0.01352874 
_atom_sites.fract_transf_matrix[3][1]   -0.00812771 
_atom_sites.fract_transf_matrix[3][2]   -0.00842822 
_atom_sites.fract_transf_matrix[3][3]   -0.00043994 
_atom_sites.fract_transf_vector[1]      0.418469 
_atom_sites.fract_transf_vector[2]      0.054772 
_atom_sites.fract_transf_vector[3]      0.366494 
# 
loop_
_atom_type.symbol 
C 
N 
O 
P 
# 
loop_
_atom_site.group_PDB 
_atom_site.id 
_atom_site.type_symbol 
_atom_site.label_atom_id 
_atom_site.label_alt_id 
_atom_site.label_comp_id 
_atom_site.label_asym_id 
_atom_site.label_entity_id 
_atom_site.label_seq_id 
_atom_site.pdbx_PDB_ins_code 
_atom_site.Cartn_x 
_atom_site.Cartn_y 
_atom_site.Cartn_z 
_atom_site.occupancy 
_atom_site.B_iso_or_equiv 
_atom_site.pdbx_formal_charge 
_atom_site.auth_seq_id 
_atom_site.auth_comp_id 
_atom_site.auth_asym_id 
_atom_site.auth_atom_id 
_atom_site.pdbx_PDB_model_num 
ATOM   1   O OP3   . G   A 1 1  ? 10.675  -22.855 9.510   1.00 109.64 ? 1403 G   A OP3   1 
ATOM   2   P P     . G   A 1 1  ? 11.988  -23.129 8.791   1.00 112.84 ? 1403 G   A P     1 
ATOM   3   O OP1   . G   A 1 1  ? 12.720  -24.341 9.348   1.00 107.63 ? 1403 G   A OP1   1 
ATOM   4   O OP2   . G   A 1 1  ? 11.838  -23.177 7.277   1.00 106.77 ? 1403 G   A OP2   1 
ATOM   5   O "O5'" . G   A 1 1  ? 12.941  -21.845 9.115   1.00 110.59 ? 1403 G   A "O5'" 1 
ATOM   6   C "C5'" . G   A 1 1  ? 13.217  -21.456 10.476  1.00 105.31 ? 1403 G   A "C5'" 1 
ATOM   7   C "C4'" . G   A 1 1  ? 14.380  -20.487 10.530  1.00 100.53 ? 1403 G   A "C4'" 1 
ATOM   8   O "O4'" . G   A 1 1  ? 15.516  -21.042 9.819   1.00 96.67  ? 1403 G   A "O4'" 1 
ATOM   9   C "C3'" . G   A 1 1  ? 14.160  -19.126 9.888   1.00 95.44  ? 1403 G   A "C3'" 1 
ATOM   10  O "O3'" . G   A 1 1  ? 13.515  -18.255 10.814  1.00 99.08  ? 1403 G   A "O3'" 1 
ATOM   11  C "C2'" . G   A 1 1  ? 15.584  -18.667 9.579   1.00 87.64  ? 1403 G   A "C2'" 1 
ATOM   12  O "O2'" . G   A 1 1  ? 16.232  -18.055 10.674  1.00 80.43  ? 1403 G   A "O2'" 1 
ATOM   13  C "C1'" . G   A 1 1  ? 16.272  -19.992 9.240   1.00 84.65  ? 1403 G   A "C1'" 1 
ATOM   14  N N9    . G   A 1 1  ? 16.374  -20.244 7.808   1.00 80.35  ? 1403 G   A N9    1 
ATOM   15  C C8    . G   A 1 1  ? 15.635  -21.132 7.063   1.00 78.48  ? 1403 G   A C8    1 
ATOM   16  N N7    . G   A 1 1  ? 15.954  -21.131 5.797   1.00 76.33  ? 1403 G   A N7    1 
ATOM   17  C C5    . G   A 1 1  ? 16.966  -20.184 5.701   1.00 69.62  ? 1403 G   A C5    1 
ATOM   18  C C6    . G   A 1 1  ? 17.704  -19.743 4.578   1.00 62.50  ? 1403 G   A C6    1 
ATOM   19  O O6    . G   A 1 1  ? 17.605  -20.105 3.403   1.00 64.79  ? 1403 G   A O6    1 
ATOM   20  N N1    . G   A 1 1  ? 18.638  -18.776 4.929   1.00 63.92  ? 1403 G   A N1    1 
ATOM   21  C C2    . G   A 1 1  ? 18.834  -18.289 6.197   1.00 68.18  ? 1403 G   A C2    1 
ATOM   22  N N2    . G   A 1 1  ? 19.787  -17.357 6.332   1.00 70.10  ? 1403 G   A N2    1 
ATOM   23  N N3    . G   A 1 1  ? 18.149  -18.687 7.254   1.00 65.74  ? 1403 G   A N3    1 
ATOM   24  C C4    . G   A 1 1  ? 17.239  -19.630 6.935   1.00 72.54  ? 1403 G   A C4    1 
ATOM   25  P P     . C   A 1 2  ? 12.963  -16.831 10.322  1.00 94.02  ? 1404 C   A P     1 
ATOM   26  O OP1   . C   A 1 2  ? 11.967  -16.364 11.320  1.00 93.65  ? 1404 C   A OP1   1 
ATOM   27  O OP2   . C   A 1 2  ? 12.575  -16.931 8.892   1.00 86.28  ? 1404 C   A OP2   1 
ATOM   28  O "O5'" . C   A 1 2  ? 14.233  -15.878 10.416  1.00 87.91  ? 1404 C   A "O5'" 1 
ATOM   29  C "C5'" . C   A 1 2  ? 14.247  -14.651 9.709   1.00 90.23  ? 1404 C   A "C5'" 1 
ATOM   30  C "C4'" . C   A 1 2  ? 15.660  -14.218 9.435   1.00 84.86  ? 1404 C   A "C4'" 1 
ATOM   31  O "O4'" . C   A 1 2  ? 16.424  -15.330 8.900   1.00 84.99  ? 1404 C   A "O4'" 1 
ATOM   32  C "C3'" . C   A 1 2  ? 15.750  -13.148 8.366   1.00 83.15  ? 1404 C   A "C3'" 1 
ATOM   33  O "O3'" . C   A 1 2  ? 15.533  -11.862 8.919   1.00 84.95  ? 1404 C   A "O3'" 1 
ATOM   34  C "C2'" . C   A 1 2  ? 17.157  -13.344 7.832   1.00 81.10  ? 1404 C   A "C2'" 1 
ATOM   35  O "O2'" . C   A 1 2  ? 18.139  -12.771 8.670   1.00 76.43  ? 1404 C   A "O2'" 1 
ATOM   36  C "C1'" . C   A 1 2  ? 17.257  -14.871 7.849   1.00 79.77  ? 1404 C   A "C1'" 1 
ATOM   37  N N1    . C   A 1 2  ? 16.782  -15.488 6.603   1.00 75.55  ? 1404 C   A N1    1 
ATOM   38  C C2    . C   A 1 2  ? 17.444  -15.204 5.407   1.00 78.13  ? 1404 C   A C2    1 
ATOM   39  O O2    . C   A 1 2  ? 18.412  -14.430 5.427   1.00 86.16  ? 1404 C   A O2    1 
ATOM   40  N N3    . C   A 1 2  ? 17.013  -15.777 4.260   1.00 76.56  ? 1404 C   A N3    1 
ATOM   41  C C4    . C   A 1 2  ? 15.965  -16.602 4.280   1.00 73.45  ? 1404 C   A C4    1 
ATOM   42  N N4    . C   A 1 2  ? 15.575  -17.146 3.125   1.00 73.44  ? 1404 C   A N4    1 
ATOM   43  C C5    . C   A 1 2  ? 15.270  -16.907 5.485   1.00 73.57  ? 1404 C   A C5    1 
ATOM   44  C C6    . C   A 1 2  ? 15.707  -16.333 6.612   1.00 75.53  ? 1404 C   A C6    1 
ATOM   45  P P     . G   A 1 3  ? 14.429  -10.905 8.260   1.00 85.16  ? 1405 G   A P     1 
ATOM   46  O OP1   . G   A 1 3  ? 14.250  -9.737  9.162   1.00 82.94  ? 1405 G   A OP1   1 
ATOM   47  O OP2   . G   A 1 3  ? 13.263  -11.758 7.917   1.00 79.45  ? 1405 G   A OP2   1 
ATOM   48  O "O5'" . G   A 1 3  ? 15.113  -10.418 6.906   1.00 77.53  ? 1405 G   A "O5'" 1 
ATOM   49  C "C5'" . G   A 1 3  ? 16.365  -9.743  6.929   1.00 77.18  ? 1405 G   A "C5'" 1 
ATOM   50  C "C4'" . G   A 1 3  ? 16.898  -9.573  5.527   1.00 77.60  ? 1405 G   A "C4'" 1 
ATOM   51  O "O4'" . G   A 1 3  ? 17.243  -10.865 4.962   1.00 79.85  ? 1405 G   A "O4'" 1 
ATOM   52  C "C3'" . G   A 1 3  ? 15.928  -8.995  4.515   1.00 79.11  ? 1405 G   A "C3'" 1 
ATOM   53  O "O3'" . G   A 1 3  ? 15.862  -7.578  4.628   1.00 81.94  ? 1405 G   A "O3'" 1 
ATOM   54  C "C2'" . G   A 1 3  ? 16.564  -9.426  3.198   1.00 81.21  ? 1405 G   A "C2'" 1 
ATOM   55  O "O2'" . G   A 1 3  ? 17.645  -8.600  2.817   1.00 88.45  ? 1405 G   A "O2'" 1 
ATOM   56  C "C1'" . G   A 1 3  ? 17.095  -10.817 3.552   1.00 74.62  ? 1405 G   A "C1'" 1 
ATOM   57  N N9    . G   A 1 3  ? 16.194  -11.887 3.138   1.00 70.35  ? 1405 G   A N9    1 
ATOM   58  C C8    . G   A 1 3  ? 15.288  -12.561 3.917   1.00 73.15  ? 1405 G   A C8    1 
ATOM   59  N N7    . G   A 1 3  ? 14.608  -13.456 3.255   1.00 67.25  ? 1405 G   A N7    1 
ATOM   60  C C5    . G   A 1 3  ? 15.097  -13.370 1.961   1.00 65.85  ? 1405 G   A C5    1 
ATOM   61  C C6    . G   A 1 3  ? 14.738  -14.092 0.793   1.00 69.96  ? 1405 G   A C6    1 
ATOM   62  O O6    . G   A 1 3  ? 13.884  -14.978 0.665   1.00 75.23  ? 1405 G   A O6    1 
ATOM   63  N N1    . G   A 1 3  ? 15.487  -13.688 -0.307  1.00 65.73  ? 1405 G   A N1    1 
ATOM   64  C C2    . G   A 1 3  ? 16.452  -12.711 -0.290  1.00 63.95  ? 1405 G   A C2    1 
ATOM   65  N N2    . G   A 1 3  ? 17.058  -12.463 -1.457  1.00 54.05  ? 1405 G   A N2    1 
ATOM   66  N N3    . G   A 1 3  ? 16.794  -12.030 0.792   1.00 65.40  ? 1405 G   A N3    1 
ATOM   67  C C4    . G   A 1 3  ? 16.081  -12.409 1.873   1.00 66.82  ? 1405 G   A C4    1 
ATOM   68  P P     . U   A 1 4  ? 14.467  -6.820  4.372   1.00 80.03  ? 1406 U   A P     1 
ATOM   69  O OP1   . U   A 1 4  ? 13.891  -6.402  5.674   1.00 79.66  ? 1406 U   A OP1   1 
ATOM   70  O OP2   . U   A 1 4  ? 13.660  -7.664  3.455   1.00 81.36  ? 1406 U   A OP2   1 
ATOM   71  O "O5'" . U   A 1 4  ? 14.896  -5.517  3.567   1.00 81.29  ? 1406 U   A "O5'" 1 
ATOM   72  C "C5'" . U   A 1 4  ? 15.161  -5.594  2.177   1.00 78.85  ? 1406 U   A "C5'" 1 
ATOM   73  C "C4'" . U   A 1 4  ? 14.833  -4.286  1.507   1.00 82.88  ? 1406 U   A "C4'" 1 
ATOM   74  O "O4'" . U   A 1 4  ? 15.868  -3.315  1.808   1.00 88.40  ? 1406 U   A "O4'" 1 
ATOM   75  C "C3'" . U   A 1 4  ? 14.836  -4.379  -0.003  1.00 83.27  ? 1406 U   A "C3'" 1 
ATOM   76  O "O3'" . U   A 1 4  ? 13.638  -5.001  -0.478  1.00 76.21  ? 1406 U   A "O3'" 1 
ATOM   77  C "C2'" . U   A 1 4  ? 15.205  -2.969  -0.466  1.00 85.96  ? 1406 U   A "C2'" 1 
ATOM   78  O "O2'" . U   A 1 4  ? 14.145  -2.056  -0.653  1.00 87.81  ? 1406 U   A "O2'" 1 
ATOM   79  C "C1'" . U   A 1 4  ? 16.124  -2.505  0.671   1.00 89.82  ? 1406 U   A "C1'" 1 
ATOM   80  N N1    . U   A 1 4  ? 17.556  -2.599  0.354   1.00 87.10  ? 1406 U   A N1    1 
ATOM   81  C C2    . U   A 1 4  ? 18.261  -1.417  0.234   1.00 87.65  ? 1406 U   A C2    1 
ATOM   82  O O2    . U   A 1 4  ? 17.748  -0.321  0.386   1.00 89.59  ? 1406 U   A O2    1 
ATOM   83  N N3    . U   A 1 4  ? 19.591  -1.564  -0.069  1.00 81.21  ? 1406 U   A N3    1 
ATOM   84  C C4    . U   A 1 4  ? 20.271  -2.746  -0.259  1.00 81.25  ? 1406 U   A C4    1 
ATOM   85  O O4    . U   A 1 4  ? 21.472  -2.713  -0.534  1.00 81.90  ? 1406 U   A O4    1 
ATOM   86  C C5    . U   A 1 4  ? 19.473  -3.924  -0.115  1.00 79.64  ? 1406 U   A C5    1 
ATOM   87  C C6    . U   A 1 4  ? 18.175  -3.812  0.179   1.00 81.87  ? 1406 U   A C6    1 
ATOM   88  P P     . C   A 1 5  ? 12.195  -4.310  -0.268  1.00 63.45  ? 1407 C   A P     1 
ATOM   89  O OP1   . C   A 1 5  ? 12.331  -2.879  0.074   1.00 72.69  ? 1407 C   A OP1   1 
ATOM   90  O OP2   . C   A 1 5  ? 11.388  -5.187  0.614   1.00 63.16  ? 1407 C   A OP2   1 
ATOM   91  O "O5'" . C   A 1 5  ? 11.585  -4.413  -1.729  1.00 59.39  ? 1407 C   A "O5'" 1 
ATOM   92  C "C5'" . C   A 1 5  ? 12.427  -4.211  -2.857  1.00 47.04  ? 1407 C   A "C5'" 1 
ATOM   93  C "C4'" . C   A 1 5  ? 12.147  -5.238  -3.926  1.00 35.59  ? 1407 C   A "C4'" 1 
ATOM   94  O "O4'" . C   A 1 5  ? 12.626  -6.548  -3.537  1.00 33.80  ? 1407 C   A "O4'" 1 
ATOM   95  C "C3'" . C   A 1 5  ? 10.690  -5.493  -4.217  1.00 33.55  ? 1407 C   A "C3'" 1 
ATOM   96  O "O3'" . C   A 1 5  ? 10.144  -4.448  -4.986  1.00 37.71  ? 1407 C   A "O3'" 1 
ATOM   97  C "C2'" . C   A 1 5  ? 10.752  -6.812  -4.970  1.00 34.24  ? 1407 C   A "C2'" 1 
ATOM   98  O "O2'" . C   A 1 5  ? 11.144  -6.673  -6.320  1.00 35.71  ? 1407 C   A "O2'" 1 
ATOM   99  C "C1'" . C   A 1 5  ? 11.843  -7.541  -4.186  1.00 27.55  ? 1407 C   A "C1'" 1 
ATOM   100 N N1    . C   A 1 5  ? 11.272  -8.432  -3.169  1.00 26.82  ? 1407 C   A N1    1 
ATOM   101 C C2    . C   A 1 5  ? 10.587  -9.558  -3.599  1.00 24.93  ? 1407 C   A C2    1 
ATOM   102 O O2    . C   A 1 5  ? 10.529  -9.789  -4.813  1.00 33.01  ? 1407 C   A O2    1 
ATOM   103 N N3    . C   A 1 5  ? 10.012  -10.371 -2.693  1.00 24.35  ? 1407 C   A N3    1 
ATOM   104 C C4    . C   A 1 5  ? 10.121  -10.101 -1.396  1.00 25.59  ? 1407 C   A C4    1 
ATOM   105 N N4    . C   A 1 5  ? 9.538   -10.939 -0.539  1.00 31.45  ? 1407 C   A N4    1 
ATOM   106 C C5    . C   A 1 5  ? 10.836  -8.964  -0.922  1.00 22.59  ? 1407 C   A C5    1 
ATOM   107 C C6    . C   A 1 5  ? 11.392  -8.163  -1.835  1.00 24.91  ? 1407 C   A C6    1 
ATOM   108 P P     . A   A 1 6  ? 8.598   -4.095  -4.822  1.00 44.79  ? 1408 A   A P     1 
ATOM   109 O OP1   . A   A 1 6  ? 8.349   -2.843  -5.582  1.00 43.57  ? 1408 A   A OP1   1 
ATOM   110 O OP2   . A   A 1 6  ? 8.285   -4.152  -3.367  1.00 36.91  ? 1408 A   A OP2   1 
ATOM   111 O "O5'" . A   A 1 6  ? 7.888   -5.310  -5.566  1.00 30.19  ? 1408 A   A "O5'" 1 
ATOM   112 C "C5'" . A   A 1 6  ? 8.266   -5.651  -6.892  1.00 29.13  ? 1408 A   A "C5'" 1 
ATOM   113 C "C4'" . A   A 1 6  ? 7.662   -6.971  -7.290  1.00 29.75  ? 1408 A   A "C4'" 1 
ATOM   114 O "O4'" . A   A 1 6  ? 8.192   -8.019  -6.449  1.00 28.47  ? 1408 A   A "O4'" 1 
ATOM   115 C "C3'" . A   A 1 6  ? 6.165   -7.094  -7.096  1.00 36.04  ? 1408 A   A "C3'" 1 
ATOM   116 O "O3'" . A   A 1 6  ? 5.461   -6.506  -8.173  1.00 40.35  ? 1408 A   A "O3'" 1 
ATOM   117 C "C2'" . A   A 1 6  ? 5.971   -8.600  -7.059  1.00 27.79  ? 1408 A   A "C2'" 1 
ATOM   118 O "O2'" . A   A 1 6  ? 5.976   -9.178  -8.347  1.00 32.40  ? 1408 A   A "O2'" 1 
ATOM   119 C "C1'" . A   A 1 6  ? 7.214   -9.031  -6.283  1.00 26.42  ? 1408 A   A "C1'" 1 
ATOM   120 N N9    . A   A 1 6  ? 6.953   -9.179  -4.856  1.00 37.77  ? 1408 A   A N9    1 
ATOM   121 C C8    . A   A 1 6  ? 7.369   -8.390  -3.810  1.00 39.46  ? 1408 A   A C8    1 
ATOM   122 N N7    . A   A 1 6  ? 6.978   -8.821  -2.636  1.00 29.26  ? 1408 A   A N7    1 
ATOM   123 C C5    . A   A 1 6  ? 6.253   -9.966  -2.931  1.00 32.14  ? 1408 A   A C5    1 
ATOM   124 C C6    . A   A 1 6  ? 5.587   -10.896 -2.124  1.00 31.72  ? 1408 A   A C6    1 
ATOM   125 N N6    . A   A 1 6  ? 5.547   -10.837 -0.790  1.00 28.32  ? 1408 A   A N6    1 
ATOM   126 N N1    . A   A 1 6  ? 4.959   -11.915 -2.739  1.00 26.75  ? 1408 A   A N1    1 
ATOM   127 C C2    . A   A 1 6  ? 5.012   -11.996 -4.070  1.00 31.34  ? 1408 A   A C2    1 
ATOM   128 N N3    . A   A 1 6  ? 5.612   -11.195 -4.935  1.00 30.35  ? 1408 A   A N3    1 
ATOM   129 C C4    . A   A 1 6  ? 6.222   -10.190 -4.293  1.00 34.09  ? 1408 A   A C4    1 
ATOM   130 P P     . C   A 1 7  ? 4.107   -5.721  -7.871  1.00 43.14  ? 1409 C   A P     1 
ATOM   131 O OP1   . C   A 1 7  ? 3.642   -5.152  -9.161  1.00 44.34  ? 1409 C   A OP1   1 
ATOM   132 O OP2   . C   A 1 7  ? 4.354   -4.817  -6.710  1.00 30.19  ? 1409 C   A OP2   1 
ATOM   133 O "O5'" . C   A 1 7  ? 3.124   -6.887  -7.411  1.00 34.55  ? 1409 C   A "O5'" 1 
ATOM   134 C "C5'" . C   A 1 7  ? 2.759   -7.919  -8.315  1.00 23.64  ? 1409 C   A "C5'" 1 
ATOM   135 C "C4'" . C   A 1 7  ? 1.937   -8.971  -7.611  1.00 42.66  ? 1409 C   A "C4'" 1 
ATOM   136 O "O4'" . C   A 1 7  ? 2.779   -9.731  -6.701  1.00 46.75  ? 1409 C   A "O4'" 1 
ATOM   137 C "C3'" . C   A 1 7  ? 0.806   -8.470  -6.731  1.00 41.85  ? 1409 C   A "C3'" 1 
ATOM   138 O "O3'" . C   A 1 7  ? -0.357  -8.139  -7.484  1.00 40.24  ? 1409 C   A "O3'" 1 
ATOM   139 C "C2'" . C   A 1 7  ? 0.579   -9.672  -5.825  1.00 47.26  ? 1409 C   A "C2'" 1 
ATOM   140 O "O2'" . C   A 1 7  ? -0.158  -10.697 -6.464  1.00 50.56  ? 1409 C   A "O2'" 1 
ATOM   141 C "C1'" . C   A 1 7  ? 2.021   -10.124 -5.570  1.00 40.34  ? 1409 C   A "C1'" 1 
ATOM   142 N N1    . C   A 1 7  ? 2.594   -9.459  -4.393  1.00 39.88  ? 1409 C   A N1    1 
ATOM   143 C C2    . C   A 1 7  ? 2.322   -9.974  -3.133  1.00 40.34  ? 1409 C   A C2    1 
ATOM   144 O O2    . C   A 1 7  ? 1.632   -10.999 -3.047  1.00 38.61  ? 1409 C   A O2    1 
ATOM   145 N N3    . C   A 1 7  ? 2.815   -9.346  -2.038  1.00 39.53  ? 1409 C   A N3    1 
ATOM   146 C C4    . C   A 1 7  ? 3.554   -8.244  -2.181  1.00 35.14  ? 1409 C   A C4    1 
ATOM   147 N N4    . C   A 1 7  ? 4.008   -7.642  -1.077  1.00 26.60  ? 1409 C   A N4    1 
ATOM   148 C C5    . C   A 1 7  ? 3.859   -7.707  -3.459  1.00 39.46  ? 1409 C   A C5    1 
ATOM   149 C C6    . C   A 1 7  ? 3.367   -8.341  -4.529  1.00 40.77  ? 1409 C   A C6    1 
ATOM   150 P P     . A   A 1 8  ? -1.250  -6.874  -7.050  1.00 41.88  ? 1410 A   A P     1 
ATOM   151 O OP1   . A   A 1 8  ? -2.150  -6.561  -8.181  1.00 50.03  ? 1410 A   A OP1   1 
ATOM   152 O OP2   . A   A 1 8  ? -0.350  -5.819  -6.521  1.00 42.71  ? 1410 A   A OP2   1 
ATOM   153 O "O5'" . A   A 1 8  ? -2.142  -7.433  -5.854  1.00 43.56  ? 1410 A   A "O5'" 1 
ATOM   154 C "C5'" . A   A 1 8  ? -3.103  -8.458  -6.093  1.00 41.30  ? 1410 A   A "C5'" 1 
ATOM   155 C "C4'" . A   A 1 8  ? -3.720  -8.925  -4.796  1.00 42.09  ? 1410 A   A "C4'" 1 
ATOM   156 O "O4'" . A   A 1 8  ? -2.728  -9.631  -4.000  1.00 43.17  ? 1410 A   A "O4'" 1 
ATOM   157 C "C3'" . A   A 1 8  ? -4.219  -7.838  -3.861  1.00 44.66  ? 1410 A   A "C3'" 1 
ATOM   158 O "O3'" . A   A 1 8  ? -5.500  -7.351  -4.238  1.00 40.25  ? 1410 A   A "O3'" 1 
ATOM   159 C "C2'" . A   A 1 8  ? -4.263  -8.584  -2.537  1.00 42.79  ? 1410 A   A "C2'" 1 
ATOM   160 O "O2'" . A   A 1 8  ? -5.370  -9.456  -2.455  1.00 37.78  ? 1410 A   A "O2'" 1 
ATOM   161 C "C1'" . A   A 1 8  ? -2.971  -9.395  -2.621  1.00 36.51  ? 1410 A   A "C1'" 1 
ATOM   162 N N9    . A   A 1 8  ? -1.842  -8.638  -2.084  1.00 36.15  ? 1410 A   A N9    1 
ATOM   163 C C8    . A   A 1 8  ? -0.926  -7.892  -2.777  1.00 29.22  ? 1410 A   A C8    1 
ATOM   164 N N7    . A   A 1 8  ? -0.037  -7.301  -2.011  1.00 37.52  ? 1410 A   A N7    1 
ATOM   165 C C5    . A   A 1 8  ? -0.389  -7.692  -0.727  1.00 32.48  ? 1410 A   A C5    1 
ATOM   166 C C6    . A   A 1 8  ? 0.159   -7.404  0.540   1.00 28.35  ? 1410 A   A C6    1 
ATOM   167 N N6    . A   A 1 8  ? 1.224   -6.623  0.733   1.00 30.15  ? 1410 A   A N6    1 
ATOM   168 N N1    . A   A 1 8  ? -0.434  -7.952  1.618   1.00 20.87  ? 1410 A   A N1    1 
ATOM   169 C C2    . A   A 1 8  ? -1.505  -8.732  1.431   1.00 38.90  ? 1410 A   A C2    1 
ATOM   170 N N3    . A   A 1 8  ? -2.114  -9.077  0.295   1.00 36.80  ? 1410 A   A N3    1 
ATOM   171 C C4    . A   A 1 8  ? -1.498  -8.518  -0.758  1.00 36.06  ? 1410 A   A C4    1 
ATOM   172 P P     . C   A 1 9  ? -5.881  -5.822  -3.933  1.00 45.96  ? 1411 C   A P     1 
ATOM   173 O OP1   . C   A 1 9  ? -7.242  -5.577  -4.471  1.00 52.84  ? 1411 C   A OP1   1 
ATOM   174 O OP2   . C   A 1 9  ? -4.756  -4.953  -4.359  1.00 54.16  ? 1411 C   A OP2   1 
ATOM   175 O "O5'" . C   A 1 9  ? -5.971  -5.761  -2.348  1.00 42.93  ? 1411 C   A "O5'" 1 
ATOM   176 C "C5'" . C   A 1 9  ? -6.849  -6.624  -1.653  1.00 36.36  ? 1411 C   A "C5'" 1 
ATOM   177 C "C4'" . C   A 1 9  ? -6.499  -6.658  -0.193  1.00 33.83  ? 1411 C   A "C4'" 1 
ATOM   178 O "O4'" . C   A 1 9  ? -5.121  -7.088  -0.036  1.00 33.48  ? 1411 C   A "O4'" 1 
ATOM   179 C "C3'" . C   A 1 9  ? -6.511  -5.330  0.540   1.00 36.14  ? 1411 C   A "C3'" 1 
ATOM   180 O "O3'" . C   A 1 9  ? -7.835  -4.936  0.871   1.00 30.88  ? 1411 C   A "O3'" 1 
ATOM   181 C "C2'" . C   A 1 9  ? -5.705  -5.684  1.781   1.00 35.11  ? 1411 C   A "C2'" 1 
ATOM   182 O "O2'" . C   A 1 9  ? -6.460  -6.459  2.685   1.00 41.28  ? 1411 C   A "O2'" 1 
ATOM   183 C "C1'" . C   A 1 9  ? -4.612  -6.567  1.182   1.00 31.24  ? 1411 C   A "C1'" 1 
ATOM   184 N N1    . C   A 1 9  ? -3.390  -5.802  0.905   1.00 28.91  ? 1411 C   A N1    1 
ATOM   185 C C2    . C   A 1 9  ? -2.545  -5.506  1.975   1.00 30.18  ? 1411 C   A C2    1 
ATOM   186 O O2    . C   A 1 9  ? -2.848  -5.924  3.099   1.00 30.54  ? 1411 C   A O2    1 
ATOM   187 N N3    . C   A 1 9  ? -1.426  -4.779  1.760   1.00 30.67  ? 1411 C   A N3    1 
ATOM   188 C C4    . C   A 1 9  ? -1.138  -4.351  0.529   1.00 32.55  ? 1411 C   A C4    1 
ATOM   189 N N4    . C   A 1 9  ? -0.033  -3.617  0.367   1.00 35.87  ? 1411 C   A N4    1 
ATOM   190 C C5    . C   A 1 9  ? -1.975  -4.653  -0.589  1.00 21.48  ? 1411 C   A C5    1 
ATOM   191 C C6    . C   A 1 9  ? -3.083  -5.374  -0.357  1.00 24.67  ? 1411 C   A C6    1 
ATOM   192 P P     . C   A 1 10 ? -8.114  -3.440  1.382   1.00 42.29  ? 1412 C   A P     1 
ATOM   193 O OP1   . C   A 1 10 ? -9.569  -3.346  1.658   1.00 43.34  ? 1412 C   A OP1   1 
ATOM   194 O OP2   . C   A 1 10 ? -7.475  -2.457  0.466   1.00 37.94  ? 1412 C   A OP2   1 
ATOM   195 O "O5'" . C   A 1 10 ? -7.369  -3.367  2.784   1.00 37.86  ? 1412 C   A "O5'" 1 
ATOM   196 C "C5'" . C   A 1 10 ? -7.900  -4.042  3.911   1.00 32.30  ? 1412 C   A "C5'" 1 
ATOM   197 C "C4'" . C   A 1 10 ? -7.188  -3.602  5.162   1.00 35.52  ? 1412 C   A "C4'" 1 
ATOM   198 O "O4'" . C   A 1 10 ? -5.784  -3.964  5.079   1.00 39.05  ? 1412 C   A "O4'" 1 
ATOM   199 C "C3'" . C   A 1 10 ? -7.129  -2.107  5.401   1.00 37.81  ? 1412 C   A "C3'" 1 
ATOM   200 O "O3'" . C   A 1 10 ? -8.347  -1.610  5.927   1.00 42.08  ? 1412 C   A "O3'" 1 
ATOM   201 C "C2'" . C   A 1 10 ? -5.990  -2.019  6.407   1.00 38.76  ? 1412 C   A "C2'" 1 
ATOM   202 O "O2'" . C   A 1 10 ? -6.365  -2.470  7.695   1.00 32.00  ? 1412 C   A "O2'" 1 
ATOM   203 C "C1'" . C   A 1 10 ? -5.010  -3.028  5.815   1.00 37.12  ? 1412 C   A "C1'" 1 
ATOM   204 N N1    . C   A 1 10 ? -4.015  -2.420  4.914   1.00 41.79  ? 1412 C   A N1    1 
ATOM   205 C C2    . C   A 1 10 ? -2.876  -1.820  5.476   1.00 44.84  ? 1412 C   A C2    1 
ATOM   206 O O2    . C   A 1 10 ? -2.767  -1.777  6.709   1.00 53.06  ? 1412 C   A O2    1 
ATOM   207 N N3    . C   A 1 10 ? -1.927  -1.300  4.661   1.00 40.95  ? 1412 C   A N3    1 
ATOM   208 C C4    . C   A 1 10 ? -2.084  -1.358  3.338   1.00 43.11  ? 1412 C   A C4    1 
ATOM   209 N N4    . C   A 1 10 ? -1.106  -0.864  2.573   1.00 43.87  ? 1412 C   A N4    1 
ATOM   210 C C5    . C   A 1 10 ? -3.247  -1.933  2.738   1.00 43.00  ? 1412 C   A C5    1 
ATOM   211 C C6    . C   A 1 10 ? -4.179  -2.446  3.557   1.00 35.32  ? 1412 C   A C6    1 
ATOM   212 P P     . G   A 1 11 ? -8.684  -0.047  5.796   1.00 44.65  ? 1488 G   A P     1 
ATOM   213 O OP1   . G   A 1 11 ? -9.996  0.137   6.464   1.00 51.37  ? 1488 G   A OP1   1 
ATOM   214 O OP2   . G   A 1 11 ? -8.516  0.379   4.386   1.00 39.78  ? 1488 G   A OP2   1 
ATOM   215 O "O5'" . G   A 1 11 ? -7.564  0.663   6.679   1.00 34.16  ? 1488 G   A "O5'" 1 
ATOM   216 C "C5'" . G   A 1 11 ? -7.572  0.515   8.093   1.00 41.05  ? 1488 G   A "C5'" 1 
ATOM   217 C "C4'" . G   A 1 11 ? -6.380  1.200   8.714   1.00 44.04  ? 1488 G   A "C4'" 1 
ATOM   218 O "O4'" . G   A 1 11 ? -5.152  0.573   8.259   1.00 48.88  ? 1488 G   A "O4'" 1 
ATOM   219 C "C3'" . G   A 1 11 ? -6.166  2.660   8.372   1.00 43.27  ? 1488 G   A "C3'" 1 
ATOM   220 O "O3'" . G   A 1 11 ? -7.008  3.500   9.145   1.00 50.40  ? 1488 G   A "O3'" 1 
ATOM   221 C "C2'" . G   A 1 11 ? -4.711  2.838   8.770   1.00 43.40  ? 1488 G   A "C2'" 1 
ATOM   222 O "O2'" . G   A 1 11 ? -4.565  2.901   10.172  1.00 40.02  ? 1488 G   A "O2'" 1 
ATOM   223 C "C1'" . G   A 1 11 ? -4.107  1.529   8.265   1.00 39.13  ? 1488 G   A "C1'" 1 
ATOM   224 N N9    . G   A 1 11 ? -3.571  1.647   6.912   1.00 41.18  ? 1488 G   A N9    1 
ATOM   225 C C8    . G   A 1 11 ? -4.186  1.298   5.734   1.00 38.71  ? 1488 G   A C8    1 
ATOM   226 N N7    . G   A 1 11 ? -3.444  1.526   4.683   1.00 39.63  ? 1488 G   A N7    1 
ATOM   227 C C5    . G   A 1 11 ? -2.270  2.057   5.200   1.00 41.53  ? 1488 G   A C5    1 
ATOM   228 C C6    . G   A 1 11 ? -1.088  2.495   4.544   1.00 42.27  ? 1488 G   A C6    1 
ATOM   229 O O6    . G   A 1 11 ? -0.830  2.497   3.333   1.00 45.27  ? 1488 G   A O6    1 
ATOM   230 N N1    . G   A 1 11 ? -0.146  2.965   5.453   1.00 39.81  ? 1488 G   A N1    1 
ATOM   231 C C2    . G   A 1 11 ? -0.315  3.009   6.815   1.00 49.46  ? 1488 G   A C2    1 
ATOM   232 N N2    . G   A 1 11 ? 0.710   3.502   7.530   1.00 53.76  ? 1488 G   A N2    1 
ATOM   233 N N3    . G   A 1 11 ? -1.407  2.601   7.437   1.00 45.33  ? 1488 G   A N3    1 
ATOM   234 C C4    . G   A 1 11 ? -2.336  2.140   6.575   1.00 42.73  ? 1488 G   A C4    1 
ATOM   235 P P     . G   A 1 12 ? -7.302  5.002   8.649   1.00 61.42  ? 1489 G   A P     1 
ATOM   236 O OP1   . G   A 1 12 ? -8.319  5.565   9.578   1.00 56.34  ? 1489 G   A OP1   1 
ATOM   237 O OP2   . G   A 1 12 ? -7.576  4.986   7.184   1.00 48.57  ? 1489 G   A OP2   1 
ATOM   238 O "O5'" . G   A 1 12 ? -5.920  5.754   8.900   1.00 43.57  ? 1489 G   A "O5'" 1 
ATOM   239 C "C5'" . G   A 1 12 ? -5.394  5.865   10.218  1.00 54.88  ? 1489 G   A "C5'" 1 
ATOM   240 C "C4'" . G   A 1 12 ? -4.061  6.571   10.195  1.00 63.06  ? 1489 G   A "C4'" 1 
ATOM   241 O "O4'" . G   A 1 12 ? -3.057  5.721   9.576   1.00 64.08  ? 1489 G   A "O4'" 1 
ATOM   242 C "C3'" . G   A 1 12 ? -4.010  7.842   9.367   1.00 64.65  ? 1489 G   A "C3'" 1 
ATOM   243 O "O3'" . G   A 1 12 ? -4.533  8.961   10.063  1.00 61.58  ? 1489 G   A "O3'" 1 
ATOM   244 C "C2'" . G   A 1 12 ? -2.518  7.977   9.119   1.00 62.63  ? 1489 G   A "C2'" 1 
ATOM   245 O "O2'" . G   A 1 12 ? -1.831  8.454   10.261  1.00 60.20  ? 1489 G   A "O2'" 1 
ATOM   246 C "C1'" . G   A 1 12 ? -2.143  6.520   8.840   1.00 58.03  ? 1489 G   A "C1'" 1 
ATOM   247 N N9    . G   A 1 12 ? -2.296  6.203   7.423   1.00 50.12  ? 1489 G   A N9    1 
ATOM   248 C C8    . G   A 1 12 ? -3.392  5.640   6.816   1.00 50.72  ? 1489 G   A C8    1 
ATOM   249 N N7    . G   A 1 12 ? -3.252  5.511   5.525   1.00 52.16  ? 1489 G   A N7    1 
ATOM   250 C C5    . G   A 1 12 ? -1.985  6.013   5.263   1.00 48.03  ? 1489 G   A C5    1 
ATOM   251 C C6    . G   A 1 12 ? -1.285  6.149   4.036   1.00 51.32  ? 1489 G   A C6    1 
ATOM   252 O O6    . G   A 1 12 ? -1.665  5.851   2.895   1.00 54.03  ? 1489 G   A O6    1 
ATOM   253 N N1    . G   A 1 12 ? -0.023  6.703   4.225   1.00 50.24  ? 1489 G   A N1    1 
ATOM   254 C C2    . G   A 1 12 ? 0.499   7.084   5.439   1.00 52.48  ? 1489 G   A C2    1 
ATOM   255 N N2    . G   A 1 12 ? 1.739   7.598   5.419   1.00 49.07  ? 1489 G   A N2    1 
ATOM   256 N N3    . G   A 1 12 ? -0.147  6.971   6.589   1.00 47.52  ? 1489 G   A N3    1 
ATOM   257 C C4    . G   A 1 12 ? -1.375  6.432   6.428   1.00 49.94  ? 1489 G   A C4    1 
ATOM   258 P P     . U   A 1 13 ? -5.202  10.157  9.231   1.00 64.36  ? 1490 U   A P     1 
ATOM   259 O OP1   . U   A 1 13 ? -5.767  11.114  10.216  1.00 61.61  ? 1490 U   A OP1   1 
ATOM   260 O OP2   . U   A 1 13 ? -6.085  9.560   8.194   1.00 55.79  ? 1490 U   A OP2   1 
ATOM   261 O "O5'" . U   A 1 13 ? -3.971  10.847  8.490   1.00 63.17  ? 1490 U   A "O5'" 1 
ATOM   262 C "C5'" . U   A 1 13 ? -2.859  11.349  9.226   1.00 57.86  ? 1490 U   A "C5'" 1 
ATOM   263 C "C4'" . U   A 1 13 ? -1.739  11.726  8.287   1.00 64.85  ? 1490 U   A "C4'" 1 
ATOM   264 O "O4'" . U   A 1 13 ? -1.281  10.540  7.585   1.00 66.50  ? 1490 U   A "O4'" 1 
ATOM   265 C "C3'" . U   A 1 13 ? -2.107  12.687  7.169   1.00 68.94  ? 1490 U   A "C3'" 1 
ATOM   266 O "O3'" . U   A 1 13 ? -2.066  14.037  7.616   1.00 72.05  ? 1490 U   A "O3'" 1 
ATOM   267 C "C2'" . U   A 1 13 ? -1.018  12.408  6.141   1.00 69.57  ? 1490 U   A "C2'" 1 
ATOM   268 O "O2'" . U   A 1 13 ? 0.212   13.037  6.449   1.00 71.40  ? 1490 U   A "O2'" 1 
ATOM   269 C "C1'" . U   A 1 13 ? -0.867  10.892  6.273   1.00 64.47  ? 1490 U   A "C1'" 1 
ATOM   270 N N1    . U   A 1 13 ? -1.696  10.159  5.307   1.00 60.02  ? 1490 U   A N1    1 
ATOM   271 C C2    . U   A 1 13 ? -1.202  10.018  4.028   1.00 56.02  ? 1490 U   A C2    1 
ATOM   272 O O2    . U   A 1 13 ? -0.121  10.463  3.691   1.00 56.46  ? 1490 U   A O2    1 
ATOM   273 N N3    . U   A 1 13 ? -2.020  9.340   3.159   1.00 55.36  ? 1490 U   A N3    1 
ATOM   274 C C4    . U   A 1 13 ? -3.258  8.797   3.435   1.00 57.53  ? 1490 U   A C4    1 
ATOM   275 O O4    . U   A 1 13 ? -3.893  8.243   2.532   1.00 54.89  ? 1490 U   A O4    1 
ATOM   276 C C5    . U   A 1 13 ? -3.698  8.977   4.787   1.00 55.99  ? 1490 U   A C5    1 
ATOM   277 C C6    . U   A 1 13 ? -2.921  9.635   5.655   1.00 56.13  ? 1490 U   A C6    1 
ATOM   278 P P     . G   A 1 14 ? -2.924  15.155  6.846   1.00 66.37  ? 1491 G   A P     1 
ATOM   279 O OP1   . G   A 1 14 ? -2.710  16.433  7.572   1.00 74.05  ? 1491 G   A OP1   1 
ATOM   280 O OP2   . G   A 1 14 ? -4.305  14.646  6.643   1.00 57.58  ? 1491 G   A OP2   1 
ATOM   281 O "O5'" . G   A 1 14 ? -2.226  15.268  5.420   1.00 68.58  ? 1491 G   A "O5'" 1 
ATOM   282 C "C5'" . G   A 1 14 ? -0.868  15.681  5.298   1.00 64.15  ? 1491 G   A "C5'" 1 
ATOM   283 C "C4'" . G   A 1 14 ? -0.436  15.605  3.855   1.00 66.75  ? 1491 G   A "C4'" 1 
ATOM   284 O "O4'" . G   A 1 14 ? -0.500  14.228  3.415   1.00 68.73  ? 1491 G   A "O4'" 1 
ATOM   285 C "C3'" . G   A 1 14 ? -1.328  16.354  2.879   1.00 71.90  ? 1491 G   A "C3'" 1 
ATOM   286 O "O3'" . G   A 1 14 ? -0.916  17.714  2.787   1.00 77.80  ? 1491 G   A "O3'" 1 
ATOM   287 C "C2'" . G   A 1 14 ? -1.086  15.620  1.563   1.00 74.31  ? 1491 G   A "C2'" 1 
ATOM   288 O "O2'" . G   A 1 14 ? 0.045   16.101  0.860   1.00 74.13  ? 1491 G   A "O2'" 1 
ATOM   289 C "C1'" . G   A 1 14 ? -0.834  14.186  2.040   1.00 72.77  ? 1491 G   A "C1'" 1 
ATOM   290 N N9    . G   A 1 14 ? -1.948  13.262  1.858   1.00 68.08  ? 1491 G   A N9    1 
ATOM   291 C C8    . G   A 1 14 ? -2.912  12.925  2.777   1.00 65.98  ? 1491 G   A C8    1 
ATOM   292 N N7    . G   A 1 14 ? -3.763  12.043  2.326   1.00 67.74  ? 1491 G   A N7    1 
ATOM   293 C C5    . G   A 1 14 ? -3.338  11.788  1.028   1.00 67.59  ? 1491 G   A C5    1 
ATOM   294 C C6    . G   A 1 14 ? -3.864  10.913  0.042   1.00 68.33  ? 1491 G   A C6    1 
ATOM   295 O O6    . G   A 1 14 ? -4.841  10.157  0.121   1.00 75.90  ? 1491 G   A O6    1 
ATOM   296 N N1    . G   A 1 14 ? -3.126  10.969  -1.135  1.00 66.57  ? 1491 G   A N1    1 
ATOM   297 C C2    . G   A 1 14 ? -2.021  11.759  -1.337  1.00 69.13  ? 1491 G   A C2    1 
ATOM   298 N N2    . G   A 1 14 ? -1.445  11.678  -2.546  1.00 69.35  ? 1491 G   A N2    1 
ATOM   299 N N3    . G   A 1 14 ? -1.519  12.574  -0.424  1.00 62.90  ? 1491 G   A N3    1 
ATOM   300 C C4    . G   A 1 14 ? -2.222  12.538  0.725   1.00 65.31  ? 1491 G   A C4    1 
ATOM   301 P P     . A   A 1 15 ? -1.974  18.884  3.079   1.00 82.80  ? 1492 A   A P     1 
ATOM   302 O OP1   . A   A 1 15 ? -1.660  19.432  4.423   1.00 82.16  ? 1492 A   A OP1   1 
ATOM   303 O OP2   . A   A 1 15 ? -3.334  18.347  2.802   1.00 84.43  ? 1492 A   A OP2   1 
ATOM   304 O "O5'" . A   A 1 15 ? -1.636  20.000  1.991   1.00 80.43  ? 1492 A   A "O5'" 1 
ATOM   305 C "C5'" . A   A 1 15 ? -1.675  19.704  0.597   1.00 78.75  ? 1492 A   A "C5'" 1 
ATOM   306 C "C4'" . A   A 1 15 ? -1.651  20.982  -0.209  1.00 77.85  ? 1492 A   A "C4'" 1 
ATOM   307 O "O4'" . A   A 1 15 ? -0.527  21.784  0.229   1.00 81.10  ? 1492 A   A "O4'" 1 
ATOM   308 C "C3'" . A   A 1 15 ? -1.429  20.814  -1.706  1.00 80.96  ? 1492 A   A "C3'" 1 
ATOM   309 O "O3'" . A   A 1 15 ? -2.657  20.692  -2.422  1.00 97.55  ? 1492 A   A "O3'" 1 
ATOM   310 C "C2'" . A   A 1 15 ? -0.833  22.160  -2.107  1.00 77.48  ? 1492 A   A "C2'" 1 
ATOM   311 O "O2'" . A   A 1 15 ? -1.810  23.123  -2.436  1.00 68.14  ? 1492 A   A "O2'" 1 
ATOM   312 C "C1'" . A   A 1 15 ? -0.099  22.600  -0.842  1.00 75.25  ? 1492 A   A "C1'" 1 
ATOM   313 N N9    . A   A 1 15 ? 1.361   22.572  -0.932  1.00 64.15  ? 1492 A   A N9    1 
ATOM   314 C C8    . A   A 1 15 ? 2.214   23.600  -0.630  1.00 58.37  ? 1492 A   A C8    1 
ATOM   315 N N7    . A   A 1 15 ? 3.477   23.314  -0.824  1.00 58.78  ? 1492 A   A N7    1 
ATOM   316 C C5    . A   A 1 15 ? 3.454   22.007  -1.278  1.00 54.18  ? 1492 A   A C5    1 
ATOM   317 C C6    . A   A 1 15 ? 4.477   21.124  -1.653  1.00 53.33  ? 1492 A   A C6    1 
ATOM   318 N N6    . A   A 1 15 ? 5.770   21.444  -1.633  1.00 47.38  ? 1492 A   A N6    1 
ATOM   319 N N1    . A   A 1 15 ? 4.123   19.885  -2.054  1.00 57.05  ? 1492 A   A N1    1 
ATOM   320 C C2    . A   A 1 15 ? 2.821   19.570  -2.075  1.00 62.23  ? 1492 A   A C2    1 
ATOM   321 N N3    . A   A 1 15 ? 1.767   20.315  -1.746  1.00 61.63  ? 1492 A   A N3    1 
ATOM   322 C C4    . A   A 1 15 ? 2.158   21.536  -1.350  1.00 56.56  ? 1492 A   A C4    1 
ATOM   323 P P     . A   A 1 16 ? -3.533  19.353  -2.312  1.00 101.26 ? 1493 A   A P     1 
ATOM   324 O OP1   . A   A 1 16 ? -2.740  18.352  -1.557  1.00 106.86 ? 1493 A   A OP1   1 
ATOM   325 O OP2   . A   A 1 16 ? -4.041  19.009  -3.661  1.00 95.37  ? 1493 A   A OP2   1 
ATOM   326 O "O5'" . A   A 1 16 ? -4.767  19.822  -1.421  1.00 103.49 ? 1493 A   A "O5'" 1 
ATOM   327 C "C5'" . A   A 1 16 ? -6.104  19.524  -1.801  1.00 114.66 ? 1493 A   A "C5'" 1 
ATOM   328 C "C4'" . A   A 1 16 ? -6.740  20.715  -2.487  1.00 121.73 ? 1493 A   A "C4'" 1 
ATOM   329 O "O4'" . A   A 1 16 ? -6.725  21.867  -1.606  1.00 123.70 ? 1493 A   A "O4'" 1 
ATOM   330 C "C3'" . A   A 1 16 ? -6.048  21.227  -3.740  1.00 126.61 ? 1493 A   A "C3'" 1 
ATOM   331 O "O3'" . A   A 1 16 ? -6.421  20.437  -4.867  1.00 130.74 ? 1493 A   A "O3'" 1 
ATOM   332 C "C2'" . A   A 1 16 ? -6.603  22.645  -3.856  1.00 127.94 ? 1493 A   A "C2'" 1 
ATOM   333 O "O2'" . A   A 1 16 ? -7.871  22.687  -4.479  1.00 133.33 ? 1493 A   A "O2'" 1 
ATOM   334 C "C1'" . A   A 1 16 ? -6.741  23.053  -2.386  1.00 126.97 ? 1493 A   A "C1'" 1 
ATOM   335 N N9    . A   A 1 16 ? -5.677  23.946  -1.922  1.00 126.82 ? 1493 A   A N9    1 
ATOM   336 C C8    . A   A 1 16 ? -4.339  23.670  -1.810  1.00 126.22 ? 1493 A   A C8    1 
ATOM   337 N N7    . A   A 1 16 ? -3.623  24.682  -1.379  1.00 122.12 ? 1493 A   A N7    1 
ATOM   338 C C5    . A   A 1 16 ? -4.554  25.693  -1.190  1.00 121.48 ? 1493 A   A C5    1 
ATOM   339 C C6    . A   A 1 16 ? -4.431  27.022  -0.742  1.00 117.41 ? 1493 A   A C6    1 
ATOM   340 N N6    . A   A 1 16 ? -3.271  27.581  -0.392  1.00 115.71 ? 1493 A   A N6    1 
ATOM   341 N N1    . A   A 1 16 ? -5.558  27.765  -0.665  1.00 115.41 ? 1493 A   A N1    1 
ATOM   342 C C2    . A   A 1 16 ? -6.720  27.204  -1.016  1.00 117.60 ? 1493 A   A C2    1 
ATOM   343 N N3    . A   A 1 16 ? -6.964  25.968  -1.452  1.00 122.53 ? 1493 A   A N3    1 
ATOM   344 C C4    . A   A 1 16 ? -5.825  25.255  -1.518  1.00 124.72 ? 1493 A   A C4    1 
ATOM   345 P P     . G   A 1 17 ? -5.508  20.448  -6.191  1.00 130.91 ? 1494 G   A P     1 
ATOM   346 O OP1   . G   A 1 17 ? -4.186  19.867  -5.846  1.00 127.09 ? 1494 G   A OP1   1 
ATOM   347 O OP2   . G   A 1 17 ? -5.576  21.801  -6.804  1.00 125.60 ? 1494 G   A OP2   1 
ATOM   348 O "O5'" . G   A 1 17 ? -6.244  19.427  -7.168  1.00 114.04 ? 1494 G   A "O5'" 1 
ATOM   349 C "C5'" . G   A 1 17 ? -5.934  19.413  -8.553  1.00 103.33 ? 1494 G   A "C5'" 1 
ATOM   350 C "C4'" . G   A 1 17 ? -6.118  18.028  -9.123  1.00 92.24  ? 1494 G   A "C4'" 1 
ATOM   351 O "O4'" . G   A 1 17 ? -5.270  17.090  -8.405  1.00 83.94  ? 1494 G   A "O4'" 1 
ATOM   352 C "C3'" . G   A 1 17 ? -7.497  17.415  -8.976  1.00 88.73  ? 1494 G   A "C3'" 1 
ATOM   353 O "O3'" . G   A 1 17 ? -8.406  17.894  -9.954  1.00 88.03  ? 1494 G   A "O3'" 1 
ATOM   354 C "C2'" . G   A 1 17 ? -7.187  15.942  -9.184  1.00 84.70  ? 1494 G   A "C2'" 1 
ATOM   355 O "O2'" . G   A 1 17 ? -6.974  15.611  -10.539 1.00 90.02  ? 1494 G   A "O2'" 1 
ATOM   356 C "C1'" . G   A 1 17 ? -5.880  15.810  -8.405  1.00 77.36  ? 1494 G   A "C1'" 1 
ATOM   357 N N9    . G   A 1 17 ? -6.167  15.431  -7.029  1.00 70.58  ? 1494 G   A N9    1 
ATOM   358 C C8    . G   A 1 17 ? -5.912  16.150  -5.887  1.00 67.44  ? 1494 G   A C8    1 
ATOM   359 N N7    . G   A 1 17 ? -6.326  15.549  -4.804  1.00 69.27  ? 1494 G   A N7    1 
ATOM   360 C C5    . G   A 1 17 ? -6.884  14.360  -5.260  1.00 64.42  ? 1494 G   A C5    1 
ATOM   361 C C6    . G   A 1 17 ? -7.507  13.300  -4.550  1.00 57.63  ? 1494 G   A C6    1 
ATOM   362 O O6    . G   A 1 17 ? -7.704  13.197  -3.335  1.00 58.13  ? 1494 G   A O6    1 
ATOM   363 N N1    . G   A 1 17 ? -7.927  12.289  -5.407  1.00 53.16  ? 1494 G   A N1    1 
ATOM   364 C C2    . G   A 1 17 ? -7.775  12.295  -6.771  1.00 53.30  ? 1494 G   A C2    1 
ATOM   365 N N2    . G   A 1 17 ? -8.244  11.224  -7.428  1.00 47.29  ? 1494 G   A N2    1 
ATOM   366 N N3    . G   A 1 17 ? -7.204  13.278  -7.443  1.00 55.52  ? 1494 G   A N3    1 
ATOM   367 C C4    . G   A 1 17 ? -6.784  14.270  -6.630  1.00 65.82  ? 1494 G   A C4    1 
ATOM   368 P P     . U   A 1 18 ? -9.981  17.668  -9.740  1.00 86.37  ? 1495 U   A P     1 
ATOM   369 O OP1   . U   A 1 18 ? -10.691 18.468  -10.770 1.00 94.14  ? 1495 U   A OP1   1 
ATOM   370 O OP2   . U   A 1 18 ? -10.287 17.884  -8.305  1.00 82.86  ? 1495 U   A OP2   1 
ATOM   371 O "O5'" . U   A 1 18 ? -10.194 16.122  -10.064 1.00 86.19  ? 1495 U   A "O5'" 1 
ATOM   372 C "C5'" . U   A 1 18 ? -9.837  15.584  -11.334 1.00 85.54  ? 1495 U   A "C5'" 1 
ATOM   373 C "C4'" . U   A 1 18 ? -10.418 14.200  -11.496 1.00 82.83  ? 1495 U   A "C4'" 1 
ATOM   374 O "O4'" . U   A 1 18 ? -9.844  13.314  -10.502 1.00 82.16  ? 1495 U   A "O4'" 1 
ATOM   375 C "C3'" . U   A 1 18 ? -11.914 14.106  -11.262 1.00 85.54  ? 1495 U   A "C3'" 1 
ATOM   376 O "O3'" . U   A 1 18 ? -12.627 14.430  -12.447 1.00 91.48  ? 1495 U   A "O3'" 1 
ATOM   377 C "C2'" . U   A 1 18 ? -12.099 12.646  -10.866 1.00 80.70  ? 1495 U   A "C2'" 1 
ATOM   378 O "O2'" . U   A 1 18 ? -12.158 11.768  -11.969 1.00 81.33  ? 1495 U   A "O2'" 1 
ATOM   379 C "C1'" . U   A 1 18 ? -10.821 12.383  -10.070 1.00 77.05  ? 1495 U   A "C1'" 1 
ATOM   380 N N1    . U   A 1 18 ? -11.000 12.547  -8.623  1.00 73.17  ? 1495 U   A N1    1 
ATOM   381 C C2    . U   A 1 18 ? -11.574 11.506  -7.930  1.00 71.38  ? 1495 U   A C2    1 
ATOM   382 O O2    . U   A 1 18 ? -11.952 10.482  -8.475  1.00 75.77  ? 1495 U   A O2    1 
ATOM   383 N N3    . U   A 1 18 ? -11.691 11.707  -6.578  1.00 65.06  ? 1495 U   A N3    1 
ATOM   384 C C4    . U   A 1 18 ? -11.304 12.824  -5.870  1.00 65.51  ? 1495 U   A C4    1 
ATOM   385 O O4    . U   A 1 18 ? -11.457 12.850  -4.649  1.00 70.83  ? 1495 U   A O4    1 
ATOM   386 C C5    . U   A 1 18 ? -10.729 13.863  -6.664  1.00 68.60  ? 1495 U   A C5    1 
ATOM   387 C C6    . U   A 1 18 ? -10.601 13.693  -7.982  1.00 71.32  ? 1495 U   A C6    1 
ATOM   388 P P     . C   A 1 19 ? -14.060 15.139  -12.335 1.00 100.12 ? 1496 C   A P     1 
ATOM   389 O OP1   . C   A 1 19 ? -14.658 15.188  -13.695 1.00 95.84  ? 1496 C   A OP1   1 
ATOM   390 O OP2   . C   A 1 19 ? -13.881 16.397  -11.561 1.00 100.12 ? 1496 C   A OP2   1 
ATOM   391 O "O5'" . C   A 1 19 ? -14.913 14.119  -11.461 1.00 90.48  ? 1496 C   A "O5'" 1 
ATOM   392 C "C5'" . C   A 1 19 ? -15.289 12.855  -11.987 1.00 82.47  ? 1496 C   A "C5'" 1 
ATOM   393 C "C4'" . C   A 1 19 ? -16.061 12.074  -10.957 1.00 79.98  ? 1496 C   A "C4'" 1 
ATOM   394 O "O4'" . C   A 1 19 ? -15.179 11.697  -9.866  1.00 71.72  ? 1496 C   A "O4'" 1 
ATOM   395 C "C3'" . C   A 1 19 ? -17.164 12.847  -10.259 1.00 82.94  ? 1496 C   A "C3'" 1 
ATOM   396 O "O3'" . C   A 1 19 ? -18.342 12.937  -11.046 1.00 92.51  ? 1496 C   A "O3'" 1 
ATOM   397 C "C2'" . C   A 1 19 ? -17.364 12.029  -8.992  1.00 77.76  ? 1496 C   A "C2'" 1 
ATOM   398 O "O2'" . C   A 1 19 ? -18.150 10.868  -9.192  1.00 71.80  ? 1496 C   A "O2'" 1 
ATOM   399 C "C1'" . C   A 1 19 ? -15.919 11.653  -8.655  1.00 71.71  ? 1496 C   A "C1'" 1 
ATOM   400 N N1    . C   A 1 19 ? -15.314 12.603  -7.712  1.00 69.95  ? 1496 C   A N1    1 
ATOM   401 C C2    . C   A 1 19 ? -15.575 12.452  -6.347  1.00 69.18  ? 1496 C   A C2    1 
ATOM   402 O O2    . C   A 1 19 ? -16.288 11.515  -5.976  1.00 68.16  ? 1496 C   A O2    1 
ATOM   403 N N3    . C   A 1 19 ? -15.040 13.329  -5.470  1.00 72.86  ? 1496 C   A N3    1 
ATOM   404 C C4    . C   A 1 19 ? -14.269 14.326  -5.911  1.00 75.25  ? 1496 C   A C4    1 
ATOM   405 N N4    . C   A 1 19 ? -13.762 15.169  -5.008  1.00 77.16  ? 1496 C   A N4    1 
ATOM   406 C C5    . C   A 1 19 ? -13.982 14.500  -7.297  1.00 74.57  ? 1496 C   A C5    1 
ATOM   407 C C6    . C   A 1 19 ? -14.518 13.621  -8.155  1.00 71.79  ? 1496 C   A C6    1 
ATOM   408 P P     . G   A 1 20 ? -19.328 14.190  -10.845 1.00 96.86  ? 1497 G   A P     1 
ATOM   409 O OP1   . G   A 1 20 ? -20.347 14.131  -11.924 1.00 95.88  ? 1497 G   A OP1   1 
ATOM   410 O OP2   . G   A 1 20 ? -18.493 15.412  -10.689 1.00 87.96  ? 1497 G   A OP2   1 
ATOM   411 O "O5'" . G   A 1 20 ? -20.050 13.881  -9.457  1.00 89.88  ? 1497 G   A "O5'" 1 
ATOM   412 C "C5'" . G   A 1 20 ? -20.861 12.719  -9.308  1.00 83.33  ? 1497 G   A "C5'" 1 
ATOM   413 C "C4'" . G   A 1 20 ? -21.367 12.599  -7.888  1.00 84.35  ? 1497 G   A "C4'" 1 
ATOM   414 O "O4'" . G   A 1 20 ? -20.256 12.371  -6.980  1.00 79.50  ? 1497 G   A "O4'" 1 
ATOM   415 C "C3'" . G   A 1 20 ? -22.053 13.820  -7.296  1.00 87.50  ? 1497 G   A "C3'" 1 
ATOM   416 O "O3'" . G   A 1 20 ? -23.402 13.947  -7.743  1.00 93.54  ? 1497 G   A "O3'" 1 
ATOM   417 C "C2'" . G   A 1 20 ? -21.976 13.522  -5.802  1.00 82.08  ? 1497 G   A "C2'" 1 
ATOM   418 O "O2'" . G   A 1 20 ? -22.973 12.619  -5.366  1.00 83.03  ? 1497 G   A "O2'" 1 
ATOM   419 C "C1'" . G   A 1 20 ? -20.597 12.863  -5.691  1.00 76.31  ? 1497 G   A "C1'" 1 
ATOM   420 N N9    . G   A 1 20 ? -19.563 13.793  -5.243  1.00 68.34  ? 1497 G   A N9    1 
ATOM   421 C C8    . G   A 1 20 ? -18.625 14.439  -6.014  1.00 58.39  ? 1497 G   A C8    1 
ATOM   422 N N7    . G   A 1 20 ? -17.848 15.229  -5.320  1.00 54.45  ? 1497 G   A N7    1 
ATOM   423 C C5    . G   A 1 20 ? -18.297 15.093  -4.012  1.00 54.33  ? 1497 G   A C5    1 
ATOM   424 C C6    . G   A 1 20 ? -17.838 15.705  -2.808  1.00 49.72  ? 1497 G   A C6    1 
ATOM   425 O O6    . G   A 1 20 ? -16.924 16.526  -2.658  1.00 46.00  ? 1497 G   A O6    1 
ATOM   426 N N1    . G   A 1 20 ? -18.569 15.275  -1.702  1.00 46.86  ? 1497 G   A N1    1 
ATOM   427 C C2    . G   A 1 20 ? -19.613 14.378  -1.746  1.00 56.67  ? 1497 G   A C2    1 
ATOM   428 N N2    . G   A 1 20 ? -20.201 14.093  -0.575  1.00 48.48  ? 1497 G   A N2    1 
ATOM   429 N N3    . G   A 1 20 ? -20.052 13.806  -2.860  1.00 52.31  ? 1497 G   A N3    1 
ATOM   430 C C4    . G   A 1 20 ? -19.351 14.206  -3.946  1.00 60.66  ? 1497 G   A C4    1 
ATOM   431 P P     . C   A 1 21 ? -24.125 15.387  -7.710  1.00 94.70  ? 1498 C   A P     1 
ATOM   432 O OP1   . C   A 1 21 ? -25.431 15.236  -8.404  1.00 94.91  ? 1498 C   A OP1   1 
ATOM   433 O OP2   . C   A 1 21 ? -23.162 16.418  -8.180  1.00 85.57  ? 1498 C   A OP2   1 
ATOM   434 O "O5'" . C   A 1 21 ? -24.410 15.643  -6.159  1.00 89.03  ? 1498 C   A "O5'" 1 
ATOM   435 C "C5'" . C   A 1 21 ? -25.148 14.699  -5.383  1.00 82.99  ? 1498 C   A "C5'" 1 
ATOM   436 C "C4'" . C   A 1 21 ? -24.956 14.970  -3.908  1.00 77.53  ? 1498 C   A "C4'" 1 
ATOM   437 O "O4'" . C   A 1 21 ? -23.544 14.889  -3.588  1.00 78.98  ? 1498 C   A "O4'" 1 
ATOM   438 C "C3'" . C   A 1 21 ? -25.352 16.358  -3.441  1.00 77.07  ? 1498 C   A "C3'" 1 
ATOM   439 O "O3'" . C   A 1 21 ? -26.765 16.482  -3.246  1.00 81.52  ? 1498 C   A "O3'" 1 
ATOM   440 C "C2'" . C   A 1 21 ? -24.532 16.525  -2.168  1.00 78.83  ? 1498 C   A "C2'" 1 
ATOM   441 O "O2'" . C   A 1 21 ? -25.120 15.900  -1.044  1.00 79.04  ? 1498 C   A "O2'" 1 
ATOM   442 C "C1'" . C   A 1 21 ? -23.240 15.795  -2.540  1.00 77.35  ? 1498 C   A "C1'" 1 
ATOM   443 N N1    . C   A 1 21 ? -22.149 16.678  -2.990  1.00 73.36  ? 1498 C   A N1    1 
ATOM   444 C C2    . C   A 1 21 ? -21.396 17.372  -2.030  1.00 64.72  ? 1498 C   A C2    1 
ATOM   445 O O2    . C   A 1 21 ? -21.689 17.247  -0.831  1.00 52.48  ? 1498 C   A O2    1 
ATOM   446 N N3    . C   A 1 21 ? -20.371 18.159  -2.436  1.00 59.15  ? 1498 C   A N3    1 
ATOM   447 C C4    . C   A 1 21 ? -20.088 18.267  -3.737  1.00 63.58  ? 1498 C   A C4    1 
ATOM   448 N N4    . C   A 1 21 ? -19.058 19.036  -4.093  1.00 62.69  ? 1498 C   A N4    1 
ATOM   449 C C5    . C   A 1 21 ? -20.848 17.586  -4.734  1.00 66.79  ? 1498 C   A C5    1 
ATOM   450 C C6    . C   A 1 21 ? -21.859 16.812  -4.320  1.00 72.88  ? 1498 C   A C6    1 
ATOM   451 O OP3   . G   B 1 1  ? -12.252 23.139  4.008   1.00 110.99 ? 1403 G   B OP3   1 
ATOM   452 P P     . G   B 1 1  ? -13.501 23.024  3.149   1.00 109.84 ? 1403 G   B P     1 
ATOM   453 O OP1   . G   B 1 1  ? -13.476 23.981  1.965   1.00 111.15 ? 1403 G   B OP1   1 
ATOM   454 O OP2   . G   B 1 1  ? -13.817 21.593  2.750   1.00 108.66 ? 1403 G   B OP2   1 
ATOM   455 O "O5'" . G   B 1 1  ? -14.745 23.503  4.088   1.00 108.48 ? 1403 G   B "O5'" 1 
ATOM   456 C "C5'" . G   B 1 1  ? -14.884 23.031  5.444   1.00 101.40 ? 1403 G   B "C5'" 1 
ATOM   457 C "C4'" . G   B 1 1  ? -16.100 22.143  5.572   1.00 98.00  ? 1403 G   B "C4'" 1 
ATOM   458 O "O4'" . G   B 1 1  ? -17.085 22.539  4.584   1.00 95.01  ? 1403 G   B "O4'" 1 
ATOM   459 C "C3'" . G   B 1 1  ? -15.873 20.665  5.299   1.00 101.74 ? 1403 G   B "C3'" 1 
ATOM   460 O "O3'" . G   B 1 1  ? -15.411 20.013  6.482   1.00 107.07 ? 1403 G   B "O3'" 1 
ATOM   461 C "C2'" . G   B 1 1  ? -17.265 20.184  4.899   1.00 97.77  ? 1403 G   B "C2'" 1 
ATOM   462 O "O2'" . G   B 1 1  ? -18.097 19.897  6.004   1.00 103.65 ? 1403 G   B "O2'" 1 
ATOM   463 C "C1'" . G   B 1 1  ? -17.812 21.403  4.152   1.00 91.97  ? 1403 G   B "C1'" 1 
ATOM   464 N N9    . G   B 1 1  ? -17.701 21.308  2.700   1.00 86.13  ? 1403 G   B N9    1 
ATOM   465 C C8    . G   B 1 1  ? -16.810 21.968  1.890   1.00 83.62  ? 1403 G   B C8    1 
ATOM   466 N N7    . G   B 1 1  ? -16.963 21.688  0.624   1.00 83.59  ? 1403 G   B N7    1 
ATOM   467 C C5    . G   B 1 1  ? -18.017 20.786  0.597   1.00 79.73  ? 1403 G   B C5    1 
ATOM   468 C C6    . G   B 1 1  ? -18.635 20.126  -0.496  1.00 77.52  ? 1403 G   B C6    1 
ATOM   469 O O6    . G   B 1 1  ? -18.365 20.211  -1.700  1.00 77.93  ? 1403 G   B O6    1 
ATOM   470 N N1    . G   B 1 1  ? -19.664 19.295  -0.074  1.00 74.09  ? 1403 G   B N1    1 
ATOM   471 C C2    . G   B 1 1  ? -20.048 19.113  1.230   1.00 74.02  ? 1403 G   B C2    1 
ATOM   472 N N2    . G   B 1 1  ? -21.057 18.256  1.435   1.00 77.92  ? 1403 G   B N2    1 
ATOM   473 N N3    . G   B 1 1  ? -19.484 19.723  2.257   1.00 74.80  ? 1403 G   B N3    1 
ATOM   474 C C4    . G   B 1 1  ? -18.482 20.538  1.870   1.00 80.34  ? 1403 G   B C4    1 
ATOM   475 P P     . C   B 1 2  ? -14.831 18.514  6.398   1.00 108.39 ? 1404 C   B P     1 
ATOM   476 O OP1   . C   B 1 2  ? -14.483 18.109  7.783   1.00 105.21 ? 1404 C   B OP1   1 
ATOM   477 O OP2   . C   B 1 2  ? -13.799 18.447  5.330   1.00 104.23 ? 1404 C   B OP2   1 
ATOM   478 O "O5'" . C   B 1 2  ? -16.083 17.643  5.941   1.00 101.70 ? 1404 C   B "O5'" 1 
ATOM   479 C "C5'" . C   B 1 2  ? -17.099 17.279  6.869   1.00 93.79  ? 1404 C   B "C5'" 1 
ATOM   480 C "C4'" . C   B 1 2  ? -18.031 16.279  6.240   1.00 92.52  ? 1404 C   B "C4'" 1 
ATOM   481 O "O4'" . C   B 1 2  ? -18.746 16.919  5.147   1.00 89.30  ? 1404 C   B "O4'" 1 
ATOM   482 C "C3'" . C   B 1 2  ? -17.331 15.109  5.571   1.00 97.08  ? 1404 C   B "C3'" 1 
ATOM   483 O "O3'" . C   B 1 2  ? -16.950 14.098  6.494   1.00 105.20 ? 1404 C   B "O3'" 1 
ATOM   484 C "C2'" . C   B 1 2  ? -18.375 14.654  4.564   1.00 90.48  ? 1404 C   B "C2'" 1 
ATOM   485 O "O2'" . C   B 1 2  ? -19.426 13.904  5.141   1.00 86.79  ? 1404 C   B "O2'" 1 
ATOM   486 C "C1'" . C   B 1 2  ? -18.897 16.002  4.070   1.00 85.29  ? 1404 C   B "C1'" 1 
ATOM   487 N N1    . C   B 1 2  ? -18.095 16.490  2.939   1.00 76.93  ? 1404 C   B N1    1 
ATOM   488 C C2    . C   B 1 2  ? -18.452 16.105  1.644   1.00 73.11  ? 1404 C   B C2    1 
ATOM   489 O O2    . C   B 1 2  ? -19.455 15.397  1.486   1.00 64.40  ? 1404 C   B O2    1 
ATOM   490 N N3    . C   B 1 2  ? -17.696 16.520  0.600   1.00 71.47  ? 1404 C   B N3    1 
ATOM   491 C C4    . C   B 1 2  ? -16.627 17.293  0.816   1.00 72.67  ? 1404 C   B C4    1 
ATOM   492 N N4    . C   B 1 2  ? -15.903 17.671  -0.240  1.00 72.31  ? 1404 C   B N4    1 
ATOM   493 C C5    . C   B 1 2  ? -16.252 17.712  2.126   1.00 69.66  ? 1404 C   B C5    1 
ATOM   494 C C6    . C   B 1 2  ? -17.007 17.293  3.147   1.00 72.91  ? 1404 C   B C6    1 
ATOM   495 P P     . G   B 1 3  ? -15.688 13.160  6.158   1.00 110.41 ? 1405 G   B P     1 
ATOM   496 O OP1   . G   B 1 3  ? -15.475 12.248  7.312   1.00 110.42 ? 1405 G   B OP1   1 
ATOM   497 O OP2   . G   B 1 3  ? -14.571 14.019  5.683   1.00 107.39 ? 1405 G   B OP2   1 
ATOM   498 O "O5'" . G   B 1 3  ? -16.200 12.286  4.932   1.00 102.80 ? 1405 G   B "O5'" 1 
ATOM   499 C "C5'" . G   B 1 3  ? -17.420 11.564  5.030   1.00 97.43  ? 1405 G   B "C5'" 1 
ATOM   500 C "C4'" . G   B 1 3  ? -17.833 11.044  3.678   1.00 92.77  ? 1405 G   B "C4'" 1 
ATOM   501 O "O4'" . G   B 1 3  ? -18.115 12.152  2.780   1.00 93.38  ? 1405 G   B "O4'" 1 
ATOM   502 C "C3'" . G   B 1 3  ? -16.784 10.262  2.915   1.00 91.17  ? 1405 G   B "C3'" 1 
ATOM   503 O "O3'" . G   B 1 3  ? -16.654 8.933   3.393   1.00 96.69  ? 1405 G   B "O3'" 1 
ATOM   504 C "C2'" . G   B 1 3  ? -17.345 10.305  1.502   1.00 89.34  ? 1405 G   B "C2'" 1 
ATOM   505 O "O2'" . G   B 1 3  ? -18.398 9.382   1.304   1.00 89.04  ? 1405 G   B "O2'" 1 
ATOM   506 C "C1'" . G   B 1 3  ? -17.877 11.739  1.440   1.00 87.71  ? 1405 G   B "C1'" 1 
ATOM   507 N N9    . G   B 1 3  ? -16.909 12.643  0.825   1.00 83.86  ? 1405 G   B N9    1 
ATOM   508 C C8    . G   B 1 3  ? -16.067 13.532  1.451   1.00 80.79  ? 1405 G   B C8    1 
ATOM   509 N N7    . G   B 1 3  ? -15.285 14.168  0.619   1.00 75.26  ? 1405 G   B N7    1 
ATOM   510 C C5    . G   B 1 3  ? -15.640 13.677  -0.631  1.00 74.80  ? 1405 G   B C5    1 
ATOM   511 C C6    . G   B 1 3  ? -15.131 13.984  -1.924  1.00 73.93  ? 1405 G   B C6    1 
ATOM   512 O O6    . G   B 1 3  ? -14.227 14.773  -2.231  1.00 74.50  ? 1405 G   B O6    1 
ATOM   513 N N1    . G   B 1 3  ? -15.784 13.256  -2.916  1.00 67.55  ? 1405 G   B N1    1 
ATOM   514 C C2    . G   B 1 3  ? -16.788 12.346  -2.695  1.00 68.65  ? 1405 G   B C2    1 
ATOM   515 N N2    . G   B 1 3  ? -17.292 11.742  -3.777  1.00 60.41  ? 1405 G   B N2    1 
ATOM   516 N N3    . G   B 1 3  ? -17.263 12.046  -1.500  1.00 73.90  ? 1405 G   B N3    1 
ATOM   517 C C4    . G   B 1 3  ? -16.648 12.744  -0.522  1.00 77.92  ? 1405 G   B C4    1 
ATOM   518 P P     . U   B 1 4  ? -15.438 8.025   2.868   1.00 97.21  ? 1406 U   B P     1 
ATOM   519 O OP1   . U   B 1 4  ? -15.292 6.873   3.796   1.00 99.40  ? 1406 U   B OP1   1 
ATOM   520 O OP2   . U   B 1 4  ? -14.273 8.912   2.613   1.00 93.42  ? 1406 U   B OP2   1 
ATOM   521 O "O5'" . U   B 1 4  ? -15.963 7.481   1.467   1.00 82.07  ? 1406 U   B "O5'" 1 
ATOM   522 C "C5'" . U   B 1 4  ? -15.060 6.924   0.532   1.00 75.29  ? 1406 U   B "C5'" 1 
ATOM   523 C "C4'" . U   B 1 4  ? -15.540 7.174   -0.873  1.00 72.23  ? 1406 U   B "C4'" 1 
ATOM   524 O "O4'" . U   B 1 4  ? -15.847 8.581   -1.057  1.00 76.99  ? 1406 U   B "O4'" 1 
ATOM   525 C "C3'" . U   B 1 4  ? -14.476 6.882   -1.911  1.00 72.82  ? 1406 U   B "C3'" 1 
ATOM   526 O "O3'" . U   B 1 4  ? -14.471 5.501   -2.210  1.00 73.40  ? 1406 U   B "O3'" 1 
ATOM   527 C "C2'" . U   B 1 4  ? -14.905 7.757   -3.078  1.00 72.56  ? 1406 U   B "C2'" 1 
ATOM   528 O "O2'" . U   B 1 4  ? -15.946 7.187   -3.843  1.00 67.63  ? 1406 U   B "O2'" 1 
ATOM   529 C "C1'" . U   B 1 4  ? -15.409 9.001   -2.341  1.00 74.12  ? 1406 U   B "C1'" 1 
ATOM   530 N N1    . U   B 1 4  ? -14.371 10.025  -2.160  1.00 69.72  ? 1406 U   B N1    1 
ATOM   531 C C2    . U   B 1 4  ? -13.867 10.634  -3.290  1.00 71.25  ? 1406 U   B C2    1 
ATOM   532 O O2    . U   B 1 4  ? -14.247 10.357  -4.414  1.00 80.78  ? 1406 U   B O2    1 
ATOM   533 N N3    . U   B 1 4  ? -12.904 11.582  -3.059  1.00 70.23  ? 1406 U   B N3    1 
ATOM   534 C C4    . U   B 1 4  ? -12.402 11.978  -1.837  1.00 72.51  ? 1406 U   B C4    1 
ATOM   535 O O4    . U   B 1 4  ? -11.536 12.853  -1.793  1.00 75.81  ? 1406 U   B O4    1 
ATOM   536 C C5    . U   B 1 4  ? -12.973 11.301  -0.713  1.00 71.94  ? 1406 U   B C5    1 
ATOM   537 C C6    . U   B 1 4  ? -13.914 10.371  -0.908  1.00 66.93  ? 1406 U   B C6    1 
ATOM   538 P P     . C   B 1 5  ? -13.400 4.549   -1.496  1.00 77.82  ? 1407 C   B P     1 
ATOM   539 O OP1   . C   B 1 5  ? -14.134 3.641   -0.576  1.00 77.73  ? 1407 C   B OP1   1 
ATOM   540 O OP2   . C   B 1 5  ? -12.310 5.404   -0.962  1.00 72.69  ? 1407 C   B OP2   1 
ATOM   541 O "O5'" . C   B 1 5  ? -12.820 3.694   -2.703  1.00 76.68  ? 1407 C   B "O5'" 1 
ATOM   542 C "C5'" . C   B 1 5  ? -11.585 4.044   -3.311  1.00 78.83  ? 1407 C   B "C5'" 1 
ATOM   543 C "C4'" . C   B 1 5  ? -11.819 4.613   -4.688  1.00 75.99  ? 1407 C   B "C4'" 1 
ATOM   544 O "O4'" . C   B 1 5  ? -12.438 5.926   -4.585  1.00 76.67  ? 1407 C   B "O4'" 1 
ATOM   545 C "C3'" . C   B 1 5  ? -10.541 4.872   -5.463  1.00 77.65  ? 1407 C   B "C3'" 1 
ATOM   546 O "O3'" . C   B 1 5  ? -10.117 3.685   -6.109  1.00 74.64  ? 1407 C   B "O3'" 1 
ATOM   547 C "C2'" . C   B 1 5  ? -10.972 5.941   -6.452  1.00 77.78  ? 1407 C   B "C2'" 1 
ATOM   548 O "O2'" . C   B 1 5  ? -11.690 5.412   -7.546  1.00 85.46  ? 1407 C   B "O2'" 1 
ATOM   549 C "C1'" . C   B 1 5  ? -11.902 6.788   -5.582  1.00 75.36  ? 1407 C   B "C1'" 1 
ATOM   550 N N1    . C   B 1 5  ? -11.214 7.905   -4.908  1.00 74.67  ? 1407 C   B N1    1 
ATOM   551 C C2    . C   B 1 5  ? -10.426 8.786   -5.671  1.00 76.56  ? 1407 C   B C2    1 
ATOM   552 O O2    . C   B 1 5  ? -10.328 8.604   -6.897  1.00 79.86  ? 1407 C   B O2    1 
ATOM   553 N N3    . C   B 1 5  ? -9.796  9.812   -5.053  1.00 71.49  ? 1407 C   B N3    1 
ATOM   554 C C4    . C   B 1 5  ? -9.930  9.981   -3.736  1.00 65.38  ? 1407 C   B C4    1 
ATOM   555 N N4    . C   B 1 5  ? -9.297  11.008  -3.172  1.00 59.72  ? 1407 C   B N4    1 
ATOM   556 C C5    . C   B 1 5  ? -10.723 9.104   -2.939  1.00 65.30  ? 1407 C   B C5    1 
ATOM   557 C C6    . C   B 1 5  ? -11.340 8.089   -3.559  1.00 68.59  ? 1407 C   B C6    1 
ATOM   558 P P     . A   B 1 6  ? -8.622  3.158   -5.883  1.00 84.79  ? 1408 A   B P     1 
ATOM   559 O OP1   . A   B 1 6  ? -8.477  1.886   -6.637  1.00 86.25  ? 1408 A   B OP1   1 
ATOM   560 O OP2   . A   B 1 6  ? -8.343  3.185   -4.424  1.00 79.31  ? 1408 A   B OP2   1 
ATOM   561 O "O5'" . A   B 1 6  ? -7.727  4.261   -6.596  1.00 78.42  ? 1408 A   B "O5'" 1 
ATOM   562 C "C5'" . A   B 1 6  ? -7.828  4.469   -7.996  1.00 75.28  ? 1408 A   B "C5'" 1 
ATOM   563 C "C4'" . A   B 1 6  ? -6.939  5.605   -8.417  1.00 72.71  ? 1408 A   B "C4'" 1 
ATOM   564 O "O4'" . A   B 1 6  ? -7.461  6.855   -7.901  1.00 70.63  ? 1408 A   B "O4'" 1 
ATOM   565 C "C3'" . A   B 1 6  ? -5.525  5.550   -7.871  1.00 70.76  ? 1408 A   B "C3'" 1 
ATOM   566 O "O3'" . A   B 1 6  ? -4.721  4.682   -8.657  1.00 72.80  ? 1408 A   B "O3'" 1 
ATOM   567 C "C2'" . A   B 1 6  ? -5.089  7.003   -7.994  1.00 69.36  ? 1408 A   B "C2'" 1 
ATOM   568 O "O2'" . A   B 1 6  ? -4.684  7.327   -9.307  1.00 73.36  ? 1408 A   B "O2'" 1 
ATOM   569 C "C1'" . A   B 1 6  ? -6.386  7.744   -7.655  1.00 66.98  ? 1408 A   B "C1'" 1 
ATOM   570 N N9    . A   B 1 6  ? -6.461  8.184   -6.264  1.00 64.86  ? 1408 A   B N9    1 
ATOM   571 C C8    . A   B 1 6  ? -7.102  7.584   -5.210  1.00 61.07  ? 1408 A   B C8    1 
ATOM   572 N N7    . A   B 1 6  ? -6.984  8.237   -4.078  1.00 58.90  ? 1408 A   B N7    1 
ATOM   573 C C5    . A   B 1 6  ? -6.211  9.341   -4.411  1.00 60.50  ? 1408 A   B C5    1 
ATOM   574 C C6    . A   B 1 6  ? -5.729  10.424  -3.654  1.00 56.91  ? 1408 A   B C6    1 
ATOM   575 N N6    . A   B 1 6  ? -5.954  10.577  -2.347  1.00 62.07  ? 1408 A   B N6    1 
ATOM   576 N N1    . A   B 1 6  ? -4.993  11.359  -4.293  1.00 57.15  ? 1408 A   B N1    1 
ATOM   577 C C2    . A   B 1 6  ? -4.757  11.203  -5.600  1.00 59.91  ? 1408 A   B C2    1 
ATOM   578 N N3    . A   B 1 6  ? -5.148  10.228  -6.417  1.00 64.68  ? 1408 A   B N3    1 
ATOM   579 C C4    . A   B 1 6  ? -5.881  9.319   -5.753  1.00 64.73  ? 1408 A   B C4    1 
ATOM   580 P P     . C   B 1 7  ? -3.515  3.871   -7.971  1.00 78.34  ? 1409 C   B P     1 
ATOM   581 O OP1   . C   B 1 7  ? -3.046  2.872   -8.966  1.00 81.99  ? 1409 C   B OP1   1 
ATOM   582 O OP2   . C   B 1 7  ? -3.939  3.415   -6.621  1.00 74.61  ? 1409 C   B OP2   1 
ATOM   583 O "O5'" . C   B 1 7  ? -2.379  4.971   -7.793  1.00 66.36  ? 1409 C   B "O5'" 1 
ATOM   584 C "C5'" . C   B 1 7  ? -1.944  5.741   -8.903  1.00 63.70  ? 1409 C   B "C5'" 1 
ATOM   585 C "C4'" . C   B 1 7  ? -1.305  7.020   -8.428  1.00 65.77  ? 1409 C   B "C4'" 1 
ATOM   586 O "O4'" . C   B 1 7  ? -2.301  7.860   -7.786  1.00 64.45  ? 1409 C   B "O4'" 1 
ATOM   587 C "C3'" . C   B 1 7  ? -0.256  6.851   -7.349  1.00 70.79  ? 1409 C   B "C3'" 1 
ATOM   588 O "O3'" . C   B 1 7  ? 0.993   6.448   -7.889  1.00 78.17  ? 1409 C   B "O3'" 1 
ATOM   589 C "C2'" . C   B 1 7  ? -0.202  8.247   -6.746  1.00 64.46  ? 1409 C   B "C2'" 1 
ATOM   590 O "O2'" . C   B 1 7  ? 0.543   9.151   -7.530  1.00 62.82  ? 1409 C   B "O2'" 1 
ATOM   591 C "C1'" . C   B 1 7  ? -1.680  8.637   -6.774  1.00 63.03  ? 1409 C   B "C1'" 1 
ATOM   592 N N1    . C   B 1 7  ? -2.336  8.362   -5.490  1.00 56.78  ? 1409 C   B N1    1 
ATOM   593 C C2    . C   B 1 7  ? -2.107  9.241   -4.430  1.00 60.54  ? 1409 C   B C2    1 
ATOM   594 O O2    . C   B 1 7  ? -1.383  10.231  -4.623  1.00 58.48  ? 1409 C   B O2    1 
ATOM   595 N N3    . C   B 1 7  ? -2.675  8.993   -3.228  1.00 58.11  ? 1409 C   B N3    1 
ATOM   596 C C4    . C   B 1 7  ? -3.446  7.917   -3.066  1.00 52.81  ? 1409 C   B C4    1 
ATOM   597 N N4    . C   B 1 7  ? -3.976  7.709   -1.861  1.00 52.07  ? 1409 C   B N4    1 
ATOM   598 C C5    . C   B 1 7  ? -3.707  7.010   -4.134  1.00 48.80  ? 1409 C   B C5    1 
ATOM   599 C C6    . C   B 1 7  ? -3.138  7.270   -5.318  1.00 50.37  ? 1409 C   B C6    1 
ATOM   600 P P     . A   B 1 8  ? 2.008   5.603   -6.977  1.00 80.63  ? 1410 A   B P     1 
ATOM   601 O OP1   . A   B 1 8  ? 3.135   5.177   -7.848  1.00 80.39  ? 1410 A   B OP1   1 
ATOM   602 O OP2   . A   B 1 8  ? 1.223   4.582   -6.240  1.00 80.86  ? 1410 A   B OP2   1 
ATOM   603 O "O5'" . A   B 1 8  ? 2.543   6.675   -5.927  1.00 72.09  ? 1410 A   B "O5'" 1 
ATOM   604 C "C5'" . A   B 1 8  ? 3.227   7.842   -6.372  1.00 68.67  ? 1410 A   B "C5'" 1 
ATOM   605 C "C4'" . A   B 1 8  ? 3.556   8.737   -5.204  1.00 66.35  ? 1410 A   B "C4'" 1 
ATOM   606 O "O4'" . A   B 1 8  ? 2.347   9.335   -4.680  1.00 65.94  ? 1410 A   B "O4'" 1 
ATOM   607 C "C3'" . A   B 1 8  ? 4.175   8.048   -4.002  1.00 65.50  ? 1410 A   B "C3'" 1 
ATOM   608 O "O3'" . A   B 1 8  ? 5.570   7.882   -4.193  1.00 64.95  ? 1410 A   B "O3'" 1 
ATOM   609 C "C2'" . A   B 1 8  ? 3.875   9.034   -2.880  1.00 62.56  ? 1410 A   B "C2'" 1 
ATOM   610 O "O2'" . A   B 1 8  ? 4.787   10.110  -2.843  1.00 62.49  ? 1410 A   B "O2'" 1 
ATOM   611 C "C1'" . A   B 1 8  ? 2.496   9.552   -3.289  1.00 61.01  ? 1410 A   B "C1'" 1 
ATOM   612 N N9    . A   B 1 8  ? 1.390   8.888   -2.608  1.00 60.49  ? 1410 A   B N9    1 
ATOM   613 C C8    . A   B 1 8  ? 0.602   7.869   -3.075  1.00 61.46  ? 1410 A   B C8    1 
ATOM   614 N N7    . A   B 1 8  ? -0.347  7.513   -2.244  1.00 65.33  ? 1410 A   B N7    1 
ATOM   615 C C5    . A   B 1 8  ? -0.163  8.350   -1.153  1.00 59.10  ? 1410 A   B C5    1 
ATOM   616 C C6    . A   B 1 8  ? -0.849  8.480   0.061   1.00 63.41  ? 1410 A   B C6    1 
ATOM   617 N N6    . A   B 1 8  ? -1.911  7.742   0.393   1.00 68.87  ? 1410 A   B N6    1 
ATOM   618 N N1    . A   B 1 8  ? -0.405  9.408   0.936   1.00 68.13  ? 1410 A   B N1    1 
ATOM   619 C C2    . A   B 1 8  ? 0.660   10.150  0.599   1.00 67.80  ? 1410 A   B C2    1 
ATOM   620 N N3    . A   B 1 8  ? 1.385   10.121  -0.514  1.00 63.03  ? 1410 A   B N3    1 
ATOM   621 C C4    . A   B 1 8  ? 0.914   9.190   -1.359  1.00 60.07  ? 1410 A   B C4    1 
ATOM   622 P P     . C   B 1 9  ? 6.304   6.591   -3.587  1.00 71.25  ? 1411 C   B P     1 
ATOM   623 O OP1   . C   B 1 9  ? 7.642   6.528   -4.230  1.00 70.71  ? 1411 C   B OP1   1 
ATOM   624 O OP2   . C   B 1 9  ? 5.375   5.435   -3.701  1.00 73.31  ? 1411 C   B OP2   1 
ATOM   625 O "O5'" . C   B 1 9  ? 6.488   6.947   -2.045  1.00 58.63  ? 1411 C   B "O5'" 1 
ATOM   626 C "C5'" . C   B 1 9  ? 7.261   8.075   -1.661  1.00 58.31  ? 1411 C   B "C5'" 1 
ATOM   627 C "C4'" . C   B 1 9  ? 6.910   8.509   -0.260  1.00 56.09  ? 1411 C   B "C4'" 1 
ATOM   628 O "O4'" . C   B 1 9  ? 5.534   8.963   -0.208  1.00 59.43  ? 1411 C   B "O4'" 1 
ATOM   629 C "C3'" . C   B 1 9  ? 6.979   7.432   0.803   1.00 60.54  ? 1411 C   B "C3'" 1 
ATOM   630 O "O3'" . C   B 1 9  ? 8.317   7.261   1.244   1.00 68.64  ? 1411 C   B "O3'" 1 
ATOM   631 C "C2'" . C   B 1 9  ? 6.098   8.017   1.902   1.00 61.02  ? 1411 C   B "C2'" 1 
ATOM   632 O "O2'" . C   B 1 9  ? 6.766   8.972   2.699   1.00 56.52  ? 1411 C   B "O2'" 1 
ATOM   633 C "C1'" . C   B 1 9  ? 5.002   8.702   1.081   1.00 61.08  ? 1411 C   B "C1'" 1 
ATOM   634 N N1    . C   B 1 9  ? 3.800   7.870   0.931   1.00 63.92  ? 1411 C   B N1    1 
ATOM   635 C C2    . C   B 1 9  ? 2.899   7.797   1.997   1.00 64.60  ? 1411 C   B C2    1 
ATOM   636 O O2    . C   B 1 9  ? 3.144   8.436   3.034   1.00 63.86  ? 1411 C   B O2    1 
ATOM   637 N N3    . C   B 1 9  ? 1.789   7.031   1.871   1.00 62.59  ? 1411 C   B N3    1 
ATOM   638 C C4    . C   B 1 9  ? 1.567   6.361   0.737   1.00 61.24  ? 1411 C   B C4    1 
ATOM   639 N N4    . C   B 1 9  ? 0.458   5.622   0.655   1.00 62.52  ? 1411 C   B N4    1 
ATOM   640 C C5    . C   B 1 9  ? 2.470   6.419   -0.363  1.00 58.93  ? 1411 C   B C5    1 
ATOM   641 C C6    . C   B 1 9  ? 3.563   7.178   -0.224  1.00 60.18  ? 1411 C   B C6    1 
ATOM   642 P P     . C   B 1 10 ? 8.735   5.913   2.005   1.00 74.96  ? 1412 C   B P     1 
ATOM   643 O OP1   . C   B 1 10 ? 10.160  6.058   2.388   1.00 72.15  ? 1412 C   B OP1   1 
ATOM   644 O OP2   . C   B 1 10 ? 8.309   4.750   1.181   1.00 73.39  ? 1412 C   B OP2   1 
ATOM   645 O "O5'" . C   B 1 10 ? 7.863   5.954   3.338   1.00 62.45  ? 1412 C   B "O5'" 1 
ATOM   646 C "C5'" . C   B 1 10 ? 8.215   6.826   4.404   1.00 63.85  ? 1412 C   B "C5'" 1 
ATOM   647 C "C4'" . C   B 1 10 ? 7.402   6.503   5.633   1.00 65.39  ? 1412 C   B "C4'" 1 
ATOM   648 O "O4'" . C   B 1 10 ? 6.022   6.926   5.442   1.00 61.95  ? 1412 C   B "O4'" 1 
ATOM   649 C "C3'" . C   B 1 10 ? 7.274   5.025   5.944   1.00 70.02  ? 1412 C   B "C3'" 1 
ATOM   650 O "O3'" . C   B 1 10 ? 8.412   4.496   6.603   1.00 71.11  ? 1412 C   B "O3'" 1 
ATOM   651 C "C2'" . C   B 1 10 ? 6.037   5.007   6.823   1.00 66.87  ? 1412 C   B "C2'" 1 
ATOM   652 O "O2'" . C   B 1 10 ? 6.306   5.470   8.132   1.00 68.22  ? 1412 C   B "O2'" 1 
ATOM   653 C "C1'" . C   B 1 10 ? 5.150   6.001   6.077   1.00 58.26  ? 1412 C   B "C1'" 1 
ATOM   654 N N1    . C   B 1 10 ? 4.368   5.316   5.039   1.00 49.63  ? 1412 C   B N1    1 
ATOM   655 C C2    . C   B 1 10 ? 3.138   4.761   5.388   1.00 51.09  ? 1412 C   B C2    1 
ATOM   656 O O2    . C   B 1 10 ? 2.741   4.883   6.559   1.00 61.48  ? 1412 C   B O2    1 
ATOM   657 N N3    . C   B 1 10 ? 2.414   4.106   4.450   1.00 42.63  ? 1412 C   B N3    1 
ATOM   658 C C4    . C   B 1 10 ? 2.880   3.999   3.204   1.00 45.31  ? 1412 C   B C4    1 
ATOM   659 N N4    . C   B 1 10 ? 2.138   3.333   2.309   1.00 39.71  ? 1412 C   B N4    1 
ATOM   660 C C5    . C   B 1 10 ? 4.130   4.567   2.818   1.00 43.87  ? 1412 C   B C5    1 
ATOM   661 C C6    . C   B 1 10 ? 4.833   5.210   3.758   1.00 44.14  ? 1412 C   B C6    1 
ATOM   662 P P     . G   B 1 11 ? 8.750   2.936   6.440   1.00 70.25  ? 1488 G   B P     1 
ATOM   663 O OP1   . G   B 1 11 ? 10.080  2.703   7.058   1.00 73.31  ? 1488 G   B OP1   1 
ATOM   664 O OP2   . G   B 1 11 ? 8.519   2.558   5.019   1.00 61.67  ? 1488 G   B OP2   1 
ATOM   665 O "O5'" . G   B 1 11 ? 7.638   2.225   7.331   1.00 66.16  ? 1488 G   B "O5'" 1 
ATOM   666 C "C5'" . G   B 1 11 ? 7.506   2.547   8.709   1.00 62.42  ? 1488 G   B "C5'" 1 
ATOM   667 C "C4'" . G   B 1 11 ? 6.180   2.059   9.249   1.00 62.42  ? 1488 G   B "C4'" 1 
ATOM   668 O "O4'" . G   B 1 11 ? 5.088   2.679   8.509   1.00 56.47  ? 1488 G   B "O4'" 1 
ATOM   669 C "C3'" . G   B 1 11 ? 5.868   0.579   9.111   1.00 59.03  ? 1488 G   B "C3'" 1 
ATOM   670 O "O3'" . G   B 1 11 ? 6.533   -0.225  10.080  1.00 61.77  ? 1488 G   B "O3'" 1 
ATOM   671 C "C2'" . G   B 1 11 ? 4.365   0.582   9.333   1.00 51.95  ? 1488 G   B "C2'" 1 
ATOM   672 O "O2'" . G   B 1 11 ? 4.042   0.772   10.696  1.00 41.27  ? 1488 G   B "O2'" 1 
ATOM   673 C "C1'" . G   B 1 11 ? 3.958   1.820   8.533   1.00 46.84  ? 1488 G   B "C1'" 1 
ATOM   674 N N9    . G   B 1 11 ? 3.605   1.471   7.161   1.00 40.41  ? 1488 G   B N9    1 
ATOM   675 C C8    . G   B 1 11 ? 4.318   1.737   6.017   1.00 45.87  ? 1488 G   B C8    1 
ATOM   676 N N7    . G   B 1 11 ? 3.749   1.266   4.939   1.00 40.04  ? 1488 G   B N7    1 
ATOM   677 C C5    . G   B 1 11 ? 2.591   0.657   5.400   1.00 29.39  ? 1488 G   B C5    1 
ATOM   678 C C6    . G   B 1 11 ? 1.575   -0.043  4.699   1.00 34.06  ? 1488 G   B C6    1 
ATOM   679 O O6    . G   B 1 11 ? 1.500   -0.289  3.490   1.00 36.25  ? 1488 G   B O6    1 
ATOM   680 N N1    . G   B 1 11 ? 0.578   -0.489  5.558   1.00 39.69  ? 1488 G   B N1    1 
ATOM   681 C C2    . G   B 1 11 ? 0.566   -0.300  6.918   1.00 32.12  ? 1488 G   B C2    1 
ATOM   682 N N2    . G   B 1 11 ? -0.482  -0.799  7.575   1.00 30.77  ? 1488 G   B N2    1 
ATOM   683 N N3    . G   B 1 11 ? 1.512   0.333   7.583   1.00 31.05  ? 1488 G   B N3    1 
ATOM   684 C C4    . G   B 1 11 ? 2.485   0.784   6.769   1.00 32.48  ? 1488 G   B C4    1 
ATOM   685 P P     . G   B 1 12 ? 6.889   -1.757  9.723   1.00 62.20  ? 1489 G   B P     1 
ATOM   686 O OP1   . G   B 1 12 ? 7.692   -2.301  10.848  1.00 59.33  ? 1489 G   B OP1   1 
ATOM   687 O OP2   . G   B 1 12 ? 7.442   -1.795  8.348   1.00 60.34  ? 1489 G   B OP2   1 
ATOM   688 O "O5'" . G   B 1 12 ? 5.471   -2.495  9.703   1.00 47.46  ? 1489 G   B "O5'" 1 
ATOM   689 C "C5'" . G   B 1 12 ? 4.704   -2.619  10.898  1.00 43.39  ? 1489 G   B "C5'" 1 
ATOM   690 C "C4'" . G   B 1 12 ? 3.305   -3.116  10.599  1.00 35.92  ? 1489 G   B "C4'" 1 
ATOM   691 O "O4'" . G   B 1 12 ? 2.691   -2.257  9.603   1.00 36.37  ? 1489 G   B "O4'" 1 
ATOM   692 C "C3'" . G   B 1 12 ? 3.158   -4.497  9.985   1.00 33.93  ? 1489 G   B "C3'" 1 
ATOM   693 O "O3'" . G   B 1 12 ? 3.246   -5.526  10.960  1.00 39.68  ? 1489 G   B "O3'" 1 
ATOM   694 C "C2'" . G   B 1 12 ? 1.750   -4.418  9.420   1.00 30.01  ? 1489 G   B "C2'" 1 
ATOM   695 O "O2'" . G   B 1 12 ? 0.770   -4.507  10.428  1.00 34.81  ? 1489 G   B "O2'" 1 
ATOM   696 C "C1'" . G   B 1 12 ? 1.749   -3.002  8.851   1.00 30.00  ? 1489 G   B "C1'" 1 
ATOM   697 N N9    . G   B 1 12 ? 2.162   -2.990  7.453   1.00 34.44  ? 1489 G   B N9    1 
ATOM   698 C C8    . G   B 1 12 ? 3.350   -2.536  6.937   1.00 29.67  ? 1489 G   B C8    1 
ATOM   699 N N7    . G   B 1 12 ? 3.423   -2.660  5.640   1.00 28.16  ? 1489 G   B N7    1 
ATOM   700 C C5    . G   B 1 12 ? 2.211   -3.229  5.280   1.00 24.02  ? 1489 G   B C5    1 
ATOM   701 C C6    . G   B 1 12 ? 1.712   -3.592  4.006   1.00 35.83  ? 1489 G   B C6    1 
ATOM   702 O O6    . G   B 1 12 ? 2.257   -3.481  2.904   1.00 45.94  ? 1489 G   B O6    1 
ATOM   703 N N1    . G   B 1 12 ? 0.434   -4.135  4.094   1.00 46.14  ? 1489 G   B N1    1 
ATOM   704 C C2    . G   B 1 12 ? -0.274  -4.305  5.259   1.00 44.38  ? 1489 G   B C2    1 
ATOM   705 N N2    . G   B 1 12 ? -1.498  -4.839  5.141   1.00 38.31  ? 1489 G   B N2    1 
ATOM   706 N N3    . G   B 1 12 ? 0.183   -3.972  6.453   1.00 38.66  ? 1489 G   B N3    1 
ATOM   707 C C4    . G   B 1 12 ? 1.422   -3.442  6.388   1.00 34.85  ? 1489 G   B C4    1 
ATOM   708 P P     . U   B 1 13 ? 3.556   -7.031  10.490  1.00 39.29  ? 1490 U   B P     1 
ATOM   709 O OP1   . U   B 1 13 ? 3.784   -7.879  11.689  1.00 26.11  ? 1490 U   B OP1   1 
ATOM   710 O OP2   . U   B 1 13 ? 4.590   -6.957  9.428   1.00 25.20  ? 1490 U   B OP2   1 
ATOM   711 O "O5'" . U   B 1 13 ? 2.192   -7.513  9.831   1.00 31.93  ? 1490 U   B "O5'" 1 
ATOM   712 C "C5'" . U   B 1 13 ? 1.024   -7.646  10.617  1.00 24.68  ? 1490 U   B "C5'" 1 
ATOM   713 C "C4'" . U   B 1 13 ? -0.108  -8.147  9.769   1.00 27.56  ? 1490 U   B "C4'" 1 
ATOM   714 O "O4'" . U   B 1 13 ? -0.356  -7.189  8.714   1.00 32.16  ? 1490 U   B "O4'" 1 
ATOM   715 C "C3'" . U   B 1 13 ? 0.163   -9.429  9.005   1.00 25.20  ? 1490 U   B "C3'" 1 
ATOM   716 O "O3'" . U   B 1 13 ? -0.020  -10.562 9.837   1.00 32.86  ? 1490 U   B "O3'" 1 
ATOM   717 C "C2'" . U   B 1 13 ? -0.892  -9.350  7.912   1.00 28.24  ? 1490 U   B "C2'" 1 
ATOM   718 O "O2'" . U   B 1 13 ? -2.201  -9.619  8.377   1.00 25.40  ? 1490 U   B "O2'" 1 
ATOM   719 C "C1'" . U   B 1 13 ? -0.825  -7.870  7.558   1.00 29.22  ? 1490 U   B "C1'" 1 
ATOM   720 N N1    . U   B 1 13 ? 0.083   -7.594  6.437   1.00 23.40  ? 1490 U   B N1    1 
ATOM   721 C C2    . U   B 1 13 ? -0.360  -7.926  5.178   1.00 23.93  ? 1490 U   B C2    1 
ATOM   722 O O2    . U   B 1 13 ? -1.437  -8.456  4.981   1.00 28.63  ? 1490 U   B O2    1 
ATOM   723 N N3    . U   B 1 13 ? 0.505   -7.625  4.157   1.00 34.63  ? 1490 U   B N3    1 
ATOM   724 C C4    . U   B 1 13 ? 1.748   -7.046  4.271   1.00 36.24  ? 1490 U   B C4    1 
ATOM   725 O O4    . U   B 1 13 ? 2.398   -6.803  3.252   1.00 47.99  ? 1490 U   B O4    1 
ATOM   726 C C5    . U   B 1 13 ? 2.143   -6.747  5.611   1.00 32.32  ? 1490 U   B C5    1 
ATOM   727 C C6    . U   B 1 13 ? 1.315   -7.023  6.623   1.00 26.40  ? 1490 U   B C6    1 
ATOM   728 P P     . G   B 1 14 ? 0.766   -11.927 9.514   1.00 44.82  ? 1491 G   B P     1 
ATOM   729 O OP1   . G   B 1 14 ? 0.203   -12.882 10.497  1.00 41.78  ? 1491 G   B OP1   1 
ATOM   730 O OP2   . G   B 1 14 ? 2.238   -11.717 9.450   1.00 26.87  ? 1491 G   B OP2   1 
ATOM   731 O "O5'" . G   B 1 14 ? 0.272   -12.331 8.054   1.00 32.84  ? 1491 G   B "O5'" 1 
ATOM   732 C "C5'" . G   B 1 14 ? -1.039  -12.838 7.860   1.00 27.18  ? 1491 G   B "C5'" 1 
ATOM   733 C "C4'" . G   B 1 14 ? -1.279  -13.150 6.405   1.00 28.23  ? 1491 G   B "C4'" 1 
ATOM   734 O "O4'" . G   B 1 14 ? -1.213  -11.939 5.615   1.00 30.66  ? 1491 G   B "O4'" 1 
ATOM   735 C "C3'" . G   B 1 14 ? -0.280  -14.054 5.713   1.00 26.93  ? 1491 G   B "C3'" 1 
ATOM   736 O "O3'" . G   B 1 14 ? -0.540  -15.411 6.021   1.00 31.47  ? 1491 G   B "O3'" 1 
ATOM   737 C "C2'" . G   B 1 14 ? -0.594  -13.773 4.247   1.00 31.82  ? 1491 G   B "C2'" 1 
ATOM   738 O "O2'" . G   B 1 14 ? -1.745  -14.454 3.792   1.00 36.41  ? 1491 G   B "O2'" 1 
ATOM   739 C "C1'" . G   B 1 14 ? -0.890  -12.274 4.280   1.00 22.74  ? 1491 G   B "C1'" 1 
ATOM   740 N N9    . G   B 1 14 ? 0.250   -11.473 3.859   1.00 22.55  ? 1491 G   B N9    1 
ATOM   741 C C8    . G   B 1 14 ? 1.155   -10.821 4.654   1.00 13.22  ? 1491 G   B C8    1 
ATOM   742 N N7    . G   B 1 14 ? 2.063   -10.175 3.970   1.00 28.04  ? 1491 G   B N7    1 
ATOM   743 C C5    . G   B 1 14 ? 1.736   -10.424 2.645   1.00 30.47  ? 1491 G   B C5    1 
ATOM   744 C C6    . G   B 1 14 ? 2.354   -9.985  1.439   1.00 32.75  ? 1491 G   B C6    1 
ATOM   745 O O6    . G   B 1 14 ? 3.344   -9.253  1.297   1.00 29.25  ? 1491 G   B O6    1 
ATOM   746 N N1    . G   B 1 14 ? 1.694   -10.481 0.319   1.00 27.65  ? 1491 G   B N1    1 
ATOM   747 C C2    . G   B 1 14 ? 0.584   -11.289 0.351   1.00 20.99  ? 1491 G   B C2    1 
ATOM   748 N N2    . G   B 1 14 ? 0.093   -11.669 -0.830  1.00 34.65  ? 1491 G   B N2    1 
ATOM   749 N N3    . G   B 1 14 ? 0.000   -11.696 1.460   1.00 28.21  ? 1491 G   B N3    1 
ATOM   750 C C4    . G   B 1 14 ? 0.623   -11.228 2.562   1.00 29.67  ? 1491 G   B C4    1 
ATOM   751 P P     . A   B 1 15 ? 0.652   -16.353 6.531   1.00 37.50  ? 1492 A   B P     1 
ATOM   752 O OP1   . A   B 1 15 ? 0.505   -16.552 7.996   1.00 43.21  ? 1492 A   B OP1   1 
ATOM   753 O OP2   . A   B 1 15 ? 1.928   -15.840 5.993   1.00 30.38  ? 1492 A   B OP2   1 
ATOM   754 O "O5'" . A   B 1 15 ? 0.344   -17.739 5.821   1.00 36.86  ? 1492 A   B "O5'" 1 
ATOM   755 C "C5'" . A   B 1 15 ? 0.674   -17.935 4.461   1.00 30.56  ? 1492 A   B "C5'" 1 
ATOM   756 C "C4'" . A   B 1 15 ? 1.050   -19.369 4.233   1.00 34.63  ? 1492 A   B "C4'" 1 
ATOM   757 O "O4'" . A   B 1 15 ? -0.107  -20.206 4.462   1.00 31.78  ? 1492 A   B "O4'" 1 
ATOM   758 C "C3'" . A   B 1 15 ? 1.470   -19.701 2.817   1.00 41.00  ? 1492 A   B "C3'" 1 
ATOM   759 O "O3'" . A   B 1 15 ? 2.847   -19.403 2.677   1.00 39.41  ? 1492 A   B "O3'" 1 
ATOM   760 C "C2'" . A   B 1 15 ? 1.210   -21.196 2.758   1.00 39.14  ? 1492 A   B "C2'" 1 
ATOM   761 O "O2'" . A   B 1 15 ? 2.230   -21.919 3.422   1.00 46.61  ? 1492 A   B "O2'" 1 
ATOM   762 C "C1'" . A   B 1 15 ? -0.082  -21.301 3.567   1.00 32.10  ? 1492 A   B "C1'" 1 
ATOM   763 N N9    . A   B 1 15 ? -1.309  -21.263 2.777   1.00 29.07  ? 1492 A   B N9    1 
ATOM   764 C C8    . A   B 1 15 ? -2.061  -20.169 2.415   1.00 27.03  ? 1492 A   B C8    1 
ATOM   765 N N7    . A   B 1 15 ? -3.152  -20.474 1.746   1.00 20.16  ? 1492 A   B N7    1 
ATOM   766 C C5    . A   B 1 15 ? -3.103  -21.860 1.650   1.00 26.21  ? 1492 A   B C5    1 
ATOM   767 C C6    . A   B 1 15 ? -3.968  -22.799 1.060   1.00 28.32  ? 1492 A   B C6    1 
ATOM   768 N N6    . A   B 1 15 ? -5.092  -22.473 0.418   1.00 36.09  ? 1492 A   B N6    1 
ATOM   769 N N1    . A   B 1 15 ? -3.629  -24.106 1.149   1.00 35.91  ? 1492 A   B N1    1 
ATOM   770 C C2    . A   B 1 15 ? -2.492  -24.435 1.781   1.00 32.11  ? 1492 A   B C2    1 
ATOM   771 N N3    . A   B 1 15 ? -1.595  -23.644 2.368   1.00 25.81  ? 1492 A   B N3    1 
ATOM   772 C C4    . A   B 1 15 ? -1.966  -22.355 2.270   1.00 28.86  ? 1492 A   B C4    1 
ATOM   773 P P     . A   B 1 16 ? 3.318   -18.388 1.533   1.00 35.15  ? 1493 A   B P     1 
ATOM   774 O OP1   . A   B 1 16 ? 4.521   -17.686 2.038   1.00 37.09  ? 1493 A   B OP1   1 
ATOM   775 O OP2   . A   B 1 16 ? 2.139   -17.599 1.097   1.00 33.03  ? 1493 A   B OP2   1 
ATOM   776 O "O5'" . A   B 1 16 ? 3.742   -19.358 0.347   1.00 40.54  ? 1493 A   B "O5'" 1 
ATOM   777 C "C5'" . A   B 1 16 ? 4.736   -20.356 0.548   1.00 42.47  ? 1493 A   B "C5'" 1 
ATOM   778 C "C4'" . A   B 1 16 ? 4.471   -21.534 -0.354  1.00 42.51  ? 1493 A   B "C4'" 1 
ATOM   779 O "O4'" . A   B 1 16 ? 3.221   -22.157 0.037   1.00 37.43  ? 1493 A   B "O4'" 1 
ATOM   780 C "C3'" . A   B 1 16 ? 4.275   -21.184 -1.819  1.00 43.84  ? 1493 A   B "C3'" 1 
ATOM   781 O "O3'" . A   B 1 16 ? 5.534   -21.085 -2.483  1.00 46.94  ? 1493 A   B "O3'" 1 
ATOM   782 C "C2'" . A   B 1 16 ? 3.462   -22.378 -2.312  1.00 41.33  ? 1493 A   B "C2'" 1 
ATOM   783 O "O2'" . A   B 1 16 ? 4.257   -23.525 -2.542  1.00 49.11  ? 1493 A   B "O2'" 1 
ATOM   784 C "C1'" . A   B 1 16 ? 2.551   -22.643 -1.112  1.00 34.76  ? 1493 A   B "C1'" 1 
ATOM   785 N N9    . A   B 1 16 ? 1.259   -21.970 -1.204  1.00 32.27  ? 1493 A   B N9    1 
ATOM   786 C C8    . A   B 1 16 ? 1.014   -20.623 -1.146  1.00 34.32  ? 1493 A   B C8    1 
ATOM   787 N N7    . A   B 1 16 ? -0.252  -20.308 -1.279  1.00 36.53  ? 1493 A   B N7    1 
ATOM   788 C C5    . A   B 1 16 ? -0.885  -21.533 -1.430  1.00 27.83  ? 1493 A   B C5    1 
ATOM   789 C C6    . A   B 1 16 ? -2.229  -21.879 -1.606  1.00 25.16  ? 1493 A   B C6    1 
ATOM   790 N N6    . A   B 1 16 ? -3.216  -20.989 -1.680  1.00 41.63  ? 1493 A   B N6    1 
ATOM   791 N N1    . A   B 1 16 ? -2.533  -23.189 -1.703  1.00 28.37  ? 1493 A   B N1    1 
ATOM   792 C C2    . A   B 1 16 ? -1.541  -24.083 -1.630  1.00 33.61  ? 1493 A   B C2    1 
ATOM   793 N N3    . A   B 1 16 ? -0.233  -23.880 -1.473  1.00 35.80  ? 1493 A   B N3    1 
ATOM   794 C C4    . A   B 1 16 ? 0.032   -22.565 -1.379  1.00 33.29  ? 1493 A   B C4    1 
ATOM   795 P P     . G   B 1 17 ? 6.106   -19.642 -2.907  1.00 48.55  ? 1494 G   B P     1 
ATOM   796 O OP1   . G   B 1 17 ? 7.510   -19.842 -3.341  1.00 63.12  ? 1494 G   B OP1   1 
ATOM   797 O OP2   . G   B 1 17 ? 5.798   -18.654 -1.848  1.00 51.54  ? 1494 G   B OP2   1 
ATOM   798 O "O5'" . G   B 1 17 ? 5.274   -19.232 -4.195  1.00 45.24  ? 1494 G   B "O5'" 1 
ATOM   799 C "C5'" . G   B 1 17 ? 5.605   -19.758 -5.473  1.00 32.46  ? 1494 G   B "C5'" 1 
ATOM   800 C "C4'" . G   B 1 17 ? 6.136   -18.662 -6.353  1.00 31.11  ? 1494 G   B "C4'" 1 
ATOM   801 O "O4'" . G   B 1 17 ? 5.503   -17.417 -5.950  1.00 39.81  ? 1494 G   B "O4'" 1 
ATOM   802 C "C3'" . G   B 1 17 ? 7.618   -18.363 -6.213  1.00 34.29  ? 1494 G   B "C3'" 1 
ATOM   803 O "O3'" . G   B 1 17 ? 8.369   -19.242 -7.035  1.00 38.08  ? 1494 G   B "O3'" 1 
ATOM   804 C "C2'" . G   B 1 17 ? 7.692   -16.924 -6.706  1.00 37.35  ? 1494 G   B "C2'" 1 
ATOM   805 O "O2'" . G   B 1 17 ? 7.599   -16.800 -8.111  1.00 33.29  ? 1494 G   B "O2'" 1 
ATOM   806 C "C1'" . G   B 1 17 ? 6.424   -16.346 -6.084  1.00 37.61  ? 1494 G   B "C1'" 1 
ATOM   807 N N9    . G   B 1 17 ? 6.680   -15.783 -4.764  1.00 36.34  ? 1494 G   B N9    1 
ATOM   808 C C8    . G   B 1 17 ? 6.260   -16.263 -3.547  1.00 35.76  ? 1494 G   B C8    1 
ATOM   809 N N7    . G   B 1 17 ? 6.647   -15.522 -2.545  1.00 35.06  ? 1494 G   B N7    1 
ATOM   810 C C5    . G   B 1 17 ? 7.361   -14.491 -3.141  1.00 32.52  ? 1494 G   B C5    1 
ATOM   811 C C6    . G   B 1 17 ? 8.006   -13.371 -2.568  1.00 35.88  ? 1494 G   B C6    1 
ATOM   812 O O6    . G   B 1 17 ? 8.064   -13.041 -1.381  1.00 47.07  ? 1494 G   B O6    1 
ATOM   813 N N1    . G   B 1 17 ? 8.619   -12.586 -3.533  1.00 39.32  ? 1494 G   B N1    1 
ATOM   814 C C2    . G   B 1 17 ? 8.607   -12.837 -4.880  1.00 40.52  ? 1494 G   B C2    1 
ATOM   815 N N2    . G   B 1 17 ? 9.262   -11.958 -5.654  1.00 37.35  ? 1494 G   B N2    1 
ATOM   816 N N3    . G   B 1 17 ? 7.997   -13.871 -5.430  1.00 36.98  ? 1494 G   B N3    1 
ATOM   817 C C4    . G   B 1 17 ? 7.400   -14.649 -4.507  1.00 33.71  ? 1494 G   B C4    1 
ATOM   818 P P     . U   B 1 18 ? 9.944   -19.410 -6.789  1.00 40.14  ? 1495 U   B P     1 
ATOM   819 O OP1   . U   B 1 18 ? 10.398  -20.493 -7.693  1.00 43.14  ? 1495 U   B OP1   1 
ATOM   820 O OP2   . U   B 1 18 ? 10.193  -19.520 -5.330  1.00 34.10  ? 1495 U   B OP2   1 
ATOM   821 O "O5'" . U   B 1 18 ? 10.547  -18.037 -7.319  1.00 29.32  ? 1495 U   B "O5'" 1 
ATOM   822 C "C5'" . U   B 1 18 ? 10.225  -17.571 -8.623  1.00 31.68  ? 1495 U   B "C5'" 1 
ATOM   823 C "C4'" . U   B 1 18 ? 10.961  -16.293 -8.911  1.00 31.65  ? 1495 U   B "C4'" 1 
ATOM   824 O "O4'" . U   B 1 18 ? 10.420  -15.214 -8.114  1.00 29.42  ? 1495 U   B "O4'" 1 
ATOM   825 C "C3'" . U   B 1 18 ? 12.425  -16.342 -8.534  1.00 36.66  ? 1495 U   B "C3'" 1 
ATOM   826 O "O3'" . U   B 1 18 ? 13.158  -16.960 -9.578  1.00 46.33  ? 1495 U   B "O3'" 1 
ATOM   827 C "C2'" . U   B 1 18 ? 12.752  -14.869 -8.346  1.00 25.16  ? 1495 U   B "C2'" 1 
ATOM   828 O "O2'" . U   B 1 18 ? 12.910  -14.199 -9.575  1.00 35.54  ? 1495 U   B "O2'" 1 
ATOM   829 C "C1'" . U   B 1 18 ? 11.470  -14.368 -7.683  1.00 25.26  ? 1495 U   B "C1'" 1 
ATOM   830 N N1    . U   B 1 18 ? 11.515  -14.425 -6.219  1.00 30.36  ? 1495 U   B N1    1 
ATOM   831 C C2    . U   B 1 18 ? 12.157  -13.405 -5.556  1.00 32.15  ? 1495 U   B C2    1 
ATOM   832 O O2    . U   B 1 18 ? 12.686  -12.467 -6.135  1.00 41.49  ? 1495 U   B O2    1 
ATOM   833 N N3    . U   B 1 18 ? 12.157  -13.518 -4.187  1.00 28.13  ? 1495 U   B N3    1 
ATOM   834 C C4    . U   B 1 18 ? 11.588  -14.524 -3.434  1.00 26.84  ? 1495 U   B C4    1 
ATOM   835 O O4    . U   B 1 18 ? 11.640  -14.462 -2.203  1.00 39.07  ? 1495 U   B O4    1 
ATOM   836 C C5    . U   B 1 18 ? 10.944  -15.544 -4.193  1.00 34.36  ? 1495 U   B C5    1 
ATOM   837 C C6    . U   B 1 18 ? 10.929  -15.462 -5.530  1.00 38.61  ? 1495 U   B C6    1 
ATOM   838 P P     . C   B 1 19 ? 14.548  -17.682 -9.250  1.00 46.99  ? 1496 C   B P     1 
ATOM   839 O OP1   . C   B 1 19 ? 14.866  -18.592 -10.380 1.00 46.35  ? 1496 C   B OP1   1 
ATOM   840 O OP2   . C   B 1 19 ? 14.505  -18.219 -7.869  1.00 44.42  ? 1496 C   B OP2   1 
ATOM   841 O "O5'" . C   B 1 19 ? 15.570  -16.468 -9.269  1.00 51.60  ? 1496 C   B "O5'" 1 
ATOM   842 C "C5'" . C   B 1 19 ? 16.676  -16.458 -8.398  1.00 53.45  ? 1496 C   B "C5'" 1 
ATOM   843 C "C4'" . C   B 1 19 ? 17.165  -15.053 -8.186  1.00 54.22  ? 1496 C   B "C4'" 1 
ATOM   844 O "O4'" . C   B 1 19 ? 16.105  -14.220 -7.640  1.00 44.99  ? 1496 C   B "O4'" 1 
ATOM   845 C "C3'" . C   B 1 19 ? 18.264  -15.020 -7.146  1.00 56.95  ? 1496 C   B "C3'" 1 
ATOM   846 O "O3'" . C   B 1 19 ? 19.507  -15.285 -7.760  1.00 47.37  ? 1496 C   B "O3'" 1 
ATOM   847 C "C2'" . C   B 1 19 ? 18.118  -13.638 -6.539  1.00 54.21  ? 1496 C   B "C2'" 1 
ATOM   848 O "O2'" . C   B 1 19 ? 18.707  -12.624 -7.324  1.00 59.60  ? 1496 C   B "O2'" 1 
ATOM   849 C "C1'" . C   B 1 19 ? 16.594  -13.507 -6.514  1.00 47.50  ? 1496 C   B "C1'" 1 
ATOM   850 N N1    . C   B 1 19 ? 16.014  -14.135 -5.319  1.00 39.90  ? 1496 C   B N1    1 
ATOM   851 C C2    . C   B 1 19 ? 16.237  -13.555 -4.072  1.00 40.53  ? 1496 C   B C2    1 
ATOM   852 O O2    . C   B 1 19 ? 16.928  -12.531 -3.999  1.00 48.09  ? 1496 C   B O2    1 
ATOM   853 N N3    . C   B 1 19 ? 15.698  -14.125 -2.974  1.00 45.85  ? 1496 C   B N3    1 
ATOM   854 C C4    . C   B 1 19 ? 14.967  -15.234 -3.089  1.00 48.33  ? 1496 C   B C4    1 
ATOM   855 N N4    . C   B 1 19 ? 14.454  -15.762 -1.975  1.00 55.06  ? 1496 C   B N4    1 
ATOM   856 C C5    . C   B 1 19 ? 14.728  -15.850 -4.350  1.00 40.82  ? 1496 C   B C5    1 
ATOM   857 C C6    . C   B 1 19 ? 15.266  -15.274 -5.427  1.00 36.38  ? 1496 C   B C6    1 
ATOM   858 P P     . G   B 1 20 ? 20.367  -16.524 -7.245  1.00 52.18  ? 1497 G   B P     1 
ATOM   859 O OP1   . G   B 1 20 ? 21.459  -16.760 -8.224  1.00 55.14  ? 1497 G   B OP1   1 
ATOM   860 O OP2   . G   B 1 20 ? 19.422  -17.622 -6.924  1.00 34.48  ? 1497 G   B OP2   1 
ATOM   861 O "O5'" . G   B 1 20 ? 20.981  -15.951 -5.894  1.00 48.45  ? 1497 G   B "O5'" 1 
ATOM   862 C "C5'" . G   B 1 20 ? 21.628  -14.686 -5.900  1.00 51.26  ? 1497 G   B "C5'" 1 
ATOM   863 C "C4'" . G   B 1 20 ? 21.843  -14.189 -4.494  1.00 54.60  ? 1497 G   B "C4'" 1 
ATOM   864 O "O4'" . G   B 1 20 ? 20.588  -13.766 -3.898  1.00 56.04  ? 1497 G   B "O4'" 1 
ATOM   865 C "C3'" . G   B 1 20 ? 22.359  -15.203 -3.497  1.00 54.51  ? 1497 G   B "C3'" 1 
ATOM   866 O "O3'" . G   B 1 20 ? 23.740  -15.467 -3.661  1.00 55.45  ? 1497 G   B "O3'" 1 
ATOM   867 C "C2'" . G   B 1 20 ? 22.045  -14.508 -2.181  1.00 57.95  ? 1497 G   B "C2'" 1 
ATOM   868 O "O2'" . G   B 1 20 ? 22.961  -13.480 -1.870  1.00 61.47  ? 1497 G   B "O2'" 1 
ATOM   869 C "C1'" . G   B 1 20 ? 20.670  -13.913 -2.488  1.00 53.09  ? 1497 G   B "C1'" 1 
ATOM   870 N N9    . G   B 1 20 ? 19.608  -14.810 -2.051  1.00 51.84  ? 1497 G   B N9    1 
ATOM   871 C C8    . G   B 1 20 ? 18.895  -15.699 -2.820  1.00 48.60  ? 1497 G   B C8    1 
ATOM   872 N N7    . G   B 1 20 ? 18.026  -16.388 -2.131  1.00 47.44  ? 1497 G   B N7    1 
ATOM   873 C C5    . G   B 1 20 ? 18.168  -15.920 -0.832  1.00 53.63  ? 1497 G   B C5    1 
ATOM   874 C C6    . G   B 1 20 ? 17.496  -16.294 0.361   1.00 55.63  ? 1497 G   B C6    1 
ATOM   875 O O6    . G   B 1 20 ? 16.609  -17.140 0.515   1.00 66.02  ? 1497 G   B O6    1 
ATOM   876 N N1    . G   B 1 20 ? 17.953  -15.568 1.454   1.00 56.43  ? 1497 G   B N1    1 
ATOM   877 C C2    . G   B 1 20 ? 18.933  -14.609 1.410   1.00 58.55  ? 1497 G   B C2    1 
ATOM   878 N N2    . G   B 1 20 ? 19.238  -14.019 2.581   1.00 59.80  ? 1497 G   B N2    1 
ATOM   879 N N3    . G   B 1 20 ? 19.567  -14.250 0.305   1.00 52.98  ? 1497 G   B N3    1 
ATOM   880 C C4    . G   B 1 20 ? 19.137  -14.942 -0.768  1.00 49.75  ? 1497 G   B C4    1 
ATOM   881 P P     . C   B 1 21 ? 24.328  -16.876 -3.168  1.00 58.67  ? 1498 C   B P     1 
ATOM   882 O OP1   . C   B 1 21 ? 25.745  -16.950 -3.603  1.00 63.67  ? 1498 C   B OP1   1 
ATOM   883 O OP2   . C   B 1 21 ? 23.384  -17.947 -3.577  1.00 60.22  ? 1498 C   B OP2   1 
ATOM   884 O "O5'" . C   B 1 21 ? 24.274  -16.753 -1.581  1.00 53.48  ? 1498 C   B "O5'" 1 
ATOM   885 C "C5'" . C   B 1 21 ? 24.871  -15.642 -0.922  1.00 55.73  ? 1498 C   B "C5'" 1 
ATOM   886 C "C4'" . C   B 1 21 ? 24.564  -15.687 0.554   1.00 65.14  ? 1498 C   B "C4'" 1 
ATOM   887 O "O4'" . C   B 1 21 ? 23.141  -15.509 0.767   1.00 66.78  ? 1498 C   B "O4'" 1 
ATOM   888 C "C3'" . C   B 1 21 ? 24.859  -17.007 1.244   1.00 70.60  ? 1498 C   B "C3'" 1 
ATOM   889 O "O3'" . C   B 1 21 ? 26.257  -17.215 1.480   1.00 78.43  ? 1498 C   B "O3'" 1 
ATOM   890 C "C2'" . C   B 1 21 ? 23.989  -16.918 2.492   1.00 64.98  ? 1498 C   B "C2'" 1 
ATOM   891 O "O2'" . C   B 1 21 ? 24.577  -16.144 3.515   1.00 62.55  ? 1498 C   B "O2'" 1 
ATOM   892 C "C1'" . C   B 1 21 ? 22.753  -16.192 1.950   1.00 64.30  ? 1498 C   B "C1'" 1 
ATOM   893 N N1    . C   B 1 21 ? 21.648  -17.103 1.621   1.00 62.95  ? 1498 C   B N1    1 
ATOM   894 C C2    . C   B 1 21 ? 20.717  -17.417 2.616   1.00 64.80  ? 1498 C   B C2    1 
ATOM   895 O O2    . C   B 1 21 ? 20.853  -16.918 3.745   1.00 67.82  ? 1498 C   B O2    1 
ATOM   896 N N3    . C   B 1 21 ? 19.695  -18.254 2.325   1.00 62.74  ? 1498 C   B N3    1 
ATOM   897 C C4    . C   B 1 21 ? 19.588  -18.773 1.099   1.00 66.42  ? 1498 C   B C4    1 
ATOM   898 N N4    . C   B 1 21 ? 18.565  -19.598 0.856   1.00 66.13  ? 1498 C   B N4    1 
ATOM   899 C C5    . C   B 1 21 ? 20.524  -18.471 0.067   1.00 65.77  ? 1498 C   B C5    1 
ATOM   900 C C6    . C   B 1 21 ? 21.529  -17.639 0.369   1.00 63.98  ? 1498 C   B C6    1 
HETATM 901 O O3A   . XXX C 2 .  ? 8.440   -12.793 1.895   1.00 39.66  ? 501  XXX B O3A   1 
HETATM 902 C C4A   . XXX C 2 .  ? 8.608   -14.234 1.756   1.00 30.12  ? 501  XXX B C4A   1 
HETATM 903 C C5A   . XXX C 2 .  ? 9.828   -14.542 0.844   1.00 32.79  ? 501  XXX B C5A   1 
HETATM 904 O O4A   . XXX C 2 .  ? 11.025  -13.960 1.373   1.00 40.95  ? 501  XXX B O4A   1 
HETATM 905 C C6A   . XXX C 2 .  ? 10.050  -16.043 0.702   1.00 14.11  ? 501  XXX B C6A   1 
HETATM 906 N N1    . XXX C 2 .  ? 11.239  -16.299 -0.199  1.00 28.01  ? 501  XXX B N1    1 
HETATM 907 C C7    . XXX C 2 .  ? 8.763   -16.710 0.109   1.00 30.43  ? 501  XXX B C7    1 
HETATM 908 C C8    . XXX C 2 .  ? 7.553   -16.412 1.075   1.00 38.03  ? 501  XXX B C8    1 
HETATM 909 N N2    . XXX C 2 .  ? 6.333   -17.100 0.480   1.00 42.53  ? 501  XXX B N2    1 
HETATM 910 C C9    . XXX C 2 .  ? 7.306   -14.895 1.155   1.00 30.32  ? 501  XXX B C9    1 
HETATM 911 O O1    . XXX C 2 .  ? 6.212   -14.670 2.031   1.00 30.98  ? 501  XXX B O1    1 
HETATM 912 C C1    . XXX C 2 .  ? 5.610   -13.400 2.207   1.00 34.51  ? 501  XXX B C1    1 
HETATM 913 O O5    . XXX C 2 .  ? 4.820   -13.166 0.961   1.00 33.36  ? 501  XXX B O5    1 
HETATM 914 C C5    . XXX C 2 .  ? 3.730   -14.141 0.673   1.00 33.98  ? 501  XXX B C5    1 
HETATM 915 C C6    . XXX C 2 .  ? 3.066   -13.746 -0.649  1.00 35.37  ? 501  XXX B C6    1 
HETATM 916 N N3    . XXX C 2 .  ? 4.095   -13.876 -1.731  1.00 52.07  ? 501  XXX B N3    1 
HETATM 917 C C4    . XXX C 2 .  ? 2.722   -14.069 1.798   1.00 35.34  ? 501  XXX B C4    1 
HETATM 918 O O4    . XXX C 2 .  ? 1.684   -14.985 1.545   1.00 38.95  ? 501  XXX B O4    1 
HETATM 919 C C3    . XXX C 2 .  ? 3.412   -14.376 3.126   1.00 34.28  ? 501  XXX B C3    1 
HETATM 920 O O3    . XXX C 2 .  ? 2.464   -14.301 4.197   1.00 44.63  ? 501  XXX B O3    1 
HETATM 921 C C2    . XXX C 2 .  ? 4.551   -13.355 3.364   1.00 35.62  ? 501  XXX B C2    1 
HETATM 922 N N4    . XXX C 2 .  ? 5.215   -13.637 4.687   1.00 43.34  ? 501  XXX B N4    1 
HETATM 923 O O     . HOH D 3 .  ? -1.748  1.653   9.808   1.00 45.96  ? 1    HOH A O     1 
HETATM 924 O O     . HOH D 3 .  ? -5.089  -2.465  -3.113  1.00 55.80  ? 7    HOH A O     1 
HETATM 925 O O     . HOH D 3 .  ? 1.976   -12.326 -7.890  0.00 47.93  ? 8    HOH A O     1 
HETATM 926 O O     . HOH D 3 .  ? 2.346   11.637  3.498   1.00 41.43  ? 9    HOH A O     1 
HETATM 927 O O     . HOH D 3 .  ? -4.552  5.187   3.509   1.00 29.82  ? 11   HOH A O     1 
HETATM 928 O O     . HOH D 3 .  ? -6.492  7.706   2.261   1.00 41.70  ? 12   HOH A O     1 
HETATM 929 O O     . HOH D 3 .  ? 11.826  -9.423  -7.377  1.00 33.65  ? 13   HOH A O     1 
HETATM 930 O O     . HOH E 3 .  ? 4.808   -7.240  2.765   1.00 31.24  ? 2    HOH B O     1 
HETATM 931 O O     . HOH E 3 .  ? 8.144   -20.491 -0.880  1.00 34.42  ? 3    HOH B O     1 
HETATM 932 O O     . HOH E 3 .  ? 3.431   -16.719 -1.054  1.00 39.82  ? 4    HOH B O     1 
HETATM 933 O O     . HOH E 3 .  ? 2.247   -0.390  0.865   1.00 24.29  ? 5    HOH B O     1 
HETATM 934 O O     . HOH E 3 .  ? -1.004  -14.245 -0.321  1.00 58.27  ? 6    HOH B O     1 
HETATM 935 O O     . HOH E 3 .  ? -3.977  0.249   -8.926  0.00 51.52  ? 10   HOH B O     1 
# 
